data_5BQZ
#
_entry.id   5BQZ
#
_cell.length_a   69.620
_cell.length_b   138.630
_cell.length_c   199.090
_cell.angle_alpha   90.000
_cell.angle_beta   90.000
_cell.angle_gamma   90.000
#
_symmetry.space_group_name_H-M   'P 21 21 21'
#
loop_
_entity.id
_entity.type
_entity.pdbx_description
1 polymer 'HEMAGGLUTININ HA1 CHAIN'
2 polymer Hemagglutinin
3 branched 'N-acetyl-alpha-neuraminic acid-(2-6)-beta-D-galactopyranose-(1-4)-2-acetamido-2-deoxy-beta-D-glucopyranose-(1-3)-beta-D-galactopyranose'
4 branched 2-acetamido-2-deoxy-beta-D-glucopyranose-(1-4)-2-acetamido-2-deoxy-beta-D-glucopyranose
5 branched 'N-acetyl-alpha-neuraminic acid-(2-6)-beta-D-galactopyranose'
6 non-polymer 2-acetamido-2-deoxy-beta-D-glucopyranose
#
loop_
_entity_poly.entity_id
_entity_poly.type
_entity_poly.pdbx_seq_one_letter_code
_entity_poly.pdbx_strand_id
1 'polypeptide(L)'
;DKICIGYHANNSTTKVDTILEKNVTVTHSVELLENQKEERFCKISNKAPLDLRDCTLEGWILGNPRCGILLADQSWSYIV
ERPNARNGICYPGTLNEAEELKALIGSGERVERFEMFPKSTWTGVNTESGVSSACPLGNGPSFYRNLLWIIKLKSSEYPV
IRGTFNNTGDKSILYFWGVHHPPVTTEQNALYGSGDRYVRMGTESMNFARSPEIAARPAVNGQRGRIDYFWSILKPGETL
NVESNGNLIAPWYAYRFVNKDSKGAIFRSNLPIENCDATCQTTEGVIRTNKTFQNVSPLWIGECPKYVKSKSLRLATGLR
NVP
;
A,C,E
2 'polypeptide(L)'
;GLFGAIAGFIEGGWTGMIDGWYGYHHENSQGSGYAADKESTQKAIDGITNKVNSIIDKMNTQFEAVGHEFSNLERRIDNL
NKRMEDGFLDVWTYNAELLVLLENERTLDLHDANVKNLHEKVRSQLRDNANDLGNGCFEFWHKCNNECMESVKNGTYDYP
KYQKESRLNRQKIESVKLENFDVYQGALVPR
;
B,D,F
#
# COMPACT_ATOMS: atom_id res chain seq x y z
N ASP A 1 -52.04 -28.88 -28.18
CA ASP A 1 -51.08 -29.25 -27.14
C ASP A 1 -49.80 -28.44 -27.24
N LYS A 2 -49.31 -27.97 -26.09
CA LYS A 2 -48.12 -27.14 -26.08
C LYS A 2 -47.25 -27.30 -24.83
N ILE A 3 -45.98 -26.97 -24.99
CA ILE A 3 -45.05 -26.86 -23.88
C ILE A 3 -44.16 -25.63 -24.12
N CYS A 4 -43.92 -24.87 -23.06
CA CYS A 4 -43.09 -23.67 -23.17
C CYS A 4 -41.94 -23.70 -22.20
N ILE A 5 -40.86 -23.01 -22.55
CA ILE A 5 -39.73 -22.87 -21.65
C ILE A 5 -39.66 -21.43 -21.19
N GLY A 6 -39.65 -21.22 -19.88
CA GLY A 6 -39.66 -19.88 -19.34
C GLY A 6 -38.88 -19.74 -18.06
N TYR A 7 -38.80 -18.51 -17.56
CA TYR A 7 -38.00 -18.21 -16.38
C TYR A 7 -38.79 -17.46 -15.33
N HIS A 8 -38.28 -17.48 -14.10
CA HIS A 8 -38.97 -16.91 -12.94
C HIS A 8 -39.11 -15.39 -13.02
N ALA A 9 -40.16 -14.89 -12.39
CA ALA A 9 -40.35 -13.45 -12.20
C ALA A 9 -41.16 -13.25 -10.93
N ASN A 10 -40.96 -12.13 -10.25
CA ASN A 10 -41.70 -11.87 -9.02
C ASN A 10 -41.91 -10.39 -8.72
N ASN A 11 -42.24 -10.11 -7.47
CA ASN A 11 -42.63 -8.77 -7.05
C ASN A 11 -41.45 -7.88 -6.65
N SER A 12 -40.23 -8.40 -6.79
CA SER A 12 -39.04 -7.67 -6.42
C SER A 12 -38.92 -6.33 -7.12
N THR A 13 -38.44 -5.33 -6.38
CA THR A 13 -38.14 -4.02 -6.94
C THR A 13 -36.71 -3.65 -6.59
N THR A 14 -36.02 -4.60 -5.94
CA THR A 14 -34.61 -4.45 -5.61
C THR A 14 -33.78 -4.34 -6.88
N LYS A 15 -32.82 -3.42 -6.89
CA LYS A 15 -32.00 -3.18 -8.07
C LYS A 15 -30.52 -3.40 -7.82
N VAL A 16 -29.78 -3.63 -8.90
CA VAL A 16 -28.33 -3.73 -8.86
C VAL A 16 -27.78 -2.89 -9.99
N ASP A 17 -26.48 -2.65 -10.00
CA ASP A 17 -25.85 -2.00 -11.14
C ASP A 17 -24.93 -2.99 -11.86
N THR A 18 -24.90 -2.91 -13.18
CA THR A 18 -23.97 -3.71 -13.96
C THR A 18 -23.03 -2.80 -14.74
N ILE A 19 -22.08 -3.41 -15.44
CA ILE A 19 -21.11 -2.66 -16.20
C ILE A 19 -21.75 -2.06 -17.46
N LEU A 20 -22.83 -2.69 -17.94
CA LEU A 20 -23.49 -2.23 -19.16
C LEU A 20 -24.77 -1.45 -18.86
N GLU A 21 -25.31 -1.64 -17.66
CA GLU A 21 -26.58 -1.02 -17.30
C GLU A 21 -26.68 -0.78 -15.81
N LYS A 22 -27.22 0.38 -15.43
CA LYS A 22 -27.43 0.70 -14.03
C LYS A 22 -28.91 0.66 -13.70
N ASN A 23 -29.21 0.60 -12.40
CA ASN A 23 -30.58 0.51 -11.92
C ASN A 23 -31.35 -0.59 -12.65
N VAL A 24 -30.86 -1.82 -12.55
CA VAL A 24 -31.49 -2.95 -13.20
C VAL A 24 -32.10 -3.89 -12.16
N THR A 25 -33.42 -4.09 -12.26
CA THR A 25 -34.17 -4.88 -11.31
C THR A 25 -33.93 -6.38 -11.46
N VAL A 26 -33.60 -7.03 -10.36
CA VAL A 26 -33.36 -8.48 -10.36
C VAL A 26 -34.23 -9.19 -9.32
N THR A 27 -34.41 -10.50 -9.51
CA THR A 27 -35.32 -11.26 -8.67
C THR A 27 -34.74 -11.57 -7.30
N HIS A 28 -33.43 -11.74 -7.24
CA HIS A 28 -32.75 -12.09 -6.00
C HIS A 28 -31.39 -11.42 -5.94
N SER A 29 -31.06 -10.88 -4.78
CA SER A 29 -29.78 -10.20 -4.60
C SER A 29 -29.37 -10.22 -3.14
N VAL A 30 -28.15 -9.78 -2.86
CA VAL A 30 -27.65 -9.76 -1.49
C VAL A 30 -26.75 -8.55 -1.25
N GLU A 31 -27.09 -7.76 -0.23
CA GLU A 31 -26.25 -6.64 0.16
C GLU A 31 -25.06 -7.11 0.95
N LEU A 32 -23.87 -6.72 0.52
CA LEU A 32 -22.63 -7.16 1.16
C LEU A 32 -22.08 -6.10 2.11
N LEU A 33 -22.65 -4.90 2.06
CA LEU A 33 -22.15 -3.81 2.86
C LEU A 33 -23.07 -3.44 4.02
N GLU A 34 -22.47 -3.31 5.19
CA GLU A 34 -23.19 -2.88 6.40
C GLU A 34 -22.89 -1.43 6.74
N ASN A 35 -23.92 -0.67 7.08
CA ASN A 35 -23.77 0.73 7.43
C ASN A 35 -24.40 1.08 8.77
N GLN A 36 -24.76 0.07 9.56
CA GLN A 36 -25.43 0.28 10.83
C GLN A 36 -24.51 0.02 12.03
N LYS A 37 -24.72 0.78 13.10
CA LYS A 37 -23.86 0.76 14.27
C LYS A 37 -24.61 1.08 15.56
N GLU A 38 -24.19 0.47 16.67
CA GLU A 38 -24.68 0.87 17.98
C GLU A 38 -23.70 1.89 18.56
N GLU A 39 -24.14 3.13 18.71
CA GLU A 39 -23.21 4.18 19.14
C GLU A 39 -22.88 4.03 20.63
N ARG A 40 -22.07 3.02 20.93
CA ARG A 40 -21.65 2.71 22.29
C ARG A 40 -20.47 1.73 22.26
N PHE A 41 -19.77 1.58 23.38
CA PHE A 41 -18.71 0.59 23.48
C PHE A 41 -19.14 -0.64 24.28
N CYS A 42 -18.72 -1.82 23.83
CA CYS A 42 -19.05 -3.07 24.52
C CYS A 42 -17.81 -3.85 24.90
N LYS A 43 -17.99 -5.09 25.35
CA LYS A 43 -16.87 -5.93 25.74
C LYS A 43 -16.35 -6.76 24.56
N ILE A 44 -15.02 -6.86 24.47
CA ILE A 44 -14.40 -7.70 23.45
C ILE A 44 -13.96 -9.02 24.05
N SER A 45 -14.57 -10.10 23.58
CA SER A 45 -14.33 -11.44 24.10
C SER A 45 -14.52 -11.46 25.62
N ASN A 46 -15.59 -10.82 26.07
CA ASN A 46 -15.97 -10.77 27.48
C ASN A 46 -14.94 -10.11 28.40
N LYS A 47 -14.17 -9.17 27.85
CA LYS A 47 -13.26 -8.37 28.66
C LYS A 47 -13.60 -6.89 28.50
N ALA A 48 -13.86 -6.23 29.63
CA ALA A 48 -14.29 -4.84 29.62
C ALA A 48 -13.19 -3.86 29.20
N PRO A 49 -13.59 -2.71 28.63
CA PRO A 49 -12.70 -1.58 28.32
C PRO A 49 -12.25 -0.79 29.54
N LEU A 50 -11.21 0.02 29.36
CA LEU A 50 -10.76 0.96 30.38
C LEU A 50 -11.27 2.36 30.08
N ASP A 51 -12.14 2.88 30.93
CA ASP A 51 -12.64 4.24 30.76
C ASP A 51 -11.74 5.20 31.53
N LEU A 52 -11.13 6.14 30.81
CA LEU A 52 -10.21 7.08 31.44
C LEU A 52 -10.98 8.29 31.98
N ARG A 53 -12.27 8.35 31.62
CA ARG A 53 -13.19 9.33 32.18
C ARG A 53 -12.71 10.77 31.99
N ASP A 54 -12.56 11.48 33.10
CA ASP A 54 -12.23 12.90 33.03
C ASP A 54 -10.71 13.09 33.12
N CYS A 55 -9.98 12.02 32.80
CA CYS A 55 -8.53 12.06 32.79
C CYS A 55 -7.97 11.77 31.39
N THR A 56 -6.90 12.46 31.02
CA THR A 56 -6.22 12.16 29.77
C THR A 56 -5.40 10.91 29.99
N LEU A 57 -4.80 10.39 28.94
CA LEU A 57 -4.00 9.19 29.07
C LEU A 57 -2.76 9.49 29.90
N GLU A 58 -2.15 10.65 29.65
CA GLU A 58 -1.02 11.10 30.47
C GLU A 58 -1.40 11.20 31.94
N GLY A 59 -2.54 11.85 32.19
CA GLY A 59 -3.01 12.07 33.54
C GLY A 59 -3.18 10.79 34.34
N TRP A 60 -3.61 9.73 33.68
CA TRP A 60 -3.84 8.47 34.36
C TRP A 60 -2.56 7.71 34.75
N ILE A 61 -1.63 7.51 33.80
CA ILE A 61 -0.42 6.77 34.13
C ILE A 61 0.59 7.58 34.93
N LEU A 62 0.51 8.91 34.84
CA LEU A 62 1.36 9.75 35.66
C LEU A 62 0.78 9.86 37.07
N GLY A 63 -0.53 9.68 37.18
CA GLY A 63 -1.18 9.71 38.47
C GLY A 63 -1.60 11.09 38.93
N ASN A 64 -2.22 11.86 38.03
CA ASN A 64 -2.84 13.12 38.40
C ASN A 64 -3.80 12.84 39.55
N PRO A 65 -3.61 13.53 40.69
CA PRO A 65 -4.38 13.31 41.93
C PRO A 65 -5.89 13.25 41.74
N ARG A 66 -6.42 13.87 40.70
CA ARG A 66 -7.84 13.82 40.41
C ARG A 66 -8.25 12.62 39.58
N CYS A 67 -7.35 11.65 39.46
CA CYS A 67 -7.65 10.42 38.73
C CYS A 67 -7.66 9.24 39.71
N GLY A 68 -7.95 9.54 40.97
CA GLY A 68 -7.88 8.56 42.04
C GLY A 68 -8.62 7.25 41.83
N ILE A 69 -9.81 7.33 41.24
CA ILE A 69 -10.59 6.13 40.93
C ILE A 69 -9.79 5.14 40.08
N LEU A 70 -8.96 5.67 39.19
CA LEU A 70 -8.26 4.84 38.22
C LEU A 70 -6.87 4.44 38.71
N LEU A 71 -6.48 4.95 39.87
CA LEU A 71 -5.14 4.67 40.38
C LEU A 71 -5.15 3.34 41.11
N ALA A 72 -5.09 2.26 40.35
CA ALA A 72 -5.17 0.91 40.87
C ALA A 72 -4.80 -0.08 39.76
N ASP A 73 -5.00 -1.37 40.02
CA ASP A 73 -4.83 -2.38 38.98
C ASP A 73 -5.85 -2.19 37.86
N GLN A 74 -5.42 -2.36 36.61
CA GLN A 74 -6.30 -2.25 35.46
C GLN A 74 -6.05 -3.35 34.42
N SER A 75 -7.13 -3.97 33.94
CA SER A 75 -7.04 -4.97 32.89
C SER A 75 -8.08 -4.66 31.82
N TRP A 76 -7.64 -4.42 30.60
CA TRP A 76 -8.55 -3.99 29.55
C TRP A 76 -8.39 -4.73 28.22
N SER A 77 -9.40 -4.57 27.37
CA SER A 77 -9.39 -5.10 26.01
C SER A 77 -9.02 -3.97 25.07
N TYR A 78 -9.45 -2.77 25.46
CA TYR A 78 -9.12 -1.54 24.74
C TYR A 78 -9.30 -0.34 25.67
N ILE A 79 -8.74 0.80 25.26
CA ILE A 79 -8.79 2.01 26.08
C ILE A 79 -9.57 3.09 25.35
N VAL A 80 -10.45 3.79 26.06
CA VAL A 80 -11.15 4.92 25.46
C VAL A 80 -10.91 6.21 26.25
N GLU A 81 -10.41 7.23 25.54
CA GLU A 81 -10.12 8.53 26.13
C GLU A 81 -11.12 9.60 25.68
N ARG A 82 -11.61 10.40 26.62
CA ARG A 82 -12.59 11.43 26.33
C ARG A 82 -11.91 12.70 25.83
N PRO A 83 -12.47 13.30 24.78
CA PRO A 83 -11.92 14.49 24.10
C PRO A 83 -11.64 15.65 25.05
N ASN A 84 -12.52 15.85 26.03
CA ASN A 84 -12.45 17.03 26.89
C ASN A 84 -12.10 16.70 28.33
N ALA A 85 -11.19 15.74 28.52
CA ALA A 85 -10.71 15.43 29.87
C ALA A 85 -9.98 16.62 30.47
N ARG A 86 -10.38 17.00 31.68
CA ARG A 86 -9.73 18.10 32.38
C ARG A 86 -8.39 17.67 32.92
N ASN A 87 -8.34 16.45 33.45
CA ASN A 87 -7.23 16.02 34.26
C ASN A 87 -6.11 15.39 33.44
N GLY A 88 -5.09 16.17 33.13
CA GLY A 88 -3.96 15.67 32.37
C GLY A 88 -2.63 15.95 33.04
N ILE A 89 -1.69 16.50 32.27
CA ILE A 89 -0.42 16.95 32.83
C ILE A 89 -0.65 18.31 33.49
N CYS A 90 -0.92 18.29 34.80
CA CYS A 90 -1.31 19.49 35.51
C CYS A 90 -0.17 20.48 35.69
N TYR A 91 1.03 19.99 35.98
CA TYR A 91 2.17 20.90 36.17
C TYR A 91 2.92 21.02 34.85
N PRO A 92 3.04 22.25 34.32
CA PRO A 92 3.52 22.52 32.97
C PRO A 92 4.88 21.88 32.64
N GLY A 93 5.05 21.53 31.37
CA GLY A 93 6.22 20.81 30.92
C GLY A 93 5.80 19.77 29.90
N THR A 94 6.77 19.21 29.19
CA THR A 94 6.45 18.26 28.13
C THR A 94 6.89 16.84 28.49
N LEU A 95 6.04 15.87 28.16
CA LEU A 95 6.38 14.47 28.33
C LEU A 95 7.14 14.00 27.09
N ASN A 96 8.40 13.67 27.27
CA ASN A 96 9.27 13.27 26.17
C ASN A 96 8.82 11.95 25.56
N GLU A 97 8.82 11.87 24.24
CA GLU A 97 8.37 10.69 23.50
C GLU A 97 6.96 10.29 23.94
N ALA A 98 6.07 11.29 23.99
CA ALA A 98 4.71 11.09 24.48
C ALA A 98 3.96 10.07 23.63
N GLU A 99 4.10 10.18 22.32
CA GLU A 99 3.32 9.39 21.39
C GLU A 99 3.77 7.93 21.40
N GLU A 100 5.06 7.71 21.55
CA GLU A 100 5.60 6.37 21.69
C GLU A 100 5.06 5.67 22.94
N LEU A 101 4.79 6.46 23.97
CA LEU A 101 4.21 5.94 25.21
C LEU A 101 2.76 5.50 25.03
N LYS A 102 1.98 6.28 24.28
CA LYS A 102 0.60 5.93 24.01
C LYS A 102 0.48 4.62 23.25
N ALA A 103 1.38 4.40 22.30
CA ALA A 103 1.35 3.21 21.47
C ALA A 103 1.72 1.97 22.27
N LEU A 104 2.65 2.14 23.21
CA LEU A 104 3.06 1.05 24.10
C LEU A 104 1.90 0.61 24.98
N ILE A 105 1.30 1.57 25.66
CA ILE A 105 0.19 1.31 26.56
C ILE A 105 -0.98 0.74 25.75
N GLY A 106 -1.14 1.24 24.53
CA GLY A 106 -2.15 0.74 23.62
C GLY A 106 -1.93 -0.74 23.34
N SER A 107 -0.67 -1.14 23.31
CA SER A 107 -0.32 -2.54 23.08
C SER A 107 -0.30 -3.31 24.39
N GLY A 108 -0.90 -2.73 25.42
CA GLY A 108 -0.93 -3.35 26.73
C GLY A 108 -2.27 -3.98 27.04
N GLU A 109 -2.26 -4.96 27.94
CA GLU A 109 -3.46 -5.69 28.31
C GLU A 109 -3.81 -5.51 29.77
N ARG A 110 -2.77 -5.45 30.61
CA ARG A 110 -2.93 -5.44 32.05
C ARG A 110 -1.75 -4.76 32.70
N VAL A 111 -2.03 -3.94 33.72
CA VAL A 111 -0.95 -3.32 34.49
C VAL A 111 -1.17 -3.53 35.99
N GLU A 112 -0.07 -3.62 36.72
CA GLU A 112 -0.14 -3.76 38.18
C GLU A 112 0.67 -2.67 38.84
N ARG A 113 -0.01 -1.90 39.69
CA ARG A 113 0.59 -0.78 40.37
C ARG A 113 1.23 -1.19 41.70
N PHE A 114 2.44 -0.68 41.93
CA PHE A 114 3.24 -0.96 43.11
C PHE A 114 4.13 0.23 43.47
N GLU A 115 4.75 0.15 44.64
CA GLU A 115 5.67 1.18 45.09
C GLU A 115 7.10 0.80 44.74
N MET A 116 7.67 1.52 43.78
CA MET A 116 9.04 1.28 43.36
C MET A 116 10.03 1.88 44.35
N PHE A 117 9.85 3.13 44.71
CA PHE A 117 10.74 3.80 45.65
C PHE A 117 10.00 4.50 46.80
N PRO A 118 10.05 3.91 48.01
CA PRO A 118 9.43 4.54 49.18
C PRO A 118 10.09 5.87 49.48
N LYS A 119 9.38 6.75 50.18
CA LYS A 119 9.87 8.09 50.44
C LYS A 119 11.10 8.07 51.34
N SER A 120 11.25 6.95 52.06
CA SER A 120 12.40 6.73 52.94
C SER A 120 13.68 6.41 52.16
N THR A 121 13.54 6.14 50.87
CA THR A 121 14.69 5.82 50.02
C THR A 121 15.67 6.99 49.96
N TRP A 122 15.14 8.20 50.01
CA TRP A 122 15.91 9.40 49.71
C TRP A 122 16.38 10.07 51.01
N THR A 123 17.51 9.61 51.52
CA THR A 123 18.03 10.09 52.78
C THR A 123 18.73 11.45 52.63
N GLY A 124 18.39 12.37 53.52
CA GLY A 124 19.04 13.67 53.57
C GLY A 124 18.24 14.78 52.92
N VAL A 125 16.99 14.50 52.57
CA VAL A 125 16.16 15.46 51.85
C VAL A 125 14.73 15.49 52.35
N ASN A 126 14.00 16.54 51.95
CA ASN A 126 12.58 16.67 52.25
C ASN A 126 11.69 15.98 51.23
N THR A 127 11.13 14.83 51.62
CA THR A 127 10.29 14.05 50.71
C THR A 127 8.81 14.40 50.82
N GLU A 128 8.44 15.17 51.83
CA GLU A 128 7.09 15.70 51.92
C GLU A 128 7.06 17.13 51.38
N SER A 129 5.89 17.76 51.40
CA SER A 129 5.71 19.15 50.99
C SER A 129 6.15 19.44 49.54
N GLY A 130 6.25 18.39 48.73
CA GLY A 130 6.54 18.55 47.32
C GLY A 130 5.28 18.58 46.47
N VAL A 131 4.57 19.70 46.52
CA VAL A 131 3.23 19.81 45.95
C VAL A 131 3.07 21.16 45.25
N SER A 132 2.03 21.28 44.41
CA SER A 132 1.81 22.51 43.67
C SER A 132 0.33 22.84 43.50
N SER A 133 0.03 24.13 43.47
CA SER A 133 -1.34 24.61 43.29
C SER A 133 -1.85 24.31 41.89
N ALA A 134 -0.92 23.98 40.99
CA ALA A 134 -1.25 23.65 39.61
C ALA A 134 -1.75 22.21 39.53
N CYS A 135 -1.52 21.43 40.58
CA CYS A 135 -2.00 20.06 40.65
C CYS A 135 -2.85 19.82 41.89
N PRO A 136 -4.02 20.49 41.98
CA PRO A 136 -4.80 20.41 43.21
C PRO A 136 -5.58 19.11 43.39
N LEU A 137 -5.68 18.66 44.64
CA LEU A 137 -6.62 17.61 45.02
C LEU A 137 -7.58 18.22 46.03
N GLY A 138 -8.82 18.45 45.61
CA GLY A 138 -9.78 19.16 46.42
C GLY A 138 -9.39 20.61 46.62
N ASN A 139 -9.16 20.99 47.88
CA ASN A 139 -8.83 22.39 48.19
C ASN A 139 -7.35 22.72 47.99
N GLY A 140 -6.50 22.07 48.76
CA GLY A 140 -5.09 22.42 48.81
C GLY A 140 -4.28 21.93 47.63
N PRO A 141 -2.99 22.33 47.58
CA PRO A 141 -2.07 21.88 46.54
C PRO A 141 -1.72 20.40 46.68
N SER A 142 -1.39 19.76 45.57
CA SER A 142 -0.98 18.36 45.57
C SER A 142 0.01 18.13 44.44
N PHE A 143 0.22 16.86 44.08
CA PHE A 143 1.18 16.50 43.06
C PHE A 143 0.86 15.11 42.54
N TYR A 144 1.51 14.72 41.45
CA TYR A 144 1.27 13.43 40.82
C TYR A 144 1.45 12.31 41.84
N ARG A 145 0.62 11.27 41.73
CA ARG A 145 0.61 10.19 42.71
C ARG A 145 1.52 9.03 42.33
N ASN A 146 2.23 9.17 41.21
CA ASN A 146 3.23 8.18 40.82
C ASN A 146 4.63 8.78 40.86
N LEU A 147 4.70 10.08 41.10
CA LEU A 147 5.98 10.80 41.11
C LEU A 147 6.21 11.51 42.44
N LEU A 148 7.47 11.66 42.81
CA LEU A 148 7.80 12.31 44.07
C LEU A 148 8.63 13.57 43.85
N TRP A 149 8.08 14.71 44.24
CA TRP A 149 8.79 15.98 44.18
C TRP A 149 9.71 16.07 45.39
N ILE A 150 11.01 16.15 45.14
CA ILE A 150 11.98 16.24 46.22
C ILE A 150 12.64 17.61 46.29
N ILE A 151 12.54 18.27 47.43
CA ILE A 151 13.24 19.52 47.64
C ILE A 151 14.21 19.37 48.80
N LYS A 152 15.17 20.27 48.89
CA LYS A 152 16.21 20.21 49.91
C LYS A 152 15.66 20.41 51.31
N LEU A 153 16.43 19.96 52.29
CA LEU A 153 16.07 20.11 53.68
C LEU A 153 16.34 21.55 54.09
N LYS A 154 15.45 22.12 54.88
CA LYS A 154 15.58 23.51 55.27
C LYS A 154 16.88 23.79 56.01
N SER A 155 17.18 22.91 56.96
CA SER A 155 18.33 23.01 57.86
C SER A 155 19.72 22.79 57.27
N SER A 156 19.85 21.83 56.37
CA SER A 156 21.18 21.47 55.92
C SER A 156 21.41 21.81 54.45
N GLU A 157 21.83 20.81 53.71
CA GLU A 157 22.10 20.94 52.30
C GLU A 157 21.44 19.73 51.65
N TYR A 158 21.42 19.73 50.32
CA TYR A 158 20.83 18.66 49.56
C TYR A 158 22.00 17.79 49.15
N PRO A 159 22.04 16.54 49.64
CA PRO A 159 23.23 15.74 49.29
C PRO A 159 22.94 14.86 48.09
N VAL A 160 23.95 14.17 47.57
CA VAL A 160 23.69 13.24 46.49
C VAL A 160 22.75 12.20 47.08
N ILE A 161 21.65 11.92 46.39
CA ILE A 161 20.74 10.88 46.86
C ILE A 161 20.74 9.76 45.85
N ARG A 162 20.53 8.54 46.32
CA ARG A 162 20.60 7.37 45.45
C ARG A 162 19.50 6.38 45.76
N GLY A 163 19.03 5.69 44.74
CA GLY A 163 18.06 4.63 44.91
C GLY A 163 18.34 3.50 43.95
N THR A 164 17.91 2.29 44.32
CA THR A 164 18.14 1.13 43.49
C THR A 164 16.94 0.19 43.53
N PHE A 165 16.52 -0.27 42.35
CA PHE A 165 15.44 -1.25 42.25
C PHE A 165 15.87 -2.41 41.37
N ASN A 166 15.94 -3.58 41.98
CA ASN A 166 16.31 -4.80 41.30
C ASN A 166 15.03 -5.46 40.80
N ASN A 167 14.85 -5.54 39.49
CA ASN A 167 13.62 -6.13 38.96
C ASN A 167 13.77 -7.64 38.85
N THR A 168 13.65 -8.30 39.99
CA THR A 168 13.70 -9.75 40.07
C THR A 168 12.35 -10.31 39.65
N GLY A 169 11.40 -9.41 39.41
CA GLY A 169 10.03 -9.81 39.17
C GLY A 169 9.77 -10.50 37.85
N ASP A 170 8.57 -11.06 37.75
CA ASP A 170 8.08 -11.74 36.56
C ASP A 170 8.06 -10.86 35.31
N LYS A 171 7.53 -9.65 35.45
CA LYS A 171 7.09 -8.85 34.30
C LYS A 171 7.91 -7.57 34.13
N SER A 172 7.70 -6.89 33.02
CA SER A 172 8.37 -5.61 32.76
C SER A 172 7.83 -4.51 33.65
N ILE A 173 8.64 -3.49 33.90
CA ILE A 173 8.22 -2.39 34.77
C ILE A 173 8.16 -1.10 33.98
N LEU A 174 7.07 -0.36 34.17
CA LEU A 174 6.91 0.92 33.52
C LEU A 174 6.98 2.03 34.57
N TYR A 175 7.98 2.90 34.44
CA TYR A 175 8.23 3.94 35.44
C TYR A 175 8.46 5.30 34.82
N PHE A 176 8.44 6.34 35.66
CA PHE A 176 8.39 7.71 35.21
C PHE A 176 9.26 8.56 36.13
N TRP A 177 9.94 9.54 35.56
CA TRP A 177 10.69 10.49 36.37
C TRP A 177 10.71 11.82 35.66
N GLY A 178 11.30 12.83 36.29
CA GLY A 178 11.36 14.13 35.68
C GLY A 178 12.49 14.98 36.21
N VAL A 179 12.74 16.08 35.51
CA VAL A 179 13.68 17.09 35.96
C VAL A 179 12.96 18.42 36.04
N HIS A 180 13.03 19.07 37.20
CA HIS A 180 12.34 20.34 37.38
C HIS A 180 13.24 21.51 36.98
N HIS A 181 12.69 22.43 36.20
CA HIS A 181 13.43 23.60 35.73
C HIS A 181 12.87 24.91 36.23
N PRO A 182 13.43 25.44 37.33
CA PRO A 182 13.08 26.76 37.84
C PRO A 182 13.34 27.87 36.81
N PRO A 183 12.58 28.96 36.88
CA PRO A 183 12.72 30.10 35.95
C PRO A 183 13.90 31.02 36.28
N VAL A 184 14.29 31.09 37.55
CA VAL A 184 15.38 31.97 37.94
C VAL A 184 16.30 31.26 38.93
N THR A 185 17.56 31.68 38.99
CA THR A 185 18.56 31.03 39.83
C THR A 185 18.19 31.08 41.31
N THR A 186 17.46 32.12 41.70
CA THR A 186 17.02 32.29 43.07
C THR A 186 16.24 31.06 43.53
N GLU A 187 15.31 30.62 42.70
CA GLU A 187 14.49 29.46 42.99
C GLU A 187 15.29 28.16 42.94
N GLN A 188 16.27 28.12 42.04
CA GLN A 188 17.17 26.98 41.96
C GLN A 188 17.92 26.80 43.27
N ASN A 189 18.45 27.90 43.80
CA ASN A 189 19.18 27.86 45.05
C ASN A 189 18.27 27.46 46.21
N ALA A 190 17.08 28.04 46.22
CA ALA A 190 16.14 27.84 47.33
C ALA A 190 15.64 26.40 47.42
N LEU A 191 15.28 25.81 46.29
CA LEU A 191 14.68 24.48 46.30
C LEU A 191 15.70 23.35 46.30
N TYR A 192 16.87 23.60 45.72
CA TYR A 192 17.80 22.51 45.45
C TYR A 192 19.23 22.86 45.86
N GLY A 193 19.76 23.94 45.31
CA GLY A 193 21.11 24.37 45.63
C GLY A 193 21.86 24.92 44.43
N SER A 194 22.89 25.70 44.70
CA SER A 194 23.65 26.36 43.64
C SER A 194 24.68 25.38 43.08
N GLY A 195 25.61 25.90 42.29
CA GLY A 195 26.62 25.06 41.68
C GLY A 195 26.05 24.16 40.59
N ASP A 196 26.80 23.14 40.20
CA ASP A 196 26.33 22.19 39.20
C ASP A 196 25.44 21.10 39.77
N ARG A 197 24.24 20.98 39.19
CA ARG A 197 23.26 20.01 39.64
C ARG A 197 22.96 19.02 38.53
N TYR A 198 22.65 17.78 38.89
CA TYR A 198 22.43 16.74 37.90
C TYR A 198 21.35 15.73 38.31
N VAL A 199 20.67 15.19 37.31
CA VAL A 199 19.77 14.06 37.50
C VAL A 199 20.24 12.91 36.63
N ARG A 200 20.61 11.80 37.24
CA ARG A 200 21.20 10.69 36.50
C ARG A 200 20.43 9.38 36.71
N MET A 201 20.02 8.78 35.61
CA MET A 201 19.27 7.54 35.62
C MET A 201 20.07 6.48 34.86
N GLY A 202 20.05 5.24 35.33
CA GLY A 202 20.82 4.21 34.68
C GLY A 202 20.36 2.78 34.88
N THR A 203 20.28 2.03 33.80
CA THR A 203 20.06 0.59 33.87
C THR A 203 21.13 -0.09 33.03
N GLU A 204 21.06 -1.41 32.95
CA GLU A 204 21.99 -2.17 32.13
C GLU A 204 21.90 -1.81 30.65
N SER A 205 20.76 -1.26 30.24
CA SER A 205 20.53 -0.94 28.84
C SER A 205 20.22 0.54 28.61
N MET A 206 20.19 1.34 29.67
CA MET A 206 19.85 2.75 29.53
C MET A 206 20.92 3.64 30.15
N ASN A 207 21.11 4.81 29.54
CA ASN A 207 21.98 5.82 30.11
C ASN A 207 21.34 7.21 30.01
N PHE A 208 20.99 7.80 31.15
CA PHE A 208 20.30 9.08 31.20
C PHE A 208 20.98 10.03 32.18
N ALA A 209 21.25 11.24 31.74
CA ALA A 209 21.76 12.29 32.63
C ALA A 209 21.32 13.65 32.11
N ARG A 210 20.92 14.53 33.02
CA ARG A 210 20.42 15.83 32.63
C ARG A 210 20.83 16.90 33.65
N SER A 211 20.77 18.16 33.23
CA SER A 211 21.03 19.27 34.14
C SER A 211 19.92 20.32 34.07
N PRO A 212 19.84 21.18 35.09
CA PRO A 212 18.80 22.21 35.08
C PRO A 212 19.04 23.24 33.99
N GLU A 213 17.98 23.61 33.28
CA GLU A 213 18.05 24.67 32.31
C GLU A 213 17.26 25.87 32.81
N ILE A 214 17.89 26.67 33.67
CA ILE A 214 17.22 27.77 34.32
C ILE A 214 16.99 28.93 33.34
N ALA A 215 15.73 29.27 33.11
CA ALA A 215 15.40 30.34 32.17
C ALA A 215 14.03 30.94 32.48
N ALA A 216 13.88 32.23 32.23
CA ALA A 216 12.59 32.88 32.44
C ALA A 216 11.64 32.58 31.29
N ARG A 217 10.54 31.91 31.61
CA ARG A 217 9.55 31.50 30.62
C ARG A 217 8.14 31.91 31.07
N PRO A 218 7.19 32.03 30.14
CA PRO A 218 5.83 32.45 30.48
C PRO A 218 5.11 31.52 31.46
N ALA A 219 4.16 32.10 32.19
CA ALA A 219 3.38 31.37 33.19
C ALA A 219 2.33 30.47 32.55
N VAL A 220 2.27 29.23 33.01
CA VAL A 220 1.25 28.27 32.59
C VAL A 220 0.63 27.61 33.80
N ASN A 221 -0.69 27.76 33.96
CA ASN A 221 -1.39 27.32 35.16
C ASN A 221 -0.77 27.95 36.40
N GLY A 222 -0.42 29.23 36.27
CA GLY A 222 0.20 29.98 37.35
C GLY A 222 1.61 29.53 37.67
N GLN A 223 2.24 28.83 36.74
CA GLN A 223 3.58 28.29 36.95
C GLN A 223 4.55 28.67 35.83
N ARG A 224 5.61 29.39 36.19
CA ARG A 224 6.66 29.73 35.25
C ARG A 224 7.75 28.68 35.27
N GLY A 225 7.60 27.69 36.15
CA GLY A 225 8.50 26.56 36.17
C GLY A 225 8.03 25.48 35.22
N ARG A 226 8.91 24.51 34.94
CA ARG A 226 8.57 23.40 34.07
C ARG A 226 9.14 22.10 34.60
N ILE A 227 8.53 20.98 34.21
CA ILE A 227 9.13 19.69 34.44
C ILE A 227 9.18 18.91 33.14
N ASP A 228 10.38 18.43 32.81
CA ASP A 228 10.53 17.55 31.66
C ASP A 228 10.25 16.14 32.13
N TYR A 229 9.16 15.57 31.63
CA TYR A 229 8.74 14.25 32.08
C TYR A 229 9.37 13.19 31.20
N PHE A 230 9.80 12.09 31.82
CA PHE A 230 10.44 11.01 31.09
C PHE A 230 9.86 9.68 31.52
N TRP A 231 9.83 8.72 30.59
CA TRP A 231 9.35 7.39 30.89
C TRP A 231 10.30 6.37 30.28
N SER A 232 10.32 5.17 30.85
CA SER A 232 11.10 4.08 30.31
C SER A 232 10.62 2.74 30.85
N ILE A 233 11.15 1.66 30.29
CA ILE A 233 10.82 0.31 30.73
C ILE A 233 11.98 -0.36 31.42
N LEU A 234 11.76 -0.82 32.65
CA LEU A 234 12.78 -1.60 33.35
C LEU A 234 12.56 -3.06 33.02
N LYS A 235 13.43 -3.60 32.18
CA LYS A 235 13.30 -4.96 31.69
C LYS A 235 13.42 -5.96 32.83
N PRO A 236 12.78 -7.13 32.69
CA PRO A 236 12.88 -8.15 33.74
C PRO A 236 14.30 -8.65 33.92
N GLY A 237 14.82 -8.55 35.14
CA GLY A 237 16.20 -8.89 35.41
C GLY A 237 17.05 -7.66 35.59
N GLU A 238 16.71 -6.59 34.88
CA GLU A 238 17.49 -5.35 34.96
C GLU A 238 17.35 -4.62 36.28
N THR A 239 18.16 -3.57 36.42
CA THR A 239 18.27 -2.84 37.68
C THR A 239 18.41 -1.35 37.42
N LEU A 240 17.64 -0.55 38.15
CA LEU A 240 17.71 0.90 38.00
C LEU A 240 18.53 1.56 39.09
N ASN A 241 19.55 2.33 38.69
CA ASN A 241 20.26 3.19 39.61
C ASN A 241 19.91 4.66 39.38
N VAL A 242 19.36 5.29 40.41
CA VAL A 242 19.04 6.71 40.35
C VAL A 242 20.09 7.48 41.12
N GLU A 243 20.64 8.52 40.52
CA GLU A 243 21.64 9.34 41.20
C GLU A 243 21.43 10.82 40.90
N SER A 244 21.30 11.62 41.95
CA SER A 244 21.07 13.05 41.77
C SER A 244 21.49 13.87 42.99
N ASN A 245 21.87 15.12 42.73
CA ASN A 245 22.19 16.09 43.76
C ASN A 245 21.29 17.31 43.69
N GLY A 246 20.27 17.24 42.83
CA GLY A 246 19.35 18.35 42.68
C GLY A 246 18.32 18.15 41.57
N ASN A 247 17.18 18.83 41.71
CA ASN A 247 16.24 18.98 40.60
C ASN A 247 15.54 17.70 40.15
N LEU A 248 15.54 16.68 40.99
CA LEU A 248 14.93 15.40 40.65
C LEU A 248 13.46 15.28 41.03
N ILE A 249 12.63 14.94 40.04
CA ILE A 249 11.28 14.45 40.32
C ILE A 249 11.35 12.93 40.27
N ALA A 250 11.39 12.31 41.44
CA ALA A 250 11.71 10.90 41.53
C ALA A 250 10.52 10.00 41.20
N PRO A 251 10.80 8.81 40.67
CA PRO A 251 9.79 7.75 40.57
C PRO A 251 9.33 7.36 41.96
N TRP A 252 8.07 6.99 42.12
CA TRP A 252 7.58 6.61 43.43
C TRP A 252 6.76 5.32 43.32
N TYR A 253 5.63 5.42 42.64
CA TYR A 253 4.92 4.23 42.21
C TYR A 253 5.08 3.99 40.71
N ALA A 254 5.12 2.72 40.33
CA ALA A 254 5.28 2.34 38.92
C ALA A 254 4.35 1.19 38.59
N TYR A 255 4.52 0.59 37.43
CA TYR A 255 3.60 -0.45 36.96
C TYR A 255 4.32 -1.68 36.43
N ARG A 256 3.97 -2.87 36.95
CA ARG A 256 4.33 -4.10 36.26
C ARG A 256 3.42 -4.20 35.05
N PHE A 257 3.98 -4.58 33.92
CA PHE A 257 3.30 -4.40 32.64
C PHE A 257 3.10 -5.71 31.88
N VAL A 258 1.93 -5.87 31.25
CA VAL A 258 1.63 -7.08 30.48
C VAL A 258 1.31 -6.78 29.01
N ASN A 259 2.06 -7.41 28.11
CA ASN A 259 1.87 -7.25 26.67
C ASN A 259 0.65 -8.02 26.13
N LYS A 260 -0.08 -7.39 25.21
CA LYS A 260 -1.28 -7.98 24.59
C LYS A 260 -0.94 -8.91 23.42
N ASP A 261 -1.60 -10.06 23.34
CA ASP A 261 -1.28 -11.06 22.30
C ASP A 261 -1.58 -10.62 20.87
N SER A 262 -2.72 -9.97 20.66
CA SER A 262 -3.00 -9.41 19.35
C SER A 262 -2.86 -7.90 19.51
N LYS A 263 -3.27 -7.13 18.50
CA LYS A 263 -3.15 -5.69 18.61
C LYS A 263 -4.31 -5.09 19.40
N GLY A 264 -3.99 -4.12 20.26
CA GLY A 264 -5.00 -3.41 21.02
C GLY A 264 -5.21 -2.03 20.45
N ALA A 265 -6.13 -1.27 21.03
CA ALA A 265 -6.49 0.02 20.48
C ALA A 265 -6.79 1.06 21.55
N ILE A 266 -6.67 2.33 21.16
CA ILE A 266 -7.04 3.45 22.01
C ILE A 266 -7.97 4.38 21.26
N PHE A 267 -9.21 4.43 21.69
CA PHE A 267 -10.23 5.22 21.01
C PHE A 267 -10.40 6.57 21.70
N ARG A 268 -10.53 7.63 20.90
CA ARG A 268 -10.81 8.93 21.47
C ARG A 268 -12.26 9.30 21.11
N SER A 269 -13.16 9.10 22.06
CA SER A 269 -14.60 9.21 21.79
C SER A 269 -15.44 9.53 23.03
N ASN A 270 -16.62 10.09 22.81
CA ASN A 270 -17.58 10.35 23.89
C ASN A 270 -18.60 9.25 24.09
N LEU A 271 -18.51 8.18 23.31
CA LEU A 271 -19.52 7.14 23.37
C LEU A 271 -19.50 6.43 24.72
N PRO A 272 -20.68 6.11 25.25
CA PRO A 272 -20.81 5.44 26.54
C PRO A 272 -20.37 3.98 26.51
N ILE A 273 -19.57 3.57 27.50
CA ILE A 273 -19.28 2.17 27.71
C ILE A 273 -20.43 1.49 28.44
N GLU A 274 -20.74 0.26 28.05
CA GLU A 274 -21.79 -0.48 28.72
C GLU A 274 -21.37 -1.93 28.95
N ASN A 275 -22.19 -2.65 29.72
CA ASN A 275 -21.93 -4.05 29.99
C ASN A 275 -22.59 -4.92 28.94
N CYS A 276 -21.96 -5.03 27.78
CA CYS A 276 -22.53 -5.75 26.64
C CYS A 276 -21.40 -6.42 25.88
N ASP A 277 -21.76 -7.33 24.98
CA ASP A 277 -20.75 -8.02 24.21
C ASP A 277 -20.75 -7.62 22.74
N ALA A 278 -19.54 -7.55 22.18
CA ALA A 278 -19.38 -7.23 20.77
C ALA A 278 -18.25 -8.07 20.18
N THR A 279 -18.44 -8.47 18.94
CA THR A 279 -17.40 -9.16 18.18
C THR A 279 -16.63 -8.09 17.41
N CYS A 280 -17.33 -6.99 17.13
CA CYS A 280 -16.77 -5.88 16.38
C CYS A 280 -17.02 -4.55 17.08
N GLN A 281 -15.95 -3.87 17.45
CA GLN A 281 -16.05 -2.56 18.06
C GLN A 281 -15.29 -1.50 17.27
N THR A 282 -16.01 -0.54 16.71
CA THR A 282 -15.37 0.59 16.02
C THR A 282 -15.34 1.79 16.93
N THR A 283 -14.54 2.79 16.57
CA THR A 283 -14.45 4.02 17.34
C THR A 283 -15.77 4.80 17.21
N GLU A 284 -16.57 4.43 16.22
CA GLU A 284 -17.86 5.08 15.98
C GLU A 284 -19.02 4.31 16.59
N GLY A 285 -18.76 3.06 16.98
CA GLY A 285 -19.79 2.23 17.55
C GLY A 285 -19.60 0.75 17.30
N VAL A 286 -20.58 -0.05 17.72
CA VAL A 286 -20.53 -1.50 17.58
C VAL A 286 -21.17 -1.93 16.26
N ILE A 287 -20.60 -2.94 15.60
CA ILE A 287 -21.20 -3.50 14.40
C ILE A 287 -21.66 -4.94 14.62
N ARG A 288 -22.90 -5.22 14.22
CA ARG A 288 -23.45 -6.57 14.30
C ARG A 288 -23.99 -6.99 12.94
N THR A 289 -23.24 -7.82 12.23
CA THR A 289 -23.61 -8.19 10.87
C THR A 289 -22.88 -9.43 10.39
N ASN A 290 -23.40 -10.01 9.30
CA ASN A 290 -22.75 -11.12 8.63
C ASN A 290 -22.15 -10.63 7.32
N LYS A 291 -22.38 -9.35 7.05
CA LYS A 291 -21.94 -8.72 5.80
C LYS A 291 -20.43 -8.52 5.76
N THR A 292 -19.92 -8.14 4.59
CA THR A 292 -18.49 -8.15 4.32
C THR A 292 -17.83 -6.75 4.36
N PHE A 293 -18.61 -5.69 4.16
CA PHE A 293 -18.04 -4.35 4.07
C PHE A 293 -18.69 -3.34 5.03
N GLN A 294 -18.07 -2.17 5.19
CA GLN A 294 -18.61 -1.12 6.08
C GLN A 294 -18.57 0.30 5.55
N ASN A 295 -19.32 1.17 6.21
CA ASN A 295 -19.31 2.61 5.95
C ASN A 295 -18.83 3.42 7.15
N VAL A 296 -18.77 2.79 8.32
CA VAL A 296 -18.72 3.55 9.56
C VAL A 296 -17.32 3.99 9.97
N SER A 297 -16.35 3.08 9.99
CA SER A 297 -15.03 3.44 10.52
C SER A 297 -13.91 2.49 10.11
N PRO A 298 -12.72 3.05 9.86
CA PRO A 298 -11.48 2.30 9.60
C PRO A 298 -10.81 1.85 10.89
N LEU A 299 -11.26 2.40 12.02
CA LEU A 299 -10.62 2.14 13.30
C LEU A 299 -11.43 1.18 14.15
N TRP A 300 -10.86 0.01 14.45
CA TRP A 300 -11.60 -0.97 15.22
C TRP A 300 -10.75 -1.99 15.95
N ILE A 301 -11.36 -2.60 16.95
CA ILE A 301 -10.75 -3.66 17.73
C ILE A 301 -11.64 -4.90 17.57
N GLY A 302 -11.02 -6.07 17.47
CA GLY A 302 -11.77 -7.30 17.32
C GLY A 302 -11.78 -7.85 15.91
N GLU A 303 -12.92 -8.39 15.49
CA GLU A 303 -13.05 -8.92 14.14
C GLU A 303 -14.18 -8.24 13.36
N CYS A 304 -13.80 -7.30 12.50
CA CYS A 304 -14.77 -6.51 11.76
C CYS A 304 -14.71 -6.81 10.26
N PRO A 305 -15.80 -6.53 9.55
CA PRO A 305 -15.77 -6.56 8.08
C PRO A 305 -14.92 -5.41 7.52
N LYS A 306 -14.41 -5.59 6.30
CA LYS A 306 -13.55 -4.62 5.62
C LYS A 306 -14.18 -3.24 5.45
N TYR A 307 -13.38 -2.19 5.66
CA TYR A 307 -13.88 -0.82 5.52
C TYR A 307 -13.68 -0.28 4.10
N VAL A 308 -14.76 0.20 3.50
CA VAL A 308 -14.72 0.81 2.17
C VAL A 308 -15.51 2.11 2.15
N LYS A 309 -15.43 2.84 1.04
CA LYS A 309 -16.09 4.13 0.94
C LYS A 309 -17.49 3.97 0.37
N SER A 310 -17.77 2.78 -0.14
CA SER A 310 -19.01 2.48 -0.84
C SER A 310 -20.24 2.73 0.02
N LYS A 311 -21.35 3.08 -0.62
CA LYS A 311 -22.63 3.21 0.07
C LYS A 311 -23.43 1.92 -0.05
N SER A 312 -23.22 1.20 -1.14
CA SER A 312 -23.93 -0.05 -1.37
C SER A 312 -23.11 -1.00 -2.24
N LEU A 313 -23.05 -2.26 -1.84
CA LEU A 313 -22.39 -3.29 -2.62
C LEU A 313 -23.28 -4.51 -2.70
N ARG A 314 -24.18 -4.52 -3.68
CA ARG A 314 -25.19 -5.56 -3.78
C ARG A 314 -24.96 -6.47 -4.99
N LEU A 315 -24.64 -7.73 -4.71
CA LEU A 315 -24.50 -8.72 -5.78
C LEU A 315 -25.85 -9.28 -6.17
N ALA A 316 -26.07 -9.43 -7.46
CA ALA A 316 -27.24 -10.12 -7.97
C ALA A 316 -27.02 -11.62 -7.89
N THR A 317 -28.02 -12.33 -7.38
CA THR A 317 -27.97 -13.79 -7.34
C THR A 317 -29.07 -14.36 -8.22
N GLY A 318 -30.22 -13.68 -8.24
CA GLY A 318 -31.29 -14.03 -9.14
C GLY A 318 -31.04 -13.53 -10.55
N LEU A 319 -32.12 -13.34 -11.30
CA LEU A 319 -32.03 -12.92 -12.69
C LEU A 319 -32.90 -11.68 -12.92
N ARG A 320 -32.83 -11.10 -14.11
CA ARG A 320 -33.60 -9.90 -14.43
C ARG A 320 -35.10 -10.10 -14.20
N ASN A 321 -35.69 -9.29 -13.33
CA ASN A 321 -37.08 -9.47 -13.01
C ASN A 321 -37.94 -8.80 -14.06
N VAL A 322 -38.60 -9.62 -14.89
CA VAL A 322 -39.36 -9.11 -16.03
C VAL A 322 -40.80 -9.60 -16.00
N PRO A 323 -41.67 -8.90 -15.26
CA PRO A 323 -43.09 -9.26 -15.22
C PRO A 323 -43.78 -8.97 -16.55
N GLY B 1 -21.73 -10.89 -22.82
CA GLY B 1 -22.36 -11.46 -23.99
C GLY B 1 -23.75 -11.99 -23.70
N LEU B 2 -24.76 -11.18 -24.05
CA LEU B 2 -26.17 -11.56 -23.91
C LEU B 2 -26.45 -12.79 -24.77
N PHE B 3 -27.15 -13.78 -24.20
CA PHE B 3 -27.46 -14.99 -24.95
C PHE B 3 -28.84 -14.97 -25.61
N GLY B 4 -29.53 -13.85 -25.50
CA GLY B 4 -30.75 -13.64 -26.26
C GLY B 4 -31.99 -14.39 -25.82
N ALA B 5 -31.91 -15.09 -24.70
CA ALA B 5 -33.07 -15.84 -24.21
C ALA B 5 -33.91 -14.99 -23.28
N ILE B 6 -33.36 -14.67 -22.10
CA ILE B 6 -34.04 -13.82 -21.14
C ILE B 6 -34.18 -12.42 -21.68
N ALA B 7 -35.40 -11.89 -21.64
CA ALA B 7 -35.75 -10.61 -22.25
C ALA B 7 -35.41 -10.61 -23.72
N GLY B 8 -35.41 -11.80 -24.32
CA GLY B 8 -35.11 -11.97 -25.73
C GLY B 8 -36.29 -12.58 -26.45
N PHE B 9 -36.10 -13.76 -27.05
CA PHE B 9 -37.18 -14.39 -27.78
C PHE B 9 -38.21 -14.97 -26.80
N ILE B 10 -37.78 -15.17 -25.56
CA ILE B 10 -38.73 -15.43 -24.48
C ILE B 10 -38.94 -14.10 -23.79
N GLU B 11 -40.02 -13.42 -24.20
CA GLU B 11 -40.23 -12.00 -23.92
C GLU B 11 -40.33 -11.65 -22.44
N GLY B 12 -40.85 -12.58 -21.62
CA GLY B 12 -41.13 -12.26 -20.24
C GLY B 12 -40.99 -13.43 -19.27
N GLY B 13 -41.04 -13.11 -17.99
CA GLY B 13 -40.92 -14.11 -16.94
C GLY B 13 -42.28 -14.63 -16.49
N TRP B 14 -42.26 -15.57 -15.55
CA TRP B 14 -43.47 -16.20 -15.05
C TRP B 14 -43.63 -16.02 -13.56
N THR B 15 -44.57 -15.17 -13.15
CA THR B 15 -44.88 -15.03 -11.73
C THR B 15 -45.63 -16.28 -11.24
N GLY B 16 -46.03 -17.12 -12.18
CA GLY B 16 -46.76 -18.34 -11.85
C GLY B 16 -45.84 -19.50 -11.49
N MET B 17 -44.55 -19.37 -11.79
CA MET B 17 -43.59 -20.41 -11.47
C MET B 17 -42.75 -19.99 -10.26
N ILE B 18 -43.00 -20.64 -9.12
CA ILE B 18 -42.47 -20.15 -7.86
C ILE B 18 -41.53 -21.11 -7.12
N ASP B 19 -41.24 -22.26 -7.72
CA ASP B 19 -40.36 -23.22 -7.06
C ASP B 19 -39.02 -23.37 -7.78
N GLY B 20 -38.70 -22.40 -8.64
CA GLY B 20 -37.43 -22.43 -9.37
C GLY B 20 -37.22 -21.24 -10.29
N TRP B 21 -35.99 -21.12 -10.79
CA TRP B 21 -35.64 -20.05 -11.72
C TRP B 21 -35.96 -20.39 -13.16
N TYR B 22 -35.82 -21.66 -13.52
CA TYR B 22 -35.95 -22.09 -14.90
C TYR B 22 -37.06 -23.14 -14.98
N GLY B 23 -37.91 -23.09 -16.01
CA GLY B 23 -38.98 -24.07 -16.08
C GLY B 23 -39.88 -24.13 -17.28
N TYR B 24 -41.04 -24.76 -17.07
CA TYR B 24 -41.93 -25.16 -18.15
C TYR B 24 -43.36 -24.70 -17.93
N HIS B 25 -44.09 -24.49 -19.02
CA HIS B 25 -45.54 -24.34 -18.94
C HIS B 25 -46.14 -25.20 -20.04
N HIS B 26 -47.12 -26.02 -19.68
CA HIS B 26 -47.70 -26.94 -20.62
C HIS B 26 -49.21 -26.85 -20.61
N GLU B 27 -49.81 -27.44 -21.64
CA GLU B 27 -51.26 -27.57 -21.72
C GLU B 27 -51.66 -28.91 -22.31
N ASN B 28 -52.59 -29.60 -21.65
CA ASN B 28 -53.14 -30.84 -22.16
C ASN B 28 -54.65 -30.80 -22.04
N SER B 29 -55.30 -31.87 -22.47
CA SER B 29 -56.73 -32.05 -22.28
C SER B 29 -56.86 -32.43 -20.80
N GLN B 30 -55.72 -32.78 -20.22
CA GLN B 30 -55.63 -33.20 -18.83
C GLN B 30 -55.40 -31.97 -17.97
N GLY B 31 -54.93 -30.91 -18.62
CA GLY B 31 -54.88 -29.60 -17.99
C GLY B 31 -53.66 -28.78 -18.36
N SER B 32 -53.36 -27.80 -17.53
CA SER B 32 -52.22 -26.92 -17.76
C SER B 32 -51.56 -26.60 -16.44
N GLY B 33 -50.29 -26.19 -16.49
CA GLY B 33 -49.60 -25.83 -15.27
C GLY B 33 -48.15 -25.44 -15.40
N TYR B 34 -47.62 -24.80 -14.36
CA TYR B 34 -46.21 -24.46 -14.31
C TYR B 34 -45.43 -25.52 -13.57
N ALA B 35 -44.18 -25.70 -13.97
CA ALA B 35 -43.27 -26.58 -13.27
C ALA B 35 -41.85 -26.14 -13.57
N ALA B 36 -41.09 -25.85 -12.53
CA ALA B 36 -39.71 -25.44 -12.70
C ALA B 36 -38.85 -26.65 -13.02
N ASP B 37 -37.75 -26.42 -13.75
CA ASP B 37 -36.78 -27.48 -13.98
C ASP B 37 -35.73 -27.48 -12.88
N LYS B 38 -35.90 -28.37 -11.91
CA LYS B 38 -35.08 -28.39 -10.72
C LYS B 38 -33.63 -28.77 -11.02
N GLU B 39 -33.40 -29.48 -12.13
CA GLU B 39 -32.06 -29.83 -12.53
C GLU B 39 -31.19 -28.59 -12.69
N SER B 40 -31.46 -27.82 -13.73
CA SER B 40 -30.69 -26.63 -14.05
C SER B 40 -30.80 -25.59 -12.94
N THR B 41 -31.93 -25.60 -12.23
CA THR B 41 -32.14 -24.69 -11.12
C THR B 41 -31.16 -24.98 -9.98
N GLN B 42 -30.96 -26.25 -9.66
CA GLN B 42 -30.05 -26.65 -8.60
C GLN B 42 -28.60 -26.34 -8.95
N LYS B 43 -28.23 -26.61 -10.20
CA LYS B 43 -26.88 -26.35 -10.67
C LYS B 43 -26.59 -24.85 -10.67
N ALA B 44 -27.61 -24.05 -10.97
CA ALA B 44 -27.47 -22.60 -10.96
C ALA B 44 -27.28 -22.09 -9.55
N ILE B 45 -28.03 -22.66 -8.60
CA ILE B 45 -27.93 -22.26 -7.20
C ILE B 45 -26.57 -22.61 -6.64
N ASP B 46 -26.09 -23.81 -6.96
CA ASP B 46 -24.79 -24.28 -6.48
C ASP B 46 -23.66 -23.38 -6.97
N GLY B 47 -23.73 -23.00 -8.24
CA GLY B 47 -22.71 -22.15 -8.83
C GLY B 47 -22.68 -20.76 -8.23
N ILE B 48 -23.86 -20.14 -8.11
CA ILE B 48 -23.97 -18.79 -7.60
C ILE B 48 -23.66 -18.71 -6.11
N THR B 49 -24.11 -19.71 -5.35
CA THR B 49 -23.74 -19.80 -3.93
C THR B 49 -22.22 -19.94 -3.81
N ASN B 50 -21.63 -20.76 -4.67
CA ASN B 50 -20.18 -20.94 -4.66
C ASN B 50 -19.51 -19.64 -5.06
N LYS B 51 -20.07 -18.97 -6.06
CA LYS B 51 -19.56 -17.69 -6.53
C LYS B 51 -19.57 -16.63 -5.44
N VAL B 52 -20.66 -16.54 -4.70
CA VAL B 52 -20.79 -15.52 -3.66
C VAL B 52 -19.92 -15.84 -2.45
N ASN B 53 -19.83 -17.12 -2.09
CA ASN B 53 -19.00 -17.52 -0.96
C ASN B 53 -17.53 -17.30 -1.29
N SER B 54 -17.17 -17.60 -2.54
CA SER B 54 -15.81 -17.41 -3.02
C SER B 54 -15.40 -15.94 -2.96
N ILE B 55 -16.30 -15.06 -3.36
CA ILE B 55 -16.04 -13.62 -3.33
C ILE B 55 -15.89 -13.14 -1.88
N ILE B 56 -16.81 -13.58 -1.02
CA ILE B 56 -16.73 -13.23 0.40
C ILE B 56 -15.42 -13.74 1.00
N ASP B 57 -15.00 -14.92 0.57
CA ASP B 57 -13.81 -15.56 1.11
C ASP B 57 -12.52 -14.82 0.73
N LYS B 58 -12.50 -14.20 -0.45
CA LYS B 58 -11.30 -13.50 -0.89
C LYS B 58 -11.28 -12.08 -0.34
N MET B 59 -12.42 -11.63 0.16
CA MET B 59 -12.52 -10.33 0.83
C MET B 59 -12.32 -10.51 2.33
N ASN B 60 -11.90 -11.71 2.73
CA ASN B 60 -11.84 -12.10 4.13
C ASN B 60 -10.86 -11.26 4.93
N THR B 61 -9.67 -11.04 4.38
CA THR B 61 -8.65 -10.24 5.03
C THR B 61 -9.10 -8.79 5.10
N GLN B 62 -8.51 -8.02 6.01
CA GLN B 62 -8.80 -6.60 6.09
C GLN B 62 -7.52 -5.78 6.29
N PHE B 63 -7.43 -4.65 5.61
CA PHE B 63 -6.44 -3.65 6.02
C PHE B 63 -7.01 -2.89 7.19
N GLU B 64 -6.28 -2.84 8.29
CA GLU B 64 -6.78 -2.16 9.47
C GLU B 64 -5.82 -1.10 9.98
N ALA B 65 -6.19 0.15 9.75
CA ALA B 65 -5.43 1.30 10.24
C ALA B 65 -5.53 1.40 11.75
N VAL B 66 -4.64 2.18 12.35
CA VAL B 66 -4.61 2.34 13.79
C VAL B 66 -4.65 3.82 14.16
N GLY B 67 -4.80 4.10 15.45
CA GLY B 67 -4.94 5.48 15.90
C GLY B 67 -3.73 6.04 16.61
N HIS B 68 -2.54 5.61 16.19
CA HIS B 68 -1.30 6.15 16.73
C HIS B 68 -1.21 7.64 16.42
N GLU B 69 -0.53 8.38 17.29
CA GLU B 69 -0.47 9.83 17.17
C GLU B 69 0.93 10.33 16.80
N PHE B 70 1.00 11.56 16.29
CA PHE B 70 2.26 12.13 15.84
C PHE B 70 2.39 13.58 16.29
N SER B 71 3.63 13.97 16.63
CA SER B 71 3.90 15.33 17.05
C SER B 71 3.92 16.29 15.87
N ASN B 72 4.06 17.59 16.16
CA ASN B 72 4.12 18.59 15.11
C ASN B 72 5.48 18.62 14.42
N LEU B 73 6.43 17.83 14.94
CA LEU B 73 7.72 17.65 14.28
C LEU B 73 7.78 16.29 13.59
N GLU B 74 6.62 15.67 13.43
CA GLU B 74 6.52 14.40 12.72
C GLU B 74 5.48 14.48 11.59
N ARG B 75 5.36 15.68 11.02
CA ARG B 75 4.45 15.94 9.91
C ARG B 75 4.61 14.96 8.75
N ARG B 76 5.85 14.62 8.43
CA ARG B 76 6.14 13.77 7.28
C ARG B 76 5.68 12.34 7.44
N ILE B 77 6.03 11.72 8.57
CA ILE B 77 5.65 10.34 8.82
C ILE B 77 4.14 10.27 9.08
N ASP B 78 3.57 11.36 9.58
CA ASP B 78 2.14 11.46 9.78
C ASP B 78 1.43 11.42 8.42
N ASN B 79 1.91 12.23 7.49
CA ASN B 79 1.36 12.27 6.14
C ASN B 79 1.64 10.96 5.41
N LEU B 80 2.73 10.31 5.78
CA LEU B 80 3.10 9.04 5.17
C LEU B 80 2.06 8.00 5.55
N ASN B 81 1.73 7.95 6.83
CA ASN B 81 0.66 7.10 7.34
C ASN B 81 -0.65 7.38 6.63
N LYS B 82 -0.96 8.67 6.51
CA LYS B 82 -2.20 9.14 5.91
C LYS B 82 -2.33 8.68 4.46
N ARG B 83 -1.28 8.88 3.68
CA ARG B 83 -1.28 8.48 2.27
C ARG B 83 -1.31 6.96 2.10
N MET B 84 -0.84 6.23 3.11
CA MET B 84 -0.89 4.77 3.06
C MET B 84 -2.30 4.28 3.34
N GLU B 85 -2.87 4.78 4.44
CA GLU B 85 -4.19 4.37 4.88
C GLU B 85 -5.22 4.73 3.82
N ASP B 86 -5.09 5.93 3.24
CA ASP B 86 -5.96 6.36 2.16
C ASP B 86 -5.67 5.54 0.90
N GLY B 87 -4.42 5.11 0.76
CA GLY B 87 -4.01 4.32 -0.38
C GLY B 87 -4.77 3.01 -0.49
N PHE B 88 -4.75 2.22 0.57
CA PHE B 88 -5.42 0.92 0.55
C PHE B 88 -6.94 1.04 0.57
N LEU B 89 -7.45 2.13 1.14
CA LEU B 89 -8.89 2.35 1.17
C LEU B 89 -9.39 2.55 -0.26
N ASP B 90 -8.67 3.37 -1.02
CA ASP B 90 -9.00 3.61 -2.41
C ASP B 90 -8.85 2.34 -3.25
N VAL B 91 -7.91 1.48 -2.87
CA VAL B 91 -7.65 0.26 -3.62
C VAL B 91 -8.76 -0.78 -3.42
N TRP B 92 -9.16 -0.99 -2.17
CA TRP B 92 -10.20 -1.96 -1.87
C TRP B 92 -11.59 -1.45 -2.27
N THR B 93 -11.81 -0.15 -2.14
CA THR B 93 -13.04 0.47 -2.61
C THR B 93 -13.19 0.18 -4.10
N TYR B 94 -12.10 0.40 -4.83
CA TYR B 94 -12.03 0.10 -6.25
C TYR B 94 -12.31 -1.37 -6.54
N ASN B 95 -11.61 -2.26 -5.86
CA ASN B 95 -11.77 -3.70 -6.10
C ASN B 95 -13.19 -4.17 -5.82
N ALA B 96 -13.82 -3.61 -4.80
CA ALA B 96 -15.16 -4.04 -4.41
C ALA B 96 -16.20 -3.53 -5.40
N GLU B 97 -16.17 -2.24 -5.70
CA GLU B 97 -17.18 -1.63 -6.56
C GLU B 97 -17.11 -2.16 -7.98
N LEU B 98 -15.89 -2.38 -8.48
CA LEU B 98 -15.72 -2.84 -9.85
C LEU B 98 -16.08 -4.31 -10.00
N LEU B 99 -15.82 -5.10 -8.97
CA LEU B 99 -16.11 -6.53 -9.03
C LEU B 99 -17.61 -6.76 -9.05
N VAL B 100 -18.34 -5.95 -8.28
CA VAL B 100 -19.80 -6.04 -8.24
C VAL B 100 -20.37 -5.73 -9.61
N LEU B 101 -19.86 -4.69 -10.25
CA LEU B 101 -20.30 -4.31 -11.58
C LEU B 101 -20.06 -5.42 -12.60
N LEU B 102 -18.85 -5.95 -12.61
CA LEU B 102 -18.44 -6.95 -13.60
C LEU B 102 -19.13 -8.30 -13.39
N GLU B 103 -19.27 -8.71 -12.14
CA GLU B 103 -19.83 -10.04 -11.88
C GLU B 103 -21.36 -10.05 -11.83
N ASN B 104 -21.98 -8.89 -11.59
CA ASN B 104 -23.42 -8.81 -11.76
C ASN B 104 -23.76 -9.07 -13.22
N GLU B 105 -22.99 -8.47 -14.11
CA GLU B 105 -23.12 -8.67 -15.54
C GLU B 105 -22.96 -10.16 -15.88
N ARG B 106 -21.92 -10.77 -15.33
CA ARG B 106 -21.67 -12.19 -15.50
C ARG B 106 -22.82 -13.04 -14.96
N THR B 107 -23.29 -12.69 -13.76
CA THR B 107 -24.34 -13.45 -13.10
C THR B 107 -25.63 -13.44 -13.90
N LEU B 108 -25.98 -12.27 -14.42
CA LEU B 108 -27.21 -12.10 -15.17
C LEU B 108 -27.14 -12.85 -16.51
N ASP B 109 -25.99 -12.76 -17.16
CA ASP B 109 -25.75 -13.49 -18.41
C ASP B 109 -25.78 -15.00 -18.18
N LEU B 110 -25.38 -15.42 -16.99
CA LEU B 110 -25.35 -16.84 -16.65
C LEU B 110 -26.75 -17.45 -16.72
N HIS B 111 -27.72 -16.77 -16.12
CA HIS B 111 -29.11 -17.20 -16.17
C HIS B 111 -29.62 -17.24 -17.61
N ASP B 112 -29.25 -16.20 -18.37
CA ASP B 112 -29.62 -16.08 -19.77
C ASP B 112 -29.17 -17.31 -20.54
N ALA B 113 -27.95 -17.76 -20.27
CA ALA B 113 -27.38 -18.93 -20.93
C ALA B 113 -28.12 -20.19 -20.51
N ASN B 114 -28.46 -20.27 -19.24
CA ASN B 114 -29.12 -21.45 -18.69
C ASN B 114 -30.51 -21.63 -19.30
N VAL B 115 -31.21 -20.53 -19.50
CA VAL B 115 -32.50 -20.54 -20.19
C VAL B 115 -32.33 -20.98 -21.64
N LYS B 116 -31.36 -20.39 -22.32
CA LYS B 116 -31.02 -20.74 -23.70
C LYS B 116 -30.74 -22.23 -23.89
N ASN B 117 -29.92 -22.79 -23.01
CA ASN B 117 -29.54 -24.19 -23.12
C ASN B 117 -30.73 -25.10 -22.88
N LEU B 118 -31.58 -24.71 -21.93
CA LEU B 118 -32.76 -25.50 -21.60
C LEU B 118 -33.75 -25.52 -22.77
N HIS B 119 -33.94 -24.36 -23.39
CA HIS B 119 -34.78 -24.25 -24.58
C HIS B 119 -34.22 -25.09 -25.72
N GLU B 120 -32.91 -25.02 -25.89
CA GLU B 120 -32.21 -25.82 -26.90
C GLU B 120 -32.34 -27.30 -26.59
N LYS B 121 -32.28 -27.63 -25.29
CA LYS B 121 -32.39 -29.01 -24.85
C LYS B 121 -33.71 -29.61 -25.28
N VAL B 122 -34.75 -28.77 -25.27
CA VAL B 122 -36.08 -29.19 -25.70
C VAL B 122 -36.22 -29.22 -27.23
N ARG B 123 -35.76 -28.15 -27.89
CA ARG B 123 -35.85 -28.05 -29.35
C ARG B 123 -35.14 -29.22 -30.02
N SER B 124 -33.97 -29.57 -29.49
CA SER B 124 -33.16 -30.66 -30.04
C SER B 124 -33.90 -31.99 -29.94
N GLN B 125 -34.77 -32.10 -28.95
CA GLN B 125 -35.54 -33.32 -28.72
C GLN B 125 -36.77 -33.44 -29.61
N LEU B 126 -37.61 -32.41 -29.57
CA LEU B 126 -38.89 -32.45 -30.27
C LEU B 126 -38.70 -32.54 -31.77
N ARG B 127 -37.69 -31.85 -32.28
CA ARG B 127 -37.37 -31.86 -33.70
C ARG B 127 -38.58 -31.47 -34.56
N ASP B 128 -38.96 -32.32 -35.51
CA ASP B 128 -40.10 -31.96 -36.37
C ASP B 128 -41.42 -32.54 -35.87
N ASN B 129 -41.43 -33.08 -34.65
CA ASN B 129 -42.66 -33.50 -34.01
C ASN B 129 -43.40 -32.32 -33.38
N ALA B 130 -42.74 -31.17 -33.34
CA ALA B 130 -43.35 -29.98 -32.75
C ALA B 130 -43.13 -28.76 -33.62
N ASN B 131 -43.99 -27.77 -33.44
CA ASN B 131 -43.89 -26.52 -34.18
C ASN B 131 -43.21 -25.48 -33.29
N ASP B 132 -42.03 -25.03 -33.70
CA ASP B 132 -41.29 -24.05 -32.92
C ASP B 132 -41.84 -22.64 -33.19
N LEU B 133 -42.60 -22.12 -32.24
CA LEU B 133 -43.25 -20.83 -32.40
C LEU B 133 -42.25 -19.68 -32.27
N GLY B 134 -41.01 -20.00 -31.94
CA GLY B 134 -39.94 -19.02 -31.90
C GLY B 134 -39.87 -18.20 -30.62
N ASN B 135 -40.87 -18.34 -29.75
CA ASN B 135 -40.91 -17.57 -28.52
C ASN B 135 -40.70 -18.43 -27.27
N GLY B 136 -40.12 -19.61 -27.46
CA GLY B 136 -39.87 -20.50 -26.35
C GLY B 136 -40.96 -21.53 -26.16
N CYS B 137 -41.99 -21.46 -26.98
CA CYS B 137 -43.11 -22.41 -26.90
C CYS B 137 -43.08 -23.40 -28.06
N PHE B 138 -43.63 -24.58 -27.82
CA PHE B 138 -43.72 -25.61 -28.85
C PHE B 138 -45.13 -26.19 -28.94
N GLU B 139 -45.66 -26.26 -30.15
CA GLU B 139 -46.95 -26.91 -30.39
C GLU B 139 -46.74 -28.31 -30.96
N PHE B 140 -47.27 -29.32 -30.29
CA PHE B 140 -47.08 -30.69 -30.73
C PHE B 140 -47.93 -31.04 -31.95
N TRP B 141 -47.31 -31.68 -32.95
CA TRP B 141 -48.03 -32.21 -34.10
C TRP B 141 -48.67 -33.56 -33.78
N HIS B 142 -48.74 -33.88 -32.50
CA HIS B 142 -49.46 -35.06 -32.04
C HIS B 142 -50.03 -34.76 -30.67
N LYS B 143 -50.73 -35.72 -30.09
CA LYS B 143 -51.30 -35.52 -28.76
C LYS B 143 -50.28 -35.93 -27.71
N CYS B 144 -49.99 -35.04 -26.79
CA CYS B 144 -48.93 -35.23 -25.80
C CYS B 144 -49.48 -35.17 -24.39
N ASN B 145 -49.71 -36.33 -23.78
CA ASN B 145 -50.29 -36.39 -22.44
C ASN B 145 -49.30 -35.94 -21.36
N ASN B 146 -49.70 -36.05 -20.10
CA ASN B 146 -48.84 -35.64 -18.99
C ASN B 146 -47.55 -36.45 -18.93
N GLU B 147 -47.66 -37.76 -19.17
CA GLU B 147 -46.48 -38.62 -19.17
C GLU B 147 -45.56 -38.23 -20.32
N CYS B 148 -46.15 -37.86 -21.46
CA CYS B 148 -45.40 -37.35 -22.59
C CYS B 148 -44.61 -36.10 -22.21
N MET B 149 -45.30 -35.15 -21.59
CA MET B 149 -44.68 -33.91 -21.13
C MET B 149 -43.50 -34.18 -20.20
N GLU B 150 -43.65 -35.17 -19.33
CA GLU B 150 -42.60 -35.54 -18.38
C GLU B 150 -41.32 -35.97 -19.09
N SER B 151 -41.45 -36.76 -20.15
CA SER B 151 -40.30 -37.25 -20.90
C SER B 151 -39.47 -36.10 -21.46
N VAL B 152 -40.15 -35.02 -21.84
CA VAL B 152 -39.49 -33.82 -22.31
C VAL B 152 -38.70 -33.22 -21.17
N LYS B 153 -39.33 -33.17 -20.00
CA LYS B 153 -38.73 -32.62 -18.79
C LYS B 153 -37.59 -33.51 -18.31
N ASN B 154 -37.78 -34.83 -18.38
CA ASN B 154 -36.77 -35.78 -17.94
C ASN B 154 -35.62 -35.89 -18.93
N GLY B 155 -35.80 -35.30 -20.11
CA GLY B 155 -34.74 -35.30 -21.10
C GLY B 155 -34.72 -36.61 -21.86
N THR B 156 -35.84 -37.33 -21.81
CA THR B 156 -35.92 -38.65 -22.41
C THR B 156 -37.03 -38.74 -23.46
N TYR B 157 -37.26 -37.64 -24.17
CA TYR B 157 -38.31 -37.60 -25.18
C TYR B 157 -38.05 -38.63 -26.27
N ASP B 158 -39.08 -39.37 -26.65
CA ASP B 158 -38.95 -40.46 -27.61
C ASP B 158 -39.40 -40.02 -29.00
N TYR B 159 -38.45 -39.54 -29.79
CA TYR B 159 -38.75 -39.03 -31.13
C TYR B 159 -39.36 -40.06 -32.09
N PRO B 160 -38.74 -41.25 -32.24
CA PRO B 160 -39.30 -42.17 -33.23
C PRO B 160 -40.67 -42.76 -32.82
N LYS B 161 -41.02 -42.67 -31.55
CA LYS B 161 -42.33 -43.13 -31.09
C LYS B 161 -43.48 -42.36 -31.75
N TYR B 162 -43.30 -41.06 -31.91
CA TYR B 162 -44.37 -40.20 -32.41
C TYR B 162 -44.11 -39.66 -33.82
N GLN B 163 -42.99 -40.06 -34.42
CA GLN B 163 -42.61 -39.55 -35.74
C GLN B 163 -43.70 -39.89 -36.75
N LYS B 164 -44.17 -41.12 -36.67
CA LYS B 164 -45.18 -41.65 -37.59
C LYS B 164 -46.46 -40.82 -37.52
N GLU B 165 -46.99 -40.67 -36.31
CA GLU B 165 -48.22 -39.92 -36.07
C GLU B 165 -48.17 -38.45 -36.51
N SER B 166 -47.05 -37.80 -36.19
CA SER B 166 -46.91 -36.37 -36.46
C SER B 166 -46.85 -36.07 -37.95
N ARG B 167 -46.00 -36.82 -38.65
CA ARG B 167 -45.76 -36.63 -40.08
C ARG B 167 -47.05 -36.75 -40.88
N LEU B 168 -47.93 -37.62 -40.42
CA LEU B 168 -49.22 -37.84 -41.07
C LEU B 168 -50.09 -36.58 -41.04
N ASN B 169 -49.82 -35.70 -40.08
CA ASN B 169 -50.55 -34.44 -39.98
C ASN B 169 -49.94 -33.38 -40.88
N ARG B 170 -50.24 -33.47 -42.17
CA ARG B 170 -49.78 -32.48 -43.14
C ARG B 170 -50.93 -31.61 -43.62
N ASP C 1 -23.71 -44.85 -42.05
CA ASP C 1 -22.61 -43.89 -41.99
C ASP C 1 -22.97 -42.70 -41.10
N LYS C 2 -22.03 -42.31 -40.24
CA LYS C 2 -22.24 -41.19 -39.34
C LYS C 2 -20.94 -40.47 -39.00
N ILE C 3 -21.06 -39.22 -38.54
CA ILE C 3 -19.91 -38.47 -38.05
C ILE C 3 -20.26 -37.72 -36.77
N CYS C 4 -19.34 -37.69 -35.81
CA CYS C 4 -19.58 -37.02 -34.54
C CYS C 4 -18.51 -35.97 -34.26
N ILE C 5 -18.90 -34.94 -33.52
CA ILE C 5 -17.97 -33.91 -33.07
C ILE C 5 -17.79 -34.01 -31.56
N GLY C 6 -16.56 -34.10 -31.12
CA GLY C 6 -16.28 -34.29 -29.71
C GLY C 6 -15.03 -33.59 -29.23
N TYR C 7 -14.75 -33.73 -27.94
CA TYR C 7 -13.66 -33.02 -27.30
C TYR C 7 -12.73 -33.96 -26.55
N HIS C 8 -11.51 -33.49 -26.29
CA HIS C 8 -10.46 -34.30 -25.69
C HIS C 8 -10.76 -34.72 -24.25
N ALA C 9 -10.23 -35.88 -23.89
CA ALA C 9 -10.24 -36.35 -22.51
C ALA C 9 -9.04 -37.26 -22.29
N ASN C 10 -8.52 -37.29 -21.07
CA ASN C 10 -7.36 -38.13 -20.77
C ASN C 10 -7.33 -38.60 -19.32
N ASN C 11 -6.16 -39.06 -18.88
CA ASN C 11 -6.02 -39.69 -17.57
C ASN C 11 -5.73 -38.69 -16.45
N SER C 12 -5.71 -37.41 -16.78
CA SER C 12 -5.44 -36.36 -15.81
C SER C 12 -6.38 -36.39 -14.60
N THR C 13 -5.83 -36.12 -13.42
CA THR C 13 -6.63 -35.96 -12.21
C THR C 13 -6.28 -34.64 -11.52
N THR C 14 -5.40 -33.87 -12.17
CA THR C 14 -5.04 -32.54 -11.67
C THR C 14 -6.28 -31.66 -11.67
N LYS C 15 -6.48 -30.90 -10.59
CA LYS C 15 -7.69 -30.11 -10.45
C LYS C 15 -7.44 -28.62 -10.30
N VAL C 16 -8.46 -27.83 -10.61
CA VAL C 16 -8.43 -26.39 -10.42
C VAL C 16 -9.73 -25.95 -9.76
N ASP C 17 -9.77 -24.70 -9.31
CA ASP C 17 -10.99 -24.12 -8.81
C ASP C 17 -11.51 -23.06 -9.77
N THR C 18 -12.82 -22.98 -9.91
CA THR C 18 -13.42 -21.90 -10.67
C THR C 18 -14.31 -21.11 -9.74
N ILE C 19 -14.87 -20.02 -10.24
CA ILE C 19 -15.70 -19.16 -9.40
C ILE C 19 -17.03 -19.86 -9.11
N LEU C 20 -17.42 -20.77 -9.99
CA LEU C 20 -18.71 -21.45 -9.87
C LEU C 20 -18.60 -22.86 -9.29
N GLU C 21 -17.41 -23.45 -9.37
CA GLU C 21 -17.25 -24.83 -8.93
C GLU C 21 -15.82 -25.10 -8.47
N LYS C 22 -15.68 -25.90 -7.40
CA LYS C 22 -14.36 -26.24 -6.87
C LYS C 22 -13.99 -27.69 -7.20
N ASN C 23 -12.70 -28.01 -7.08
CA ASN C 23 -12.17 -29.32 -7.43
C ASN C 23 -12.65 -29.82 -8.79
N VAL C 24 -12.35 -29.10 -9.86
CA VAL C 24 -12.79 -29.54 -11.18
C VAL C 24 -11.58 -30.02 -11.98
N THR C 25 -11.64 -31.29 -12.38
CA THR C 25 -10.54 -31.91 -13.09
C THR C 25 -10.46 -31.38 -14.51
N VAL C 26 -9.27 -30.97 -14.92
CA VAL C 26 -9.07 -30.46 -16.26
C VAL C 26 -7.97 -31.28 -16.92
N THR C 27 -7.94 -31.25 -18.25
CA THR C 27 -7.02 -32.09 -19.00
C THR C 27 -5.61 -31.52 -18.94
N HIS C 28 -5.53 -30.19 -18.90
CA HIS C 28 -4.24 -29.51 -18.92
C HIS C 28 -4.28 -28.25 -18.07
N SER C 29 -3.23 -28.04 -17.28
CA SER C 29 -3.16 -26.88 -16.40
C SER C 29 -1.70 -26.56 -16.10
N VAL C 30 -1.47 -25.43 -15.42
CA VAL C 30 -0.13 -25.02 -15.06
C VAL C 30 -0.10 -24.34 -13.69
N GLU C 31 0.75 -24.85 -12.80
CA GLU C 31 0.94 -24.30 -11.47
C GLU C 31 1.80 -23.03 -11.55
N LEU C 32 1.30 -21.94 -10.98
CA LEU C 32 2.03 -20.67 -11.04
C LEU C 32 2.82 -20.38 -9.76
N LEU C 33 2.55 -21.16 -8.72
CA LEU C 33 3.17 -20.92 -7.42
C LEU C 33 4.18 -22.01 -7.05
N GLU C 34 5.34 -21.59 -6.56
CA GLU C 34 6.35 -22.52 -6.07
C GLU C 34 6.37 -22.53 -4.54
N ASN C 35 6.44 -23.73 -3.96
CA ASN C 35 6.46 -23.87 -2.51
C ASN C 35 7.64 -24.70 -2.01
N GLN C 36 8.62 -24.92 -2.87
CA GLN C 36 9.80 -25.71 -2.50
C GLN C 36 11.03 -24.84 -2.31
N LYS C 37 11.89 -25.26 -1.38
CA LYS C 37 13.05 -24.46 -1.01
C LYS C 37 14.21 -25.33 -0.55
N GLU C 38 15.43 -24.88 -0.81
CA GLU C 38 16.62 -25.50 -0.26
C GLU C 38 17.03 -24.77 1.03
N GLU C 39 16.93 -25.46 2.16
CA GLU C 39 17.22 -24.80 3.43
C GLU C 39 18.72 -24.58 3.63
N ARG C 40 19.23 -23.59 2.89
CA ARG C 40 20.64 -23.24 2.92
C ARG C 40 20.88 -21.89 2.23
N PHE C 41 22.05 -21.33 2.43
CA PHE C 41 22.44 -20.11 1.72
C PHE C 41 23.40 -20.44 0.59
N CYS C 42 23.23 -19.80 -0.56
CA CYS C 42 24.12 -20.02 -1.70
C CYS C 42 24.76 -18.72 -2.14
N LYS C 43 25.49 -18.78 -3.26
CA LYS C 43 26.16 -17.60 -3.76
C LYS C 43 25.30 -16.82 -4.76
N ILE C 44 25.31 -15.51 -4.62
CA ILE C 44 24.61 -14.60 -5.53
C ILE C 44 25.57 -13.89 -6.47
N SER C 45 25.40 -14.10 -7.77
CA SER C 45 26.27 -13.52 -8.80
C SER C 45 27.74 -13.85 -8.55
N ASN C 46 28.00 -15.11 -8.21
CA ASN C 46 29.34 -15.64 -8.01
C ASN C 46 30.05 -14.92 -6.85
N LYS C 47 29.27 -14.40 -5.91
CA LYS C 47 29.81 -13.81 -4.70
C LYS C 47 29.23 -14.45 -3.45
N ALA C 48 30.12 -14.95 -2.59
CA ALA C 48 29.71 -15.64 -1.38
C ALA C 48 29.11 -14.66 -0.38
N PRO C 49 28.23 -15.16 0.51
CA PRO C 49 27.73 -14.34 1.62
C PRO C 49 28.81 -14.11 2.68
N LEU C 50 28.61 -13.12 3.53
CA LEU C 50 29.47 -12.92 4.69
C LEU C 50 28.81 -13.47 5.94
N ASP C 51 29.40 -14.51 6.52
CA ASP C 51 28.85 -15.07 7.75
C ASP C 51 29.51 -14.42 8.95
N LEU C 52 28.68 -13.84 9.82
CA LEU C 52 29.18 -13.12 10.99
C LEU C 52 29.47 -14.08 12.13
N ARG C 53 29.12 -15.35 11.94
CA ARG C 53 29.48 -16.41 12.88
C ARG C 53 28.99 -16.10 14.28
N ASP C 54 29.90 -16.07 15.25
CA ASP C 54 29.51 -15.85 16.63
C ASP C 54 29.62 -14.37 17.00
N CYS C 55 29.60 -13.52 15.97
CA CYS C 55 29.66 -12.08 16.18
C CYS C 55 28.40 -11.38 15.70
N THR C 56 27.94 -10.37 16.44
CA THR C 56 26.84 -9.55 15.97
C THR C 56 27.39 -8.59 14.93
N LEU C 57 26.52 -7.84 14.27
CA LEU C 57 26.98 -6.93 13.24
C LEU C 57 27.77 -5.78 13.87
N GLU C 58 27.29 -5.28 15.00
CA GLU C 58 28.01 -4.25 15.74
C GLU C 58 29.40 -4.73 16.12
N GLY C 59 29.48 -5.95 16.65
CA GLY C 59 30.73 -6.55 17.08
C GLY C 59 31.78 -6.62 16.00
N TRP C 60 31.34 -6.87 14.76
CA TRP C 60 32.24 -7.01 13.63
C TRP C 60 32.83 -5.67 13.16
N ILE C 61 31.99 -4.67 12.92
CA ILE C 61 32.48 -3.38 12.43
C ILE C 61 33.17 -2.57 13.51
N LEU C 62 32.86 -2.83 14.78
CA LEU C 62 33.59 -2.19 15.87
C LEU C 62 34.92 -2.89 16.14
N GLY C 63 34.99 -4.18 15.82
CA GLY C 63 36.20 -4.94 16.00
C GLY C 63 36.32 -5.55 17.38
N ASN C 64 35.25 -6.16 17.86
CA ASN C 64 35.29 -6.95 19.09
C ASN C 64 36.43 -7.95 19.01
N PRO C 65 37.36 -7.89 19.98
CA PRO C 65 38.58 -8.71 20.00
C PRO C 65 38.34 -10.19 19.74
N ARG C 66 37.15 -10.71 20.05
CA ARG C 66 36.86 -12.11 19.78
C ARG C 66 36.30 -12.31 18.37
N CYS C 67 36.39 -11.28 17.54
CA CYS C 67 35.93 -11.38 16.15
C CYS C 67 37.10 -11.27 15.19
N GLY C 68 38.28 -11.68 15.64
CA GLY C 68 39.50 -11.60 14.87
C GLY C 68 39.38 -12.23 13.49
N ILE C 69 38.58 -13.30 13.44
CA ILE C 69 38.29 -14.05 12.22
C ILE C 69 37.81 -13.13 11.09
N LEU C 70 37.08 -12.09 11.47
CA LEU C 70 36.45 -11.17 10.51
C LEU C 70 37.26 -9.91 10.25
N LEU C 71 38.43 -9.78 10.88
CA LEU C 71 39.21 -8.54 10.79
C LEU C 71 39.96 -8.39 9.48
N ALA C 72 39.26 -7.90 8.47
CA ALA C 72 39.84 -7.69 7.16
C ALA C 72 38.92 -6.87 6.29
N ASP C 73 39.30 -6.72 5.03
CA ASP C 73 38.40 -6.17 4.04
C ASP C 73 37.30 -7.21 3.89
N GLN C 74 36.07 -6.76 3.67
CA GLN C 74 34.99 -7.71 3.48
C GLN C 74 34.17 -7.32 2.26
N SER C 75 33.91 -8.32 1.42
CA SER C 75 33.11 -8.17 0.21
C SER C 75 32.07 -9.28 0.15
N TRP C 76 30.80 -8.89 0.15
CA TRP C 76 29.69 -9.84 0.23
C TRP C 76 28.61 -9.56 -0.82
N SER C 77 27.71 -10.53 -1.01
CA SER C 77 26.54 -10.37 -1.88
C SER C 77 25.36 -10.04 -0.99
N TYR C 78 25.39 -10.62 0.21
CA TYR C 78 24.43 -10.35 1.26
C TYR C 78 25.10 -10.73 2.58
N ILE C 79 24.53 -10.28 3.68
CA ILE C 79 25.12 -10.52 5.00
C ILE C 79 24.20 -11.40 5.79
N VAL C 80 24.76 -12.34 6.51
CA VAL C 80 23.91 -13.20 7.28
C VAL C 80 24.34 -13.04 8.75
N GLU C 81 23.39 -12.66 9.60
CA GLU C 81 23.65 -12.41 11.01
C GLU C 81 23.04 -13.54 11.83
N ARG C 82 23.84 -14.04 12.77
CA ARG C 82 23.46 -15.21 13.55
C ARG C 82 22.64 -14.89 14.80
N PRO C 83 21.57 -15.66 15.03
CA PRO C 83 20.60 -15.43 16.11
C PRO C 83 21.18 -15.29 17.51
N ASN C 84 22.12 -16.15 17.88
CA ASN C 84 22.62 -16.16 19.26
C ASN C 84 24.10 -15.81 19.38
N ALA C 85 24.56 -14.86 18.57
CA ALA C 85 25.93 -14.38 18.64
C ALA C 85 26.24 -13.70 19.98
N ARG C 86 27.32 -14.15 20.62
CA ARG C 86 27.79 -13.60 21.88
C ARG C 86 28.53 -12.27 21.72
N ASN C 87 29.36 -12.18 20.70
CA ASN C 87 30.35 -11.11 20.60
C ASN C 87 29.83 -9.86 19.89
N GLY C 88 29.40 -8.89 20.69
CA GLY C 88 28.90 -7.63 20.19
C GLY C 88 29.61 -6.46 20.86
N ILE C 89 28.84 -5.55 21.42
CA ILE C 89 29.39 -4.46 22.21
C ILE C 89 29.77 -4.97 23.60
N CYS C 90 31.04 -5.37 23.76
CA CYS C 90 31.50 -6.02 24.97
C CYS C 90 31.56 -5.08 26.18
N TYR C 91 31.99 -3.84 25.96
CA TYR C 91 32.05 -2.84 27.02
C TYR C 91 30.79 -1.99 26.98
N PRO C 92 30.05 -1.93 28.09
CA PRO C 92 28.70 -1.36 28.19
C PRO C 92 28.59 0.08 27.69
N GLY C 93 27.42 0.42 27.17
CA GLY C 93 27.18 1.72 26.54
C GLY C 93 26.31 1.54 25.31
N THR C 94 25.80 2.65 24.78
CA THR C 94 24.89 2.58 23.65
C THR C 94 25.51 3.15 22.37
N LEU C 95 25.29 2.46 21.27
CA LEU C 95 25.71 2.94 19.95
C LEU C 95 24.62 3.81 19.34
N ASN C 96 24.94 5.09 19.16
CA ASN C 96 23.97 6.04 18.62
C ASN C 96 23.60 5.71 17.18
N GLU C 97 22.30 5.80 16.87
CA GLU C 97 21.78 5.46 15.55
C GLU C 97 22.19 4.06 15.11
N ALA C 98 22.00 3.08 16.00
CA ALA C 98 22.39 1.71 15.74
C ALA C 98 21.67 1.13 14.53
N GLU C 99 20.36 1.38 14.46
CA GLU C 99 19.52 0.78 13.43
C GLU C 99 19.77 1.39 12.06
N GLU C 100 19.98 2.70 12.03
CA GLU C 100 20.38 3.38 10.79
C GLU C 100 21.73 2.89 10.29
N LEU C 101 22.58 2.48 11.22
CA LEU C 101 23.89 1.96 10.85
C LEU C 101 23.75 0.61 10.14
N LYS C 102 22.88 -0.24 10.64
CA LYS C 102 22.61 -1.53 10.00
C LYS C 102 22.05 -1.35 8.61
N ALA C 103 21.20 -0.34 8.44
CA ALA C 103 20.55 -0.11 7.17
C ALA C 103 21.56 0.39 6.14
N LEU C 104 22.55 1.16 6.61
CA LEU C 104 23.61 1.64 5.75
C LEU C 104 24.50 0.50 5.27
N ILE C 105 24.99 -0.31 6.21
CA ILE C 105 25.87 -1.43 5.89
C ILE C 105 25.13 -2.45 5.03
N GLY C 106 23.85 -2.63 5.30
CA GLY C 106 23.01 -3.52 4.51
C GLY C 106 22.93 -3.12 3.05
N SER C 107 22.98 -1.82 2.79
CA SER C 107 22.96 -1.31 1.43
C SER C 107 24.38 -1.21 0.88
N GLY C 108 25.31 -1.90 1.54
CA GLY C 108 26.70 -1.87 1.14
C GLY C 108 27.08 -3.12 0.38
N GLU C 109 28.16 -3.02 -0.41
CA GLU C 109 28.60 -4.13 -1.22
C GLU C 109 29.99 -4.57 -0.76
N ARG C 110 30.81 -3.60 -0.37
CA ARG C 110 32.19 -3.86 0.00
C ARG C 110 32.74 -2.77 0.92
N VAL C 111 33.53 -3.17 1.91
CA VAL C 111 34.21 -2.20 2.76
C VAL C 111 35.69 -2.56 2.80
N GLU C 112 36.53 -1.53 2.92
CA GLU C 112 37.96 -1.75 2.98
C GLU C 112 38.50 -1.15 4.27
N ARG C 113 39.16 -2.00 5.05
CA ARG C 113 39.70 -1.58 6.34
C ARG C 113 41.09 -0.97 6.22
N PHE C 114 41.28 0.17 6.88
CA PHE C 114 42.55 0.88 6.85
C PHE C 114 42.75 1.61 8.15
N GLU C 115 43.96 2.11 8.36
CA GLU C 115 44.29 2.85 9.57
C GLU C 115 44.10 4.34 9.35
N MET C 116 43.07 4.90 10.00
CA MET C 116 42.72 6.31 9.87
C MET C 116 43.63 7.22 10.68
N PHE C 117 43.76 6.90 11.95
CA PHE C 117 44.61 7.68 12.84
C PHE C 117 45.57 6.76 13.55
N PRO C 118 46.84 6.76 13.12
CA PRO C 118 47.88 5.97 13.79
C PRO C 118 48.10 6.45 15.21
N LYS C 119 48.67 5.61 16.07
CA LYS C 119 48.87 5.98 17.47
C LYS C 119 49.87 7.12 17.61
N SER C 120 50.69 7.32 16.58
CA SER C 120 51.66 8.42 16.58
C SER C 120 50.96 9.76 16.39
N THR C 121 49.69 9.72 16.01
CA THR C 121 48.91 10.94 15.86
C THR C 121 48.74 11.61 17.21
N TRP C 122 48.61 10.79 18.25
CA TRP C 122 48.22 11.28 19.57
C TRP C 122 49.45 11.41 20.45
N THR C 123 50.14 12.55 20.32
CA THR C 123 51.39 12.78 21.05
C THR C 123 51.14 13.22 22.49
N GLY C 124 51.87 12.62 23.42
CA GLY C 124 51.83 13.04 24.81
C GLY C 124 50.97 12.19 25.72
N VAL C 125 50.54 11.03 25.23
CA VAL C 125 49.62 10.19 25.99
C VAL C 125 49.98 8.71 25.95
N ASN C 126 49.35 7.94 26.84
CA ASN C 126 49.50 6.49 26.86
C ASN C 126 48.50 5.82 25.93
N THR C 127 48.98 5.36 24.79
CA THR C 127 48.13 4.71 23.81
C THR C 127 48.07 3.21 24.06
N GLU C 128 48.91 2.73 24.96
CA GLU C 128 48.84 1.34 25.37
C GLU C 128 48.03 1.26 26.66
N SER C 129 47.82 0.05 27.17
CA SER C 129 47.13 -0.16 28.45
C SER C 129 45.73 0.46 28.52
N GLY C 130 45.16 0.79 27.37
CA GLY C 130 43.80 1.28 27.31
C GLY C 130 42.94 0.07 27.03
N VAL C 131 42.76 -0.74 28.07
CA VAL C 131 42.22 -2.07 27.93
C VAL C 131 41.25 -2.38 29.07
N SER C 132 40.39 -3.38 28.88
CA SER C 132 39.41 -3.71 29.91
C SER C 132 39.06 -5.20 30.02
N SER C 133 38.77 -5.64 31.24
CA SER C 133 38.36 -7.02 31.50
C SER C 133 36.99 -7.31 30.91
N ALA C 134 36.27 -6.26 30.53
CA ALA C 134 34.93 -6.39 29.97
C ALA C 134 34.98 -6.82 28.51
N CYS C 135 36.15 -6.71 27.91
CA CYS C 135 36.35 -7.16 26.53
C CYS C 135 37.48 -8.18 26.47
N PRO C 136 37.29 -9.35 27.08
CA PRO C 136 38.40 -10.30 27.17
C PRO C 136 38.69 -11.00 25.86
N LEU C 137 39.97 -11.28 25.61
CA LEU C 137 40.37 -12.18 24.55
C LEU C 137 41.05 -13.33 25.26
N GLY C 138 40.37 -14.47 25.31
CA GLY C 138 40.80 -15.59 26.12
C GLY C 138 40.71 -15.17 27.58
N ASN C 139 41.83 -15.19 28.28
CA ASN C 139 41.84 -14.82 29.70
C ASN C 139 41.95 -13.32 29.97
N GLY C 140 43.05 -12.72 29.52
CA GLY C 140 43.34 -11.35 29.90
C GLY C 140 42.45 -10.34 29.20
N PRO C 141 42.55 -9.07 29.60
CA PRO C 141 41.75 -8.00 28.99
C PRO C 141 42.18 -7.66 27.57
N SER C 142 41.23 -7.17 26.78
CA SER C 142 41.50 -6.72 25.42
C SER C 142 40.52 -5.58 25.12
N PHE C 143 40.40 -5.19 23.85
CA PHE C 143 39.52 -4.08 23.49
C PHE C 143 39.26 -4.07 21.99
N TYR C 144 38.32 -3.23 21.55
CA TYR C 144 37.94 -3.12 20.14
C TYR C 144 39.15 -2.84 19.26
N ARG C 145 39.15 -3.38 18.05
CA ARG C 145 40.31 -3.30 17.18
C ARG C 145 40.26 -2.10 16.24
N ASN C 146 39.17 -1.35 16.29
CA ASN C 146 39.02 -0.17 15.45
C ASN C 146 39.03 1.09 16.28
N LEU C 147 39.05 0.92 17.59
CA LEU C 147 38.99 2.03 18.52
C LEU C 147 40.21 2.05 19.42
N LEU C 148 40.61 3.24 19.85
CA LEU C 148 41.76 3.39 20.72
C LEU C 148 41.36 4.02 22.04
N TRP C 149 41.53 3.27 23.13
CA TRP C 149 41.27 3.81 24.45
C TRP C 149 42.48 4.64 24.85
N ILE C 150 42.30 5.93 25.02
CA ILE C 150 43.42 6.78 25.38
C ILE C 150 43.29 7.25 26.81
N ILE C 151 44.29 6.92 27.62
CA ILE C 151 44.36 7.37 29.00
C ILE C 151 45.62 8.19 29.23
N LYS C 152 45.61 8.90 30.36
CA LYS C 152 46.68 9.80 30.73
C LYS C 152 47.99 9.03 30.98
N LEU C 153 49.11 9.74 30.86
CA LEU C 153 50.43 9.19 31.12
C LEU C 153 50.61 9.10 32.61
N LYS C 154 51.24 8.02 33.06
CA LYS C 154 51.43 7.77 34.47
C LYS C 154 52.24 8.88 35.13
N SER C 155 53.32 9.31 34.48
CA SER C 155 54.17 10.37 35.02
C SER C 155 53.54 11.77 35.04
N SER C 156 52.93 12.17 33.93
CA SER C 156 52.40 13.53 33.82
C SER C 156 50.91 13.54 33.57
N GLU C 157 50.42 14.66 33.05
CA GLU C 157 49.00 14.77 32.82
C GLU C 157 48.67 14.54 31.36
N TYR C 158 47.37 14.57 31.08
CA TYR C 158 46.88 14.38 29.74
C TYR C 158 46.70 15.75 29.10
N PRO C 159 47.48 16.02 28.03
CA PRO C 159 47.47 17.30 27.32
C PRO C 159 46.51 17.24 26.14
N VAL C 160 46.25 18.36 25.50
CA VAL C 160 45.38 18.37 24.33
C VAL C 160 46.04 17.55 23.24
N ILE C 161 45.27 16.64 22.66
CA ILE C 161 45.76 15.83 21.57
C ILE C 161 44.97 16.20 20.33
N ARG C 162 45.59 16.05 19.17
CA ARG C 162 44.95 16.47 17.93
C ARG C 162 45.19 15.47 16.82
N GLY C 163 44.19 15.32 15.96
CA GLY C 163 44.31 14.49 14.78
C GLY C 163 43.56 15.10 13.63
N THR C 164 44.01 14.81 12.42
CA THR C 164 43.36 15.33 11.23
C THR C 164 43.41 14.32 10.09
N PHE C 165 42.27 14.11 9.44
CA PHE C 165 42.24 13.25 8.26
C PHE C 165 41.50 13.93 7.12
N ASN C 166 42.24 14.25 6.06
CA ASN C 166 41.65 14.81 4.85
C ASN C 166 41.29 13.68 3.91
N ASN C 167 40.00 13.52 3.63
CA ASN C 167 39.56 12.47 2.71
C ASN C 167 39.62 12.94 1.27
N THR C 168 40.83 12.95 0.74
CA THR C 168 41.07 13.26 -0.67
C THR C 168 40.73 12.03 -1.49
N GLY C 169 40.40 10.96 -0.77
CA GLY C 169 40.22 9.65 -1.35
C GLY C 169 39.02 9.44 -2.25
N ASP C 170 39.03 8.28 -2.87
CA ASP C 170 37.99 7.80 -3.77
C ASP C 170 36.57 7.73 -3.18
N LYS C 171 36.43 7.08 -2.03
CA LYS C 171 35.12 6.69 -1.54
C LYS C 171 34.78 7.30 -0.19
N SER C 172 33.54 7.16 0.24
CA SER C 172 33.14 7.66 1.55
C SER C 172 33.77 6.78 2.62
N ILE C 173 34.00 7.36 3.79
CA ILE C 173 34.62 6.62 4.86
C ILE C 173 33.71 6.47 6.08
N LEU C 174 33.67 5.25 6.61
CA LEU C 174 32.88 4.93 7.78
C LEU C 174 33.81 4.71 8.96
N TYR C 175 33.66 5.55 9.97
CA TYR C 175 34.53 5.51 11.13
C TYR C 175 33.72 5.60 12.40
N PHE C 176 34.41 5.36 13.51
CA PHE C 176 33.73 5.21 14.79
C PHE C 176 34.58 5.88 15.86
N TRP C 177 33.90 6.46 16.83
CA TRP C 177 34.56 7.04 17.99
C TRP C 177 33.65 6.93 19.21
N GLY C 178 34.14 7.38 20.35
CA GLY C 178 33.38 7.33 21.59
C GLY C 178 33.84 8.35 22.62
N VAL C 179 32.99 8.53 23.63
CA VAL C 179 33.34 9.34 24.78
C VAL C 179 33.18 8.45 26.03
N HIS C 180 34.23 8.40 26.85
CA HIS C 180 34.20 7.54 28.03
C HIS C 180 33.63 8.24 29.25
N HIS C 181 32.74 7.54 29.94
CA HIS C 181 32.11 8.06 31.15
C HIS C 181 32.48 7.19 32.34
N PRO C 182 33.52 7.62 33.08
CA PRO C 182 33.89 6.93 34.32
C PRO C 182 32.74 6.89 35.31
N PRO C 183 32.68 5.86 36.16
CA PRO C 183 31.60 5.73 37.13
C PRO C 183 31.74 6.62 38.35
N VAL C 184 32.98 6.95 38.71
CA VAL C 184 33.26 7.76 39.90
C VAL C 184 34.37 8.77 39.60
N THR C 185 34.42 9.84 40.37
CA THR C 185 35.36 10.93 40.17
C THR C 185 36.82 10.46 40.21
N THR C 186 37.08 9.43 41.00
CA THR C 186 38.43 8.87 41.13
C THR C 186 39.06 8.46 39.80
N GLU C 187 38.31 7.72 38.98
CA GLU C 187 38.84 7.26 37.70
C GLU C 187 39.01 8.39 36.70
N GLN C 188 38.11 9.37 36.76
CA GLN C 188 38.22 10.57 35.93
C GLN C 188 39.54 11.28 36.20
N ASN C 189 39.84 11.48 37.48
CA ASN C 189 41.07 12.14 37.88
C ASN C 189 42.27 11.31 37.48
N ALA C 190 42.19 10.01 37.75
CA ALA C 190 43.29 9.09 37.51
C ALA C 190 43.57 8.87 36.03
N LEU C 191 42.52 8.66 35.26
CA LEU C 191 42.67 8.30 33.85
C LEU C 191 42.81 9.52 32.94
N TYR C 192 42.24 10.65 33.36
CA TYR C 192 42.10 11.79 32.46
C TYR C 192 42.53 13.11 33.12
N GLY C 193 41.90 13.44 34.25
CA GLY C 193 42.18 14.69 34.92
C GLY C 193 40.99 15.31 35.61
N SER C 194 41.26 16.23 36.53
CA SER C 194 40.22 16.81 37.39
C SER C 194 39.44 17.94 36.75
N GLY C 195 40.11 18.76 35.93
CA GLY C 195 39.48 19.92 35.31
C GLY C 195 38.33 19.60 34.37
N ASP C 196 37.95 20.58 33.56
CA ASP C 196 36.90 20.39 32.57
C ASP C 196 37.47 19.71 31.33
N ARG C 197 36.86 18.60 30.94
CA ARG C 197 37.37 17.79 29.85
C ARG C 197 36.40 17.80 28.68
N TYR C 198 36.93 17.68 27.46
CA TYR C 198 36.11 17.78 26.25
C TYR C 198 36.55 16.81 25.16
N VAL C 199 35.59 16.39 24.34
CA VAL C 199 35.86 15.63 23.14
C VAL C 199 35.32 16.40 21.94
N ARG C 200 36.18 16.73 20.98
CA ARG C 200 35.75 17.59 19.88
C ARG C 200 35.93 16.91 18.54
N MET C 201 34.83 16.83 17.78
CA MET C 201 34.87 16.27 16.44
C MET C 201 34.33 17.34 15.50
N GLY C 202 34.94 17.49 14.32
CA GLY C 202 34.47 18.49 13.39
C GLY C 202 34.82 18.24 11.94
N THR C 203 33.82 18.36 11.08
CA THR C 203 34.00 18.33 9.63
C THR C 203 33.26 19.51 9.02
N GLU C 204 33.26 19.59 7.70
CA GLU C 204 32.50 20.61 6.99
C GLU C 204 31.00 20.48 7.24
N SER C 205 30.55 19.29 7.62
CA SER C 205 29.12 19.05 7.79
C SER C 205 28.74 18.59 9.20
N MET C 206 29.73 18.43 10.08
CA MET C 206 29.44 17.99 11.44
C MET C 206 30.11 18.88 12.48
N ASN C 207 29.44 19.05 13.63
CA ASN C 207 30.04 19.68 14.79
C ASN C 207 29.69 18.88 16.03
N PHE C 208 30.70 18.31 16.67
CA PHE C 208 30.49 17.44 17.80
C PHE C 208 31.40 17.85 18.95
N ALA C 209 30.79 18.05 20.11
CA ALA C 209 31.55 18.34 21.33
C ALA C 209 30.77 17.82 22.52
N ARG C 210 31.46 17.20 23.46
CA ARG C 210 30.81 16.59 24.60
C ARG C 210 31.65 16.70 25.86
N SER C 211 31.00 16.47 27.00
CA SER C 211 31.70 16.35 28.26
C SER C 211 31.19 15.07 28.94
N PRO C 212 31.97 14.52 29.88
CA PRO C 212 31.64 13.29 30.60
C PRO C 212 30.46 13.41 31.57
N GLU C 213 29.65 12.36 31.62
CA GLU C 213 28.58 12.24 32.59
C GLU C 213 28.97 11.18 33.61
N ILE C 214 29.75 11.58 34.62
CA ILE C 214 30.25 10.62 35.58
C ILE C 214 29.09 10.15 36.44
N ALA C 215 28.83 8.85 36.43
CA ALA C 215 27.72 8.30 37.17
C ALA C 215 27.89 6.82 37.50
N ALA C 216 27.37 6.44 38.65
CA ALA C 216 27.35 5.04 39.05
C ALA C 216 26.22 4.34 38.31
N ARG C 217 26.57 3.32 37.53
CA ARG C 217 25.59 2.63 36.69
C ARG C 217 25.65 1.18 37.12
N PRO C 218 24.57 0.41 36.87
CA PRO C 218 24.62 -0.99 37.29
C PRO C 218 25.76 -1.74 36.62
N ALA C 219 26.23 -2.81 37.27
CA ALA C 219 27.38 -3.51 36.76
C ALA C 219 27.00 -4.32 35.54
N VAL C 220 27.79 -4.14 34.48
CA VAL C 220 27.68 -4.93 33.27
C VAL C 220 29.09 -5.33 32.89
N ASN C 221 29.35 -6.64 32.89
CA ASN C 221 30.70 -7.16 32.71
C ASN C 221 31.66 -6.51 33.72
N GLY C 222 31.17 -6.34 34.96
CA GLY C 222 31.98 -5.73 36.00
C GLY C 222 32.26 -4.25 35.82
N GLN C 223 31.42 -3.56 35.04
CA GLN C 223 31.68 -2.16 34.73
C GLN C 223 30.52 -1.23 35.09
N ARG C 224 30.78 -0.26 35.97
CA ARG C 224 29.78 0.75 36.30
C ARG C 224 29.91 1.97 35.41
N GLY C 225 30.97 1.98 34.61
CA GLY C 225 31.17 3.04 33.63
C GLY C 225 30.50 2.75 32.32
N ARG C 226 30.43 3.76 31.46
CA ARG C 226 29.85 3.61 30.13
C ARG C 226 30.68 4.37 29.10
N ILE C 227 30.57 3.96 27.85
CA ILE C 227 31.09 4.76 26.74
C ILE C 227 30.00 4.92 25.69
N ASP C 228 29.79 6.15 25.25
CA ASP C 228 28.85 6.46 24.18
C ASP C 228 29.50 6.26 22.81
N TYR C 229 28.99 5.29 22.05
CA TYR C 229 29.58 4.97 20.75
C TYR C 229 28.94 5.81 19.65
N PHE C 230 29.76 6.27 18.72
CA PHE C 230 29.26 7.08 17.62
C PHE C 230 29.86 6.63 16.31
N TRP C 231 29.09 6.79 15.23
CA TRP C 231 29.57 6.50 13.89
C TRP C 231 29.13 7.62 12.98
N SER C 232 29.86 7.82 11.89
CA SER C 232 29.50 8.82 10.91
C SER C 232 30.17 8.54 9.58
N ILE C 233 29.79 9.28 8.55
CA ILE C 233 30.39 9.13 7.24
C ILE C 233 31.22 10.36 6.90
N LEU C 234 32.50 10.16 6.63
CA LEU C 234 33.35 11.24 6.18
C LEU C 234 33.32 11.29 4.66
N LYS C 235 32.60 12.26 4.12
CA LYS C 235 32.42 12.37 2.68
C LYS C 235 33.73 12.67 1.98
N PRO C 236 33.86 12.23 0.71
CA PRO C 236 35.06 12.53 -0.06
C PRO C 236 35.23 14.03 -0.28
N GLY C 237 36.40 14.54 0.08
CA GLY C 237 36.65 15.97 0.03
C GLY C 237 36.65 16.60 1.41
N GLU C 238 35.83 16.04 2.30
CA GLU C 238 35.74 16.56 3.67
C GLU C 238 36.99 16.25 4.47
N THR C 239 37.06 16.81 5.67
CA THR C 239 38.24 16.69 6.52
C THR C 239 37.80 16.58 7.97
N LEU C 240 38.37 15.61 8.69
CA LEU C 240 38.02 15.40 10.09
C LEU C 240 39.07 16.03 11.01
N ASN C 241 38.62 16.93 11.88
CA ASN C 241 39.51 17.44 12.92
C ASN C 241 39.12 16.86 14.28
N VAL C 242 40.03 16.10 14.89
CA VAL C 242 39.78 15.54 16.21
C VAL C 242 40.56 16.32 17.26
N GLU C 243 39.87 16.74 18.31
CA GLU C 243 40.50 17.46 19.39
C GLU C 243 39.95 17.02 20.73
N SER C 244 40.84 16.67 21.66
CA SER C 244 40.35 16.25 22.95
C SER C 244 41.37 16.45 24.06
N ASN C 245 40.88 16.77 25.25
CA ASN C 245 41.75 16.87 26.40
C ASN C 245 41.28 15.89 27.46
N GLY C 246 40.38 14.97 27.08
CA GLY C 246 39.94 13.95 28.00
C GLY C 246 38.87 13.04 27.46
N ASN C 247 38.81 11.81 27.99
CA ASN C 247 37.66 10.95 27.79
C ASN C 247 37.41 10.52 26.34
N LEU C 248 38.43 10.62 25.49
CA LEU C 248 38.24 10.28 24.08
C LEU C 248 38.51 8.82 23.77
N ILE C 249 37.54 8.16 23.16
CA ILE C 249 37.80 6.89 22.49
C ILE C 249 37.97 7.20 21.02
N ALA C 250 39.22 7.28 20.58
CA ALA C 250 39.54 7.79 19.26
C ALA C 250 39.33 6.74 18.18
N PRO C 251 39.00 7.20 16.95
CA PRO C 251 39.02 6.32 15.79
C PRO C 251 40.44 5.82 15.56
N TRP C 252 40.59 4.59 15.08
CA TRP C 252 41.92 4.07 14.82
C TRP C 252 41.93 3.38 13.46
N TYR C 253 41.22 2.27 13.34
CA TYR C 253 40.97 1.69 12.02
C TYR C 253 39.54 2.00 11.57
N ALA C 254 39.37 2.22 10.28
CA ALA C 254 38.05 2.54 9.73
C ALA C 254 37.81 1.84 8.41
N TYR C 255 36.74 2.23 7.72
CA TYR C 255 36.33 1.55 6.51
C TYR C 255 36.03 2.50 5.36
N ARG C 256 36.67 2.27 4.22
CA ARG C 256 36.27 2.86 2.97
C ARG C 256 35.01 2.11 2.51
N PHE C 257 34.02 2.84 2.01
CA PHE C 257 32.71 2.24 1.84
C PHE C 257 32.22 2.30 0.39
N VAL C 258 31.60 1.22 -0.06
CA VAL C 258 31.10 1.12 -1.43
C VAL C 258 29.59 0.90 -1.48
N ASN C 259 28.88 1.78 -2.16
CA ASN C 259 27.44 1.63 -2.28
C ASN C 259 27.09 0.52 -3.26
N LYS C 260 26.10 -0.29 -2.89
CA LYS C 260 25.64 -1.37 -3.75
C LYS C 260 24.70 -0.76 -4.77
N ASP C 261 24.83 -1.17 -6.03
CA ASP C 261 24.05 -0.56 -7.10
C ASP C 261 22.56 -0.85 -6.90
N SER C 262 22.24 -2.06 -6.44
CA SER C 262 20.88 -2.39 -6.06
C SER C 262 20.79 -2.51 -4.53
N LYS C 263 19.68 -3.04 -4.04
CA LYS C 263 19.50 -3.23 -2.60
C LYS C 263 20.14 -4.54 -2.13
N GLY C 264 20.77 -4.48 -0.96
CA GLY C 264 21.37 -5.65 -0.34
C GLY C 264 20.49 -6.13 0.80
N ALA C 265 20.90 -7.21 1.45
CA ALA C 265 20.07 -7.79 2.50
C ALA C 265 20.89 -8.29 3.68
N ILE C 266 20.26 -8.34 4.85
CA ILE C 266 20.86 -8.92 6.04
C ILE C 266 19.88 -9.90 6.67
N PHE C 267 20.25 -11.19 6.62
CA PHE C 267 19.39 -12.25 7.11
C PHE C 267 19.78 -12.66 8.52
N ARG C 268 18.76 -12.92 9.34
CA ARG C 268 18.97 -13.44 10.69
C ARG C 268 18.56 -14.90 10.69
N SER C 269 19.53 -15.81 10.62
CA SER C 269 19.22 -17.21 10.41
C SER C 269 20.25 -18.22 10.96
N ASN C 270 19.76 -19.43 11.24
CA ASN C 270 20.60 -20.54 11.65
C ASN C 270 21.00 -21.45 10.49
N LEU C 271 20.54 -21.12 9.29
CA LEU C 271 20.74 -22.01 8.14
C LEU C 271 22.20 -22.13 7.73
N PRO C 272 22.63 -23.35 7.39
CA PRO C 272 24.00 -23.59 6.95
C PRO C 272 24.25 -23.05 5.54
N ILE C 273 25.36 -22.35 5.39
CA ILE C 273 25.84 -21.92 4.08
C ILE C 273 26.54 -23.09 3.40
N GLU C 274 26.38 -23.22 2.09
CA GLU C 274 27.05 -24.29 1.36
C GLU C 274 27.66 -23.76 0.07
N ASN C 275 28.40 -24.63 -0.63
CA ASN C 275 29.03 -24.25 -1.89
C ASN C 275 28.10 -24.44 -3.06
N CYS C 276 27.21 -23.48 -3.25
CA CYS C 276 26.19 -23.58 -4.29
C CYS C 276 25.87 -22.21 -4.85
N ASP C 277 25.22 -22.20 -6.00
CA ASP C 277 24.82 -20.95 -6.64
C ASP C 277 23.30 -20.85 -6.67
N ALA C 278 22.81 -19.62 -6.53
CA ALA C 278 21.37 -19.38 -6.55
C ALA C 278 21.11 -18.12 -7.35
N THR C 279 19.97 -18.09 -8.03
CA THR C 279 19.57 -16.90 -8.75
C THR C 279 18.79 -16.02 -7.79
N CYS C 280 18.08 -16.65 -6.86
CA CYS C 280 17.36 -15.91 -5.86
C CYS C 280 17.50 -16.57 -4.48
N GLN C 281 17.91 -15.79 -3.49
CA GLN C 281 18.09 -16.29 -2.13
C GLN C 281 17.14 -15.64 -1.12
N THR C 282 16.30 -16.46 -0.48
CA THR C 282 15.43 -15.97 0.58
C THR C 282 16.06 -16.24 1.93
N THR C 283 15.55 -15.58 2.97
CA THR C 283 16.06 -15.77 4.33
C THR C 283 15.68 -17.16 4.85
N GLU C 284 14.72 -17.81 4.22
CA GLU C 284 14.30 -19.14 4.61
C GLU C 284 14.96 -20.23 3.77
N GLY C 285 15.55 -19.84 2.64
CA GLY C 285 16.19 -20.80 1.76
C GLY C 285 16.23 -20.42 0.29
N VAL C 286 16.72 -21.33 -0.54
CA VAL C 286 16.86 -21.10 -1.98
C VAL C 286 15.64 -21.55 -2.78
N ILE C 287 15.28 -20.77 -3.79
CA ILE C 287 14.20 -21.14 -4.71
C ILE C 287 14.76 -21.41 -6.11
N ARG C 288 14.38 -22.54 -6.70
CA ARG C 288 14.77 -22.85 -8.06
C ARG C 288 13.53 -23.21 -8.87
N THR C 289 13.03 -22.25 -9.64
CA THR C 289 11.79 -22.43 -10.39
C THR C 289 11.63 -21.37 -11.45
N ASN C 290 10.73 -21.61 -12.39
CA ASN C 290 10.39 -20.61 -13.41
C ASN C 290 9.02 -20.01 -13.12
N LYS C 291 8.41 -20.46 -12.03
CA LYS C 291 7.05 -20.05 -11.69
C LYS C 291 7.00 -18.57 -11.31
N THR C 292 5.78 -18.04 -11.19
CA THR C 292 5.59 -16.60 -11.12
C THR C 292 5.37 -16.15 -9.67
N PHE C 293 4.95 -17.08 -8.83
CA PHE C 293 4.70 -16.78 -7.44
C PHE C 293 5.49 -17.71 -6.55
N GLN C 294 5.57 -17.36 -5.27
CA GLN C 294 6.32 -18.17 -4.32
C GLN C 294 5.51 -18.32 -3.06
N ASN C 295 5.88 -19.29 -2.24
CA ASN C 295 5.19 -19.53 -0.99
C ASN C 295 6.07 -19.36 0.24
N VAL C 296 7.38 -19.25 0.05
CA VAL C 296 8.33 -19.47 1.15
C VAL C 296 8.62 -18.27 2.06
N SER C 297 8.96 -17.11 1.49
CA SER C 297 9.37 -15.97 2.32
C SER C 297 9.31 -14.63 1.59
N PRO C 298 8.90 -13.57 2.30
CA PRO C 298 8.87 -12.22 1.72
C PRO C 298 10.25 -11.55 1.69
N LEU C 299 11.21 -12.10 2.42
CA LEU C 299 12.53 -11.50 2.52
C LEU C 299 13.52 -12.28 1.67
N TRP C 300 14.04 -11.65 0.64
CA TRP C 300 14.95 -12.32 -0.29
C TRP C 300 15.87 -11.41 -1.06
N ILE C 301 16.96 -11.98 -1.57
CA ILE C 301 17.90 -11.25 -2.40
C ILE C 301 17.98 -11.97 -3.75
N GLY C 302 18.13 -11.22 -4.83
CA GLY C 302 18.20 -11.78 -6.16
C GLY C 302 16.89 -11.57 -6.89
N GLU C 303 16.46 -12.55 -7.68
CA GLU C 303 15.19 -12.44 -8.38
C GLU C 303 14.23 -13.59 -8.11
N CYS C 304 13.26 -13.38 -7.21
CA CYS C 304 12.29 -14.42 -6.84
C CYS C 304 10.92 -14.11 -7.40
N PRO C 305 10.09 -15.15 -7.54
CA PRO C 305 8.69 -14.96 -7.87
C PRO C 305 7.96 -14.24 -6.73
N LYS C 306 6.87 -13.55 -7.06
CA LYS C 306 6.12 -12.75 -6.08
C LYS C 306 5.66 -13.59 -4.89
N TYR C 307 5.75 -13.01 -3.70
CA TYR C 307 5.33 -13.71 -2.50
C TYR C 307 3.85 -13.50 -2.21
N VAL C 308 3.13 -14.61 -2.06
CA VAL C 308 1.72 -14.57 -1.71
C VAL C 308 1.43 -15.60 -0.63
N LYS C 309 0.23 -15.56 -0.07
CA LYS C 309 -0.14 -16.41 1.04
C LYS C 309 -0.77 -17.71 0.54
N SER C 310 -1.02 -17.76 -0.76
CA SER C 310 -1.68 -18.88 -1.42
C SER C 310 -0.95 -20.19 -1.21
N LYS C 311 -1.70 -21.30 -1.22
CA LYS C 311 -1.09 -22.62 -1.18
C LYS C 311 -0.95 -23.14 -2.61
N SER C 312 -1.86 -22.69 -3.48
CA SER C 312 -1.84 -23.10 -4.88
C SER C 312 -2.49 -22.05 -5.77
N LEU C 313 -1.85 -21.77 -6.90
CA LEU C 313 -2.41 -20.88 -7.91
C LEU C 313 -2.27 -21.55 -9.27
N ARG C 314 -3.27 -22.34 -9.64
CA ARG C 314 -3.18 -23.14 -10.86
C ARG C 314 -4.16 -22.69 -11.94
N LEU C 315 -3.62 -22.21 -13.05
CA LEU C 315 -4.45 -21.86 -14.20
C LEU C 315 -4.80 -23.11 -14.99
N ALA C 316 -6.06 -23.23 -15.36
CA ALA C 316 -6.48 -24.27 -16.28
C ALA C 316 -6.17 -23.82 -17.70
N THR C 317 -5.54 -24.71 -18.48
CA THR C 317 -5.27 -24.40 -19.87
C THR C 317 -6.04 -25.36 -20.76
N GLY C 318 -6.13 -26.61 -20.31
CA GLY C 318 -6.95 -27.59 -21.00
C GLY C 318 -8.41 -27.39 -20.70
N LEU C 319 -9.20 -28.44 -20.84
CA LEU C 319 -10.63 -28.35 -20.66
C LEU C 319 -11.14 -29.36 -19.65
N ARG C 320 -12.42 -29.25 -19.31
CA ARG C 320 -13.04 -30.14 -18.32
C ARG C 320 -12.89 -31.59 -18.76
N ASN C 321 -12.20 -32.39 -17.95
CA ASN C 321 -11.88 -33.76 -18.32
C ASN C 321 -12.99 -34.77 -18.00
N VAL C 322 -13.64 -35.29 -19.03
CA VAL C 322 -14.79 -36.17 -18.86
C VAL C 322 -14.62 -37.49 -19.61
N PRO C 323 -13.97 -38.48 -18.97
CA PRO C 323 -13.80 -39.81 -19.57
C PRO C 323 -15.10 -40.60 -19.68
N GLY D 1 -21.29 -17.79 -19.88
CA GLY D 1 -22.00 -18.94 -19.36
C GLY D 1 -21.67 -20.21 -20.12
N LEU D 2 -22.25 -21.33 -19.68
CA LEU D 2 -22.08 -22.60 -20.36
C LEU D 2 -22.68 -22.52 -21.76
N PHE D 3 -21.95 -23.01 -22.76
CA PHE D 3 -22.46 -23.02 -24.13
C PHE D 3 -23.10 -24.38 -24.40
N GLY D 4 -23.15 -25.20 -23.36
CA GLY D 4 -23.93 -26.42 -23.37
C GLY D 4 -23.42 -27.62 -24.15
N ALA D 5 -22.20 -27.53 -24.67
CA ALA D 5 -21.64 -28.64 -25.43
C ALA D 5 -20.88 -29.60 -24.53
N ILE D 6 -19.76 -29.15 -24.00
CA ILE D 6 -18.93 -29.97 -23.11
C ILE D 6 -19.69 -30.25 -21.81
N ALA D 7 -19.79 -31.54 -21.48
CA ALA D 7 -20.60 -32.00 -20.34
C ALA D 7 -22.03 -31.50 -20.49
N GLY D 8 -22.43 -31.26 -21.74
CA GLY D 8 -23.77 -30.79 -22.05
C GLY D 8 -24.48 -31.77 -22.96
N PHE D 9 -24.87 -31.32 -24.15
CA PHE D 9 -25.58 -32.23 -25.06
C PHE D 9 -24.61 -33.26 -25.64
N ILE D 10 -23.32 -32.94 -25.59
CA ILE D 10 -22.28 -33.94 -25.84
C ILE D 10 -21.79 -34.43 -24.48
N GLU D 11 -22.35 -35.55 -24.03
CA GLU D 11 -22.22 -35.97 -22.62
C GLU D 11 -20.79 -36.21 -22.14
N GLY D 12 -19.91 -36.65 -23.02
CA GLY D 12 -18.59 -37.06 -22.57
C GLY D 12 -17.45 -36.80 -23.54
N GLY D 13 -16.24 -36.96 -23.02
CA GLY D 13 -15.04 -36.74 -23.80
C GLY D 13 -14.51 -37.99 -24.47
N TRP D 14 -13.44 -37.84 -25.22
CA TRP D 14 -12.84 -38.94 -25.97
C TRP D 14 -11.39 -39.19 -25.59
N THR D 15 -11.13 -40.27 -24.87
CA THR D 15 -9.77 -40.67 -24.56
C THR D 15 -9.07 -41.22 -25.81
N GLY D 16 -9.85 -41.44 -26.86
CA GLY D 16 -9.32 -41.97 -28.11
C GLY D 16 -8.73 -40.92 -29.03
N MET D 17 -9.02 -39.67 -28.74
CA MET D 17 -8.49 -38.56 -29.53
C MET D 17 -7.34 -37.90 -28.79
N ILE D 18 -6.12 -38.12 -29.28
CA ILE D 18 -4.93 -37.77 -28.51
C ILE D 18 -4.05 -36.72 -29.18
N ASP D 19 -4.48 -36.21 -30.32
CA ASP D 19 -3.70 -35.20 -31.02
C ASP D 19 -4.37 -33.82 -31.03
N GLY D 20 -5.37 -33.62 -30.18
CA GLY D 20 -6.05 -32.35 -30.12
C GLY D 20 -7.16 -32.24 -29.08
N TRP D 21 -7.63 -31.01 -28.87
CA TRP D 21 -8.70 -30.73 -27.92
C TRP D 21 -10.08 -30.91 -28.54
N TYR D 22 -10.19 -30.53 -29.82
CA TYR D 22 -11.48 -30.51 -30.51
C TYR D 22 -11.37 -31.41 -31.72
N GLY D 23 -12.40 -32.20 -32.01
CA GLY D 23 -12.29 -33.09 -33.15
C GLY D 23 -13.49 -33.90 -33.60
N TYR D 24 -13.18 -34.95 -34.33
CA TYR D 24 -14.18 -35.70 -35.08
C TYR D 24 -14.10 -37.19 -34.80
N HIS D 25 -15.24 -37.87 -34.94
CA HIS D 25 -15.27 -39.33 -35.01
C HIS D 25 -16.20 -39.73 -36.15
N HIS D 26 -15.74 -40.63 -36.99
CA HIS D 26 -16.52 -41.02 -38.15
C HIS D 26 -16.71 -42.52 -38.25
N GLU D 27 -17.72 -42.92 -39.03
CA GLU D 27 -17.98 -44.32 -39.30
C GLU D 27 -18.46 -44.43 -40.74
N ASN D 28 -17.75 -45.24 -41.52
CA ASN D 28 -18.10 -45.47 -42.92
C ASN D 28 -17.77 -46.91 -43.32
N SER D 29 -17.83 -47.20 -44.61
CA SER D 29 -17.55 -48.54 -45.10
C SER D 29 -16.11 -49.02 -44.88
N GLN D 30 -15.18 -48.10 -44.60
CA GLN D 30 -13.79 -48.51 -44.35
C GLN D 30 -13.45 -48.67 -42.88
N GLY D 31 -14.25 -48.07 -42.01
CA GLY D 31 -14.04 -48.25 -40.58
C GLY D 31 -14.36 -47.03 -39.76
N SER D 32 -13.67 -46.87 -38.64
CA SER D 32 -13.88 -45.75 -37.74
C SER D 32 -12.58 -45.14 -37.23
N GLY D 33 -12.65 -43.93 -36.73
CA GLY D 33 -11.48 -43.29 -36.17
C GLY D 33 -11.67 -41.87 -35.66
N TYR D 34 -10.74 -41.43 -34.83
CA TYR D 34 -10.73 -40.08 -34.30
C TYR D 34 -9.79 -39.19 -35.10
N ALA D 35 -10.10 -37.91 -35.18
CA ALA D 35 -9.23 -36.95 -35.84
C ALA D 35 -9.44 -35.55 -35.28
N ALA D 36 -8.37 -34.93 -34.82
CA ALA D 36 -8.46 -33.60 -34.25
C ALA D 36 -8.65 -32.57 -35.36
N ASP D 37 -9.32 -31.48 -35.02
CA ASP D 37 -9.45 -30.35 -35.92
C ASP D 37 -8.28 -29.40 -35.68
N LYS D 38 -7.28 -29.46 -36.55
CA LYS D 38 -6.03 -28.76 -36.31
C LYS D 38 -6.17 -27.25 -36.29
N GLU D 39 -7.12 -26.72 -37.04
CA GLU D 39 -7.37 -25.28 -37.08
C GLU D 39 -7.79 -24.75 -35.71
N SER D 40 -9.00 -25.10 -35.29
CA SER D 40 -9.57 -24.60 -34.06
C SER D 40 -8.79 -24.97 -32.79
N THR D 41 -8.14 -26.13 -32.81
CA THR D 41 -7.32 -26.54 -31.69
C THR D 41 -6.09 -25.64 -31.54
N GLN D 42 -5.47 -25.31 -32.67
CA GLN D 42 -4.29 -24.44 -32.69
C GLN D 42 -4.66 -23.03 -32.26
N LYS D 43 -5.83 -22.56 -32.72
CA LYS D 43 -6.30 -21.22 -32.37
C LYS D 43 -6.56 -21.13 -30.87
N ALA D 44 -7.03 -22.23 -30.30
CA ALA D 44 -7.28 -22.30 -28.87
C ALA D 44 -5.96 -22.25 -28.11
N ILE D 45 -4.95 -22.93 -28.64
CA ILE D 45 -3.64 -22.95 -28.00
C ILE D 45 -2.99 -21.57 -28.01
N ASP D 46 -3.09 -20.88 -29.14
CA ASP D 46 -2.51 -19.54 -29.26
C ASP D 46 -3.16 -18.54 -28.30
N GLY D 47 -4.48 -18.60 -28.17
CA GLY D 47 -5.19 -17.71 -27.28
C GLY D 47 -4.89 -17.94 -25.81
N ILE D 48 -4.95 -19.20 -25.39
CA ILE D 48 -4.74 -19.54 -24.00
C ILE D 48 -3.28 -19.33 -23.58
N THR D 49 -2.34 -19.68 -24.46
CA THR D 49 -0.93 -19.40 -24.22
C THR D 49 -0.70 -17.90 -24.06
N ASN D 50 -1.37 -17.12 -24.90
CA ASN D 50 -1.28 -15.67 -24.83
C ASN D 50 -1.87 -15.19 -23.50
N LYS D 51 -2.98 -15.82 -23.14
CA LYS D 51 -3.68 -15.53 -21.90
C LYS D 51 -2.77 -15.80 -20.69
N VAL D 52 -2.06 -16.92 -20.73
CA VAL D 52 -1.20 -17.29 -19.62
C VAL D 52 0.04 -16.39 -19.55
N ASN D 53 0.59 -16.07 -20.72
CA ASN D 53 1.76 -15.20 -20.77
C ASN D 53 1.42 -13.77 -20.36
N SER D 54 0.27 -13.29 -20.79
CA SER D 54 -0.17 -11.95 -20.41
C SER D 54 -0.40 -11.83 -18.91
N ILE D 55 -1.01 -12.85 -18.30
CA ILE D 55 -1.23 -12.81 -16.86
C ILE D 55 0.08 -12.85 -16.11
N ILE D 56 0.97 -13.76 -16.50
CA ILE D 56 2.30 -13.85 -15.90
C ILE D 56 3.07 -12.54 -16.03
N ASP D 57 2.90 -11.88 -17.18
CA ASP D 57 3.60 -10.63 -17.46
C ASP D 57 3.11 -9.48 -16.60
N LYS D 58 1.83 -9.48 -16.24
CA LYS D 58 1.29 -8.40 -15.43
C LYS D 58 1.58 -8.67 -13.96
N MET D 59 1.99 -9.89 -13.67
CA MET D 59 2.41 -10.28 -12.33
C MET D 59 3.92 -10.12 -12.17
N ASN D 60 4.55 -9.49 -13.16
CA ASN D 60 6.01 -9.44 -13.23
C ASN D 60 6.66 -8.70 -12.07
N THR D 61 6.13 -7.52 -11.73
CA THR D 61 6.69 -6.73 -10.63
C THR D 61 6.48 -7.43 -9.29
N GLN D 62 7.26 -7.05 -8.30
CA GLN D 62 7.10 -7.61 -6.96
C GLN D 62 7.18 -6.49 -5.92
N PHE D 63 6.34 -6.56 -4.89
CA PHE D 63 6.58 -5.78 -3.71
C PHE D 63 7.63 -6.49 -2.88
N GLU D 64 8.66 -5.75 -2.46
CA GLU D 64 9.77 -6.37 -1.76
C GLU D 64 9.97 -5.79 -0.37
N ALA D 65 9.59 -6.57 0.64
CA ALA D 65 9.80 -6.16 2.02
C ALA D 65 11.29 -6.22 2.33
N VAL D 66 11.70 -5.55 3.39
CA VAL D 66 13.10 -5.53 3.79
C VAL D 66 13.24 -5.90 5.25
N GLY D 67 14.48 -6.09 5.70
CA GLY D 67 14.72 -6.51 7.07
C GLY D 67 15.29 -5.43 7.97
N HIS D 68 14.90 -4.19 7.72
CA HIS D 68 15.31 -3.07 8.58
C HIS D 68 14.84 -3.28 10.01
N GLU D 69 15.61 -2.75 10.96
CA GLU D 69 15.29 -2.95 12.36
C GLU D 69 14.83 -1.64 13.00
N PHE D 70 14.13 -1.76 14.12
CA PHE D 70 13.56 -0.60 14.78
C PHE D 70 13.78 -0.70 16.28
N SER D 71 14.06 0.43 16.91
CA SER D 71 14.27 0.47 18.35
C SER D 71 12.94 0.38 19.08
N ASN D 72 12.99 0.34 20.41
CA ASN D 72 11.79 0.29 21.21
C ASN D 72 11.12 1.65 21.29
N LEU D 73 11.78 2.66 20.74
CA LEU D 73 11.20 4.00 20.62
C LEU D 73 10.76 4.28 19.19
N GLU D 74 10.68 3.23 18.37
CA GLU D 74 10.22 3.36 17.01
C GLU D 74 9.09 2.38 16.74
N ARG D 75 8.33 2.07 17.79
CA ARG D 75 7.18 1.17 17.72
C ARG D 75 6.19 1.56 16.62
N ARG D 76 5.96 2.85 16.48
CA ARG D 76 4.99 3.35 15.51
C ARG D 76 5.49 3.12 14.09
N ILE D 77 6.74 3.49 13.84
CA ILE D 77 7.34 3.34 12.52
C ILE D 77 7.52 1.86 12.19
N ASP D 78 7.71 1.06 13.23
CA ASP D 78 7.77 -0.38 13.11
C ASP D 78 6.41 -0.91 12.68
N ASN D 79 5.37 -0.44 13.37
CA ASN D 79 4.00 -0.85 13.09
C ASN D 79 3.55 -0.38 11.72
N LEU D 80 4.03 0.78 11.30
CA LEU D 80 3.64 1.34 10.02
C LEU D 80 4.17 0.48 8.89
N ASN D 81 5.45 0.12 8.99
CA ASN D 81 6.10 -0.77 8.03
C ASN D 81 5.37 -2.11 7.90
N LYS D 82 5.06 -2.72 9.03
CA LYS D 82 4.43 -4.04 9.05
C LYS D 82 3.07 -3.99 8.36
N ARG D 83 2.27 -2.99 8.69
CA ARG D 83 0.94 -2.84 8.09
C ARG D 83 1.03 -2.54 6.60
N MET D 84 2.16 -2.00 6.17
CA MET D 84 2.40 -1.77 4.75
C MET D 84 2.76 -3.09 4.07
N GLU D 85 3.69 -3.83 4.65
CA GLU D 85 4.13 -5.10 4.09
C GLU D 85 2.96 -6.08 4.03
N ASP D 86 2.18 -6.11 5.10
CA ASP D 86 0.99 -6.96 5.15
C ASP D 86 -0.09 -6.43 4.22
N GLY D 87 -0.10 -5.11 4.04
CA GLY D 87 -1.07 -4.46 3.18
C GLY D 87 -0.95 -4.91 1.73
N PHE D 88 0.24 -4.77 1.16
CA PHE D 88 0.46 -5.16 -0.23
C PHE D 88 0.43 -6.67 -0.40
N LEU D 89 0.76 -7.40 0.65
CA LEU D 89 0.69 -8.85 0.60
C LEU D 89 -0.75 -9.31 0.42
N ASP D 90 -1.66 -8.72 1.22
CA ASP D 90 -3.08 -9.02 1.10
C ASP D 90 -3.66 -8.61 -0.24
N VAL D 91 -3.13 -7.54 -0.82
CA VAL D 91 -3.63 -7.03 -2.09
C VAL D 91 -3.27 -7.94 -3.25
N TRP D 92 -2.01 -8.37 -3.30
CA TRP D 92 -1.57 -9.25 -4.38
C TRP D 92 -2.07 -10.68 -4.17
N THR D 93 -2.18 -11.09 -2.91
CA THR D 93 -2.78 -12.39 -2.60
C THR D 93 -4.19 -12.43 -3.16
N TYR D 94 -4.95 -11.37 -2.91
CA TYR D 94 -6.29 -11.21 -3.46
C TYR D 94 -6.32 -11.19 -4.99
N ASN D 95 -5.48 -10.33 -5.59
CA ASN D 95 -5.49 -10.14 -7.03
C ASN D 95 -5.19 -11.43 -7.79
N ALA D 96 -4.28 -12.23 -7.27
CA ALA D 96 -3.87 -13.46 -7.93
C ALA D 96 -4.93 -14.54 -7.76
N GLU D 97 -5.37 -14.74 -6.53
CA GLU D 97 -6.29 -15.83 -6.21
C GLU D 97 -7.64 -15.62 -6.87
N LEU D 98 -8.09 -14.38 -6.92
CA LEU D 98 -9.39 -14.08 -7.50
C LEU D 98 -9.31 -14.17 -9.02
N LEU D 99 -8.18 -13.78 -9.58
CA LEU D 99 -8.00 -13.79 -11.02
C LEU D 99 -7.99 -15.22 -11.53
N VAL D 100 -7.38 -16.12 -10.76
CA VAL D 100 -7.33 -17.53 -11.13
C VAL D 100 -8.73 -18.12 -11.19
N LEU D 101 -9.54 -17.81 -10.18
CA LEU D 101 -10.91 -18.31 -10.13
C LEU D 101 -11.71 -17.82 -11.33
N LEU D 102 -11.63 -16.53 -11.59
CA LEU D 102 -12.43 -15.92 -12.64
C LEU D 102 -12.00 -16.34 -14.03
N GLU D 103 -10.69 -16.46 -14.24
CA GLU D 103 -10.20 -16.77 -15.58
C GLU D 103 -10.18 -18.28 -15.85
N ASN D 104 -10.17 -19.09 -14.80
CA ASN D 104 -10.41 -20.52 -14.99
C ASN D 104 -11.80 -20.74 -15.55
N GLU D 105 -12.77 -20.00 -15.00
CA GLU D 105 -14.14 -20.04 -15.49
C GLU D 105 -14.21 -19.68 -16.96
N ARG D 106 -13.58 -18.56 -17.34
CA ARG D 106 -13.56 -18.12 -18.73
C ARG D 106 -12.91 -19.14 -19.65
N THR D 107 -11.78 -19.70 -19.20
CA THR D 107 -11.03 -20.66 -20.00
C THR D 107 -11.86 -21.92 -20.29
N LEU D 108 -12.56 -22.41 -19.27
CA LEU D 108 -13.37 -23.60 -19.43
C LEU D 108 -14.56 -23.29 -20.35
N ASP D 109 -15.14 -22.12 -20.17
CA ASP D 109 -16.23 -21.68 -21.05
C ASP D 109 -15.72 -21.52 -22.48
N LEU D 110 -14.46 -21.12 -22.62
CA LEU D 110 -13.89 -20.90 -23.93
C LEU D 110 -13.86 -22.18 -24.75
N HIS D 111 -13.39 -23.26 -24.15
CA HIS D 111 -13.38 -24.56 -24.81
C HIS D 111 -14.79 -24.97 -25.18
N ASP D 112 -15.72 -24.76 -24.27
CA ASP D 112 -17.12 -25.08 -24.52
C ASP D 112 -17.64 -24.34 -25.76
N ALA D 113 -17.30 -23.06 -25.88
CA ALA D 113 -17.74 -22.25 -27.01
C ALA D 113 -17.13 -22.73 -28.31
N ASN D 114 -15.84 -23.08 -28.27
CA ASN D 114 -15.13 -23.53 -29.46
C ASN D 114 -15.68 -24.86 -29.98
N VAL D 115 -15.99 -25.76 -29.06
CA VAL D 115 -16.65 -27.02 -29.43
C VAL D 115 -18.03 -26.70 -29.99
N LYS D 116 -18.76 -25.82 -29.30
CA LYS D 116 -20.08 -25.38 -29.74
C LYS D 116 -20.05 -24.81 -31.15
N ASN D 117 -19.09 -23.94 -31.43
CA ASN D 117 -18.98 -23.32 -32.75
C ASN D 117 -18.65 -24.35 -33.81
N LEU D 118 -17.77 -25.29 -33.46
CA LEU D 118 -17.35 -26.33 -34.40
C LEU D 118 -18.51 -27.24 -34.77
N HIS D 119 -19.33 -27.57 -33.79
CA HIS D 119 -20.54 -28.36 -34.05
C HIS D 119 -21.48 -27.64 -35.01
N GLU D 120 -21.65 -26.34 -34.82
CA GLU D 120 -22.48 -25.54 -35.72
C GLU D 120 -21.89 -25.46 -37.14
N LYS D 121 -20.58 -25.29 -37.22
CA LYS D 121 -19.90 -25.13 -38.50
C LYS D 121 -20.12 -26.36 -39.37
N VAL D 122 -20.18 -27.53 -38.74
CA VAL D 122 -20.43 -28.78 -39.43
C VAL D 122 -21.91 -28.95 -39.76
N ARG D 123 -22.77 -28.68 -38.77
CA ARG D 123 -24.22 -28.79 -38.97
C ARG D 123 -24.67 -27.88 -40.11
N SER D 124 -24.07 -26.69 -40.18
CA SER D 124 -24.43 -25.70 -41.18
C SER D 124 -24.17 -26.21 -42.60
N GLN D 125 -23.19 -27.09 -42.76
CA GLN D 125 -22.86 -27.63 -44.08
C GLN D 125 -23.75 -28.78 -44.51
N LEU D 126 -23.90 -29.78 -43.65
CA LEU D 126 -24.62 -31.00 -44.01
C LEU D 126 -26.09 -30.72 -44.32
N ARG D 127 -26.67 -29.78 -43.56
CA ARG D 127 -28.06 -29.41 -43.71
C ARG D 127 -28.97 -30.62 -43.58
N ASP D 128 -29.80 -30.87 -44.58
CA ASP D 128 -30.72 -32.01 -44.53
C ASP D 128 -30.17 -33.26 -45.19
N ASN D 129 -28.87 -33.24 -45.54
CA ASN D 129 -28.22 -34.46 -46.01
C ASN D 129 -27.84 -35.37 -44.85
N ALA D 130 -27.95 -34.83 -43.65
CA ALA D 130 -27.61 -35.58 -42.45
C ALA D 130 -28.66 -35.40 -41.37
N ASN D 131 -28.70 -36.35 -40.44
CA ASN D 131 -29.64 -36.32 -39.32
C ASN D 131 -28.98 -35.83 -38.03
N ASP D 132 -29.48 -34.72 -37.48
CA ASP D 132 -28.94 -34.18 -36.24
C ASP D 132 -29.52 -34.97 -35.05
N LEU D 133 -28.72 -35.86 -34.49
CA LEU D 133 -29.17 -36.73 -33.40
C LEU D 133 -29.29 -36.01 -32.06
N GLY D 134 -28.86 -34.75 -32.02
CA GLY D 134 -28.99 -33.95 -30.82
C GLY D 134 -27.89 -34.17 -29.79
N ASN D 135 -27.05 -35.17 -30.04
CA ASN D 135 -25.96 -35.50 -29.13
C ASN D 135 -24.59 -35.17 -29.70
N GLY D 136 -24.56 -34.34 -30.73
CA GLY D 136 -23.31 -33.96 -31.36
C GLY D 136 -22.95 -34.86 -32.54
N CYS D 137 -23.79 -35.84 -32.82
CA CYS D 137 -23.56 -36.77 -33.92
C CYS D 137 -24.49 -36.51 -35.09
N PHE D 138 -24.04 -36.88 -36.28
CA PHE D 138 -24.85 -36.73 -37.48
C PHE D 138 -24.91 -38.04 -38.26
N GLU D 139 -26.12 -38.45 -38.65
CA GLU D 139 -26.29 -39.63 -39.50
C GLU D 139 -26.55 -39.23 -40.95
N PHE D 140 -25.69 -39.69 -41.86
CA PHE D 140 -25.81 -39.34 -43.27
C PHE D 140 -26.94 -40.12 -43.95
N TRP D 141 -27.73 -39.40 -44.75
CA TRP D 141 -28.75 -40.03 -45.58
C TRP D 141 -28.15 -40.61 -46.85
N HIS D 142 -26.82 -40.71 -46.89
CA HIS D 142 -26.15 -41.29 -48.03
C HIS D 142 -24.86 -42.00 -47.66
N LYS D 143 -24.18 -42.49 -48.69
CA LYS D 143 -22.91 -43.19 -48.53
C LYS D 143 -21.80 -42.15 -48.47
N CYS D 144 -21.06 -42.15 -47.38
CA CYS D 144 -20.05 -41.11 -47.17
C CYS D 144 -18.69 -41.74 -46.93
N ASN D 145 -17.88 -41.81 -47.97
CA ASN D 145 -16.56 -42.43 -47.89
C ASN D 145 -15.54 -41.56 -47.15
N ASN D 146 -14.29 -42.01 -47.13
CA ASN D 146 -13.23 -41.27 -46.45
C ASN D 146 -13.03 -39.87 -47.02
N GLU D 147 -13.08 -39.74 -48.34
CA GLU D 147 -12.97 -38.43 -48.98
C GLU D 147 -14.16 -37.55 -48.61
N CYS D 148 -15.33 -38.17 -48.55
CA CYS D 148 -16.54 -37.47 -48.12
C CYS D 148 -16.35 -36.92 -46.71
N MET D 149 -15.93 -37.80 -45.80
CA MET D 149 -15.63 -37.41 -44.42
C MET D 149 -14.58 -36.29 -44.40
N GLU D 150 -13.58 -36.42 -45.26
CA GLU D 150 -12.48 -35.45 -45.31
C GLU D 150 -12.99 -34.04 -45.61
N SER D 151 -13.87 -33.94 -46.61
CA SER D 151 -14.43 -32.65 -47.00
C SER D 151 -15.21 -32.00 -45.87
N VAL D 152 -15.89 -32.83 -45.08
CA VAL D 152 -16.63 -32.35 -43.92
C VAL D 152 -15.67 -31.76 -42.89
N LYS D 153 -14.59 -32.49 -42.63
CA LYS D 153 -13.60 -32.07 -41.65
C LYS D 153 -12.91 -30.79 -42.11
N ASN D 154 -12.54 -30.76 -43.40
CA ASN D 154 -11.86 -29.59 -43.97
C ASN D 154 -12.82 -28.44 -44.25
N GLY D 155 -14.11 -28.70 -44.13
CA GLY D 155 -15.10 -27.65 -44.32
C GLY D 155 -15.49 -27.42 -45.77
N THR D 156 -15.26 -28.41 -46.61
CA THR D 156 -15.54 -28.26 -48.04
C THR D 156 -16.54 -29.29 -48.56
N TYR D 157 -17.49 -29.67 -47.70
CA TYR D 157 -18.52 -30.62 -48.08
C TYR D 157 -19.38 -30.06 -49.20
N ASP D 158 -19.67 -30.89 -50.19
CA ASP D 158 -20.43 -30.46 -51.36
C ASP D 158 -21.88 -30.90 -51.23
N TYR D 159 -22.73 -30.00 -50.72
CA TYR D 159 -24.12 -30.32 -50.45
C TYR D 159 -24.91 -30.78 -51.69
N PRO D 160 -24.88 -30.03 -52.80
CA PRO D 160 -25.73 -30.46 -53.93
C PRO D 160 -25.24 -31.76 -54.57
N LYS D 161 -23.99 -32.11 -54.31
CA LYS D 161 -23.41 -33.35 -54.80
C LYS D 161 -24.19 -34.57 -54.30
N TYR D 162 -24.63 -34.51 -53.05
CA TYR D 162 -25.28 -35.64 -52.41
C TYR D 162 -26.77 -35.42 -52.18
N GLN D 163 -27.28 -34.28 -52.64
CA GLN D 163 -28.67 -33.89 -52.35
C GLN D 163 -29.74 -34.86 -52.83
N LYS D 164 -29.68 -35.25 -54.11
CA LYS D 164 -30.68 -36.16 -54.67
C LYS D 164 -30.66 -37.53 -53.99
N GLU D 165 -29.49 -38.12 -53.81
CA GLU D 165 -29.36 -39.42 -53.16
C GLU D 165 -30.03 -39.41 -51.78
N SER D 166 -29.88 -38.29 -51.08
CA SER D 166 -30.41 -38.16 -49.72
C SER D 166 -31.92 -38.18 -49.72
N ARG D 167 -32.54 -37.39 -50.59
CA ARG D 167 -34.00 -37.30 -50.63
C ARG D 167 -34.63 -38.67 -50.91
N LEU D 168 -33.96 -39.47 -51.73
CA LEU D 168 -34.45 -40.80 -52.05
C LEU D 168 -34.46 -41.75 -50.86
N ASN D 169 -33.58 -41.50 -49.89
CA ASN D 169 -33.56 -42.30 -48.67
C ASN D 169 -34.51 -41.72 -47.63
N ARG D 170 -35.04 -40.54 -47.93
CA ARG D 170 -36.01 -39.89 -47.07
C ARG D 170 -37.38 -40.00 -47.71
N GLN D 171 -37.41 -40.55 -48.92
CA GLN D 171 -38.64 -40.85 -49.63
C GLN D 171 -38.82 -42.36 -49.71
N LYS D 172 -37.94 -43.09 -49.02
CA LYS D 172 -38.03 -44.54 -48.94
C LYS D 172 -38.07 -44.99 -47.47
N ILE D 173 -37.98 -44.02 -46.57
CA ILE D 173 -38.02 -44.29 -45.14
C ILE D 173 -39.05 -43.42 -44.44
N ASP E 1 -35.16 -12.95 -54.25
CA ASP E 1 -35.16 -12.02 -53.14
C ASP E 1 -34.39 -12.55 -51.93
N LYS E 2 -33.60 -11.69 -51.31
CA LYS E 2 -32.84 -12.11 -50.15
C LYS E 2 -32.63 -10.99 -49.15
N ILE E 3 -32.36 -11.36 -47.90
CA ILE E 3 -32.00 -10.41 -46.86
C ILE E 3 -30.83 -10.98 -46.06
N CYS E 4 -29.88 -10.11 -45.71
CA CYS E 4 -28.70 -10.55 -44.98
C CYS E 4 -28.52 -9.75 -43.70
N ILE E 5 -27.89 -10.38 -42.71
CA ILE E 5 -27.55 -9.71 -41.46
C ILE E 5 -26.04 -9.56 -41.34
N GLY E 6 -25.59 -8.33 -41.08
CA GLY E 6 -24.16 -8.06 -41.04
C GLY E 6 -23.76 -7.00 -40.03
N TYR E 7 -22.46 -6.74 -39.96
CA TYR E 7 -21.90 -5.82 -38.99
C TYR E 7 -21.00 -4.78 -39.65
N HIS E 8 -20.79 -3.68 -38.95
CA HIS E 8 -20.06 -2.52 -39.47
C HIS E 8 -18.58 -2.82 -39.74
N ALA E 9 -18.02 -2.08 -40.70
CA ALA E 9 -16.58 -2.13 -40.98
C ALA E 9 -16.10 -0.79 -41.53
N ASN E 10 -14.84 -0.46 -41.31
CA ASN E 10 -14.29 0.81 -41.80
C ASN E 10 -12.81 0.77 -42.15
N ASN E 11 -12.22 1.94 -42.32
CA ASN E 11 -10.83 2.07 -42.78
C ASN E 11 -9.83 2.13 -41.63
N SER E 12 -10.33 1.99 -40.41
CA SER E 12 -9.50 2.07 -39.21
C SER E 12 -8.34 1.08 -39.23
N THR E 13 -7.19 1.52 -38.72
CA THR E 13 -6.03 0.66 -38.56
C THR E 13 -5.58 0.71 -37.11
N THR E 14 -6.35 1.42 -36.29
CA THR E 14 -6.10 1.50 -34.86
C THR E 14 -6.25 0.11 -34.26
N LYS E 15 -5.32 -0.27 -33.39
CA LYS E 15 -5.36 -1.61 -32.81
C LYS E 15 -5.44 -1.55 -31.28
N VAL E 16 -5.94 -2.63 -30.70
CA VAL E 16 -6.03 -2.77 -29.25
C VAL E 16 -5.51 -4.14 -28.86
N ASP E 17 -5.33 -4.35 -27.55
CA ASP E 17 -4.92 -5.66 -27.06
C ASP E 17 -6.06 -6.36 -26.33
N THR E 18 -6.15 -7.67 -26.53
CA THR E 18 -7.07 -8.50 -25.75
C THR E 18 -6.26 -9.55 -25.00
N ILE E 19 -6.93 -10.32 -24.16
CA ILE E 19 -6.27 -11.34 -23.36
C ILE E 19 -5.89 -12.55 -24.23
N LEU E 20 -6.60 -12.74 -25.33
CA LEU E 20 -6.39 -13.89 -26.19
C LEU E 20 -5.57 -13.57 -27.45
N GLU E 21 -5.54 -12.30 -27.82
CA GLU E 21 -4.87 -11.87 -29.05
C GLU E 21 -4.37 -10.44 -28.93
N LYS E 22 -3.19 -10.19 -29.49
CA LYS E 22 -2.61 -8.85 -29.50
C LYS E 22 -2.65 -8.25 -30.90
N ASN E 23 -2.43 -6.94 -30.98
CA ASN E 23 -2.47 -6.22 -32.25
C ASN E 23 -3.75 -6.50 -33.03
N VAL E 24 -4.89 -6.14 -32.46
CA VAL E 24 -6.19 -6.37 -33.10
C VAL E 24 -6.87 -5.09 -33.56
N THR E 25 -7.11 -4.98 -34.87
CA THR E 25 -7.72 -3.79 -35.42
C THR E 25 -9.22 -3.78 -35.12
N VAL E 26 -9.69 -2.67 -34.57
CA VAL E 26 -11.11 -2.52 -34.24
C VAL E 26 -11.66 -1.25 -34.87
N THR E 27 -12.98 -1.18 -35.03
CA THR E 27 -13.60 -0.06 -35.73
C THR E 27 -13.67 1.21 -34.89
N HIS E 28 -13.83 1.05 -33.58
CA HIS E 28 -13.93 2.20 -32.68
C HIS E 28 -13.28 1.89 -31.33
N SER E 29 -12.51 2.85 -30.83
CA SER E 29 -11.80 2.69 -29.57
C SER E 29 -11.51 4.02 -28.91
N VAL E 30 -10.99 3.99 -27.68
CA VAL E 30 -10.67 5.21 -26.96
C VAL E 30 -9.42 5.05 -26.09
N GLU E 31 -8.48 5.97 -26.26
CA GLU E 31 -7.28 6.01 -25.43
C GLU E 31 -7.57 6.61 -24.06
N LEU E 32 -7.16 5.91 -23.01
CA LEU E 32 -7.43 6.37 -21.64
C LEU E 32 -6.25 7.10 -21.01
N LEU E 33 -5.08 7.01 -21.65
CA LEU E 33 -3.86 7.61 -21.09
C LEU E 33 -3.36 8.81 -21.89
N GLU E 34 -3.00 9.87 -21.18
CA GLU E 34 -2.39 11.04 -21.81
C GLU E 34 -0.88 11.03 -21.55
N ASN E 35 -0.10 11.31 -22.59
CA ASN E 35 1.36 11.30 -22.46
C ASN E 35 1.99 12.61 -22.91
N GLN E 36 1.16 13.64 -23.10
CA GLN E 36 1.65 14.92 -23.59
C GLN E 36 1.67 15.96 -22.47
N LYS E 37 2.65 16.85 -22.55
CA LYS E 37 2.87 17.84 -21.50
C LYS E 37 3.47 19.14 -22.02
N GLU E 38 3.11 20.25 -21.38
CA GLU E 38 3.76 21.53 -21.65
C GLU E 38 4.89 21.73 -20.64
N GLU E 39 6.13 21.74 -21.12
CA GLU E 39 7.27 21.84 -20.23
C GLU E 39 7.41 23.26 -19.66
N ARG E 40 6.54 23.60 -18.73
CA ARG E 40 6.53 24.91 -18.09
C ARG E 40 5.65 24.90 -16.84
N PHE E 41 5.78 25.93 -16.01
CA PHE E 41 4.90 26.08 -14.85
C PHE E 41 3.87 27.18 -15.08
N CYS E 42 2.64 26.94 -14.65
CA CYS E 42 1.56 27.90 -14.81
C CYS E 42 0.93 28.26 -13.47
N LYS E 43 -0.19 28.98 -13.53
CA LYS E 43 -0.90 29.39 -12.33
C LYS E 43 -1.92 28.34 -11.91
N ILE E 44 -1.97 28.07 -10.61
CA ILE E 44 -3.01 27.20 -10.07
C ILE E 44 -4.02 28.10 -9.37
N SER E 45 -5.24 28.10 -9.89
CA SER E 45 -6.33 28.97 -9.40
C SER E 45 -5.89 30.45 -9.36
N ASN E 46 -5.21 30.88 -10.42
CA ASN E 46 -4.82 32.28 -10.59
C ASN E 46 -3.90 32.82 -9.49
N LYS E 47 -3.10 31.94 -8.92
CA LYS E 47 -2.07 32.36 -7.97
C LYS E 47 -0.72 31.91 -8.52
N ALA E 48 0.20 32.85 -8.69
CA ALA E 48 1.48 32.53 -9.29
C ALA E 48 2.31 31.67 -8.34
N PRO E 49 3.19 30.83 -8.89
CA PRO E 49 4.13 30.08 -8.06
C PRO E 49 5.20 30.98 -7.47
N LEU E 50 5.90 30.50 -6.45
CA LEU E 50 7.03 31.22 -5.91
C LEU E 50 8.32 30.64 -6.49
N ASP E 51 9.02 31.46 -7.28
CA ASP E 51 10.29 31.06 -7.84
C ASP E 51 11.39 31.49 -6.88
N LEU E 52 12.16 30.53 -6.40
CA LEU E 52 13.21 30.81 -5.43
C LEU E 52 14.49 31.26 -6.12
N ARG E 53 14.49 31.18 -7.45
CA ARG E 53 15.58 31.70 -8.27
C ARG E 53 16.93 31.11 -7.87
N ASP E 54 17.88 31.97 -7.52
CA ASP E 54 19.22 31.51 -7.22
C ASP E 54 19.40 31.29 -5.71
N CYS E 55 18.28 31.13 -5.00
CA CYS E 55 18.30 30.87 -3.57
C CYS E 55 17.67 29.51 -3.24
N THR E 56 18.25 28.81 -2.26
CA THR E 56 17.68 27.57 -1.77
C THR E 56 16.48 27.88 -0.88
N LEU E 57 15.77 26.85 -0.44
CA LEU E 57 14.61 27.07 0.42
C LEU E 57 15.05 27.60 1.77
N GLU E 58 16.13 27.03 2.32
CA GLU E 58 16.70 27.54 3.57
C GLU E 58 17.12 28.99 3.43
N GLY E 59 17.83 29.30 2.34
CA GLY E 59 18.34 30.63 2.11
C GLY E 59 17.27 31.70 2.11
N TRP E 60 16.09 31.36 1.61
CA TRP E 60 14.98 32.31 1.55
C TRP E 60 14.33 32.59 2.90
N ILE E 61 13.96 31.54 3.64
CA ILE E 61 13.29 31.75 4.92
C ILE E 61 14.25 32.21 6.02
N LEU E 62 15.53 31.92 5.86
CA LEU E 62 16.53 32.40 6.82
C LEU E 62 16.88 33.85 6.52
N GLY E 63 16.72 34.25 5.26
CA GLY E 63 16.99 35.62 4.85
C GLY E 63 18.44 35.87 4.49
N ASN E 64 19.04 34.97 3.72
CA ASN E 64 20.36 35.17 3.14
C ASN E 64 20.38 36.49 2.38
N PRO E 65 21.31 37.39 2.74
CA PRO E 65 21.41 38.74 2.17
C PRO E 65 21.34 38.76 0.65
N ARG E 66 21.72 37.66 0.01
CA ARG E 66 21.68 37.55 -1.43
C ARG E 66 20.31 37.07 -1.95
N CYS E 67 19.33 37.04 -1.06
CA CYS E 67 17.96 36.67 -1.44
C CYS E 67 16.99 37.82 -1.26
N GLY E 68 17.50 39.05 -1.36
CA GLY E 68 16.72 40.25 -1.13
C GLY E 68 15.43 40.34 -1.92
N ILE E 69 15.46 39.83 -3.15
CA ILE E 69 14.29 39.78 -4.02
C ILE E 69 13.13 39.06 -3.33
N LEU E 70 13.45 38.04 -2.54
CA LEU E 70 12.44 37.17 -1.97
C LEU E 70 12.05 37.55 -0.54
N LEU E 71 12.74 38.52 0.04
CA LEU E 71 12.49 38.89 1.42
C LEU E 71 11.34 39.90 1.58
N ALA E 72 10.12 39.37 1.55
CA ALA E 72 8.90 40.18 1.61
C ALA E 72 7.70 39.27 1.85
N ASP E 73 6.50 39.83 1.78
CA ASP E 73 5.30 39.00 1.81
C ASP E 73 5.27 38.11 0.58
N GLN E 74 4.86 36.86 0.75
CA GLN E 74 4.76 35.92 -0.35
C GLN E 74 3.45 35.13 -0.27
N SER E 75 2.76 35.03 -1.41
CA SER E 75 1.56 34.20 -1.48
C SER E 75 1.69 33.34 -2.73
N TRP E 76 1.70 32.02 -2.54
CA TRP E 76 1.98 31.11 -3.64
C TRP E 76 0.99 29.95 -3.71
N SER E 77 1.00 29.27 -4.87
CA SER E 77 0.18 28.09 -5.09
C SER E 77 1.05 26.85 -4.91
N TYR E 78 2.32 26.99 -5.30
CA TYR E 78 3.32 25.96 -5.11
C TYR E 78 4.68 26.63 -5.24
N ILE E 79 5.74 25.96 -4.82
CA ILE E 79 7.06 26.57 -4.86
C ILE E 79 7.95 25.77 -5.81
N VAL E 80 8.74 26.48 -6.61
CA VAL E 80 9.68 25.82 -7.51
C VAL E 80 11.09 26.20 -7.07
N GLU E 81 11.87 25.17 -6.77
CA GLU E 81 13.23 25.36 -6.31
C GLU E 81 14.16 24.96 -7.43
N ARG E 82 15.13 25.83 -7.70
CA ARG E 82 16.05 25.60 -8.80
C ARG E 82 17.16 24.69 -8.31
N PRO E 83 17.52 23.68 -9.12
CA PRO E 83 18.46 22.64 -8.75
C PRO E 83 19.81 23.15 -8.24
N ASN E 84 20.37 24.16 -8.88
CA ASN E 84 21.72 24.61 -8.55
C ASN E 84 21.78 26.04 -8.00
N ALA E 85 20.82 26.39 -7.15
CA ALA E 85 20.82 27.69 -6.49
C ALA E 85 22.08 27.83 -5.62
N ARG E 86 22.79 28.95 -5.76
CA ARG E 86 24.00 29.16 -4.97
C ARG E 86 23.71 29.50 -3.52
N ASN E 87 22.72 30.35 -3.31
CA ASN E 87 22.53 31.04 -2.04
C ASN E 87 21.68 30.27 -1.04
N GLY E 88 22.34 29.60 -0.11
CA GLY E 88 21.66 28.83 0.91
C GLY E 88 22.08 29.26 2.30
N ILE E 89 22.48 28.30 3.13
CA ILE E 89 23.02 28.64 4.43
C ILE E 89 24.45 29.15 4.24
N CYS E 90 24.58 30.46 4.12
CA CYS E 90 25.84 31.09 3.75
C CYS E 90 26.90 30.94 4.84
N TYR E 91 26.50 31.06 6.10
CA TYR E 91 27.44 30.88 7.19
C TYR E 91 27.33 29.45 7.69
N PRO E 92 28.45 28.71 7.68
CA PRO E 92 28.46 27.26 7.92
C PRO E 92 27.77 26.85 9.22
N GLY E 93 27.20 25.66 9.23
CA GLY E 93 26.39 25.18 10.34
C GLY E 93 25.20 24.40 9.83
N THR E 94 24.51 23.71 10.72
CA THR E 94 23.39 22.87 10.33
C THR E 94 22.04 23.43 10.79
N LEU E 95 21.05 23.36 9.91
CA LEU E 95 19.69 23.73 10.27
C LEU E 95 18.96 22.57 10.91
N ASN E 96 18.62 22.70 12.18
CA ASN E 96 17.95 21.64 12.92
C ASN E 96 16.53 21.41 12.39
N GLU E 97 16.16 20.14 12.25
CA GLU E 97 14.84 19.75 11.75
C GLU E 97 14.54 20.41 10.40
N ALA E 98 15.49 20.35 9.49
CA ALA E 98 15.37 21.00 8.19
C ALA E 98 14.19 20.48 7.37
N GLU E 99 14.02 19.17 7.34
CA GLU E 99 13.03 18.55 6.46
C GLU E 99 11.60 18.79 6.93
N GLU E 100 11.39 18.76 8.24
CA GLU E 100 10.09 19.09 8.82
C GLU E 100 9.71 20.54 8.53
N LEU E 101 10.73 21.40 8.45
CA LEU E 101 10.52 22.80 8.12
C LEU E 101 10.11 22.95 6.65
N LYS E 102 10.77 22.18 5.79
CA LYS E 102 10.44 22.19 4.37
C LYS E 102 9.01 21.71 4.14
N ALA E 103 8.61 20.71 4.93
CA ALA E 103 7.28 20.13 4.81
C ALA E 103 6.23 21.12 5.31
N LEU E 104 6.62 21.92 6.29
CA LEU E 104 5.76 22.96 6.83
C LEU E 104 5.48 24.01 5.77
N ILE E 105 6.54 24.51 5.15
CA ILE E 105 6.42 25.54 4.13
C ILE E 105 5.61 25.03 2.94
N GLY E 106 5.76 23.74 2.62
CA GLY E 106 5.00 23.14 1.54
C GLY E 106 3.50 23.19 1.74
N SER E 107 3.06 23.08 2.98
CA SER E 107 1.64 23.14 3.32
C SER E 107 1.18 24.58 3.58
N GLY E 108 1.95 25.56 3.12
CA GLY E 108 1.64 26.96 3.32
C GLY E 108 1.08 27.67 2.10
N GLU E 109 0.39 28.79 2.35
CA GLU E 109 -0.21 29.58 1.27
C GLU E 109 0.41 30.96 1.16
N ARG E 110 0.66 31.55 2.32
CA ARG E 110 1.05 32.94 2.38
C ARG E 110 1.81 33.25 3.67
N VAL E 111 2.82 34.10 3.57
CA VAL E 111 3.57 34.52 4.74
C VAL E 111 3.63 36.04 4.82
N GLU E 112 3.71 36.56 6.03
CA GLU E 112 3.78 38.00 6.26
C GLU E 112 5.02 38.33 7.06
N ARG E 113 5.88 39.18 6.48
CA ARG E 113 7.13 39.54 7.11
C ARG E 113 7.01 40.74 8.04
N PHE E 114 7.60 40.63 9.22
CA PHE E 114 7.57 41.71 10.19
C PHE E 114 8.80 41.65 11.07
N GLU E 115 9.02 42.72 11.84
CA GLU E 115 10.17 42.78 12.73
C GLU E 115 9.73 42.26 14.08
N MET E 116 10.21 41.09 14.46
CA MET E 116 9.83 40.49 15.74
C MET E 116 10.56 41.11 16.96
N PHE E 117 11.87 41.22 16.87
CA PHE E 117 12.67 41.79 17.95
C PHE E 117 13.54 42.91 17.39
N PRO E 118 13.17 44.17 17.68
CA PRO E 118 14.01 45.28 17.23
C PRO E 118 15.37 45.22 17.88
N LYS E 119 16.37 45.83 17.26
CA LYS E 119 17.73 45.75 17.75
C LYS E 119 17.90 46.46 19.09
N SER E 120 16.97 47.37 19.39
CA SER E 120 16.98 48.10 20.64
C SER E 120 16.56 47.22 21.82
N THR E 121 16.07 46.02 21.52
CA THR E 121 15.63 45.07 22.54
C THR E 121 16.80 44.66 23.44
N TRP E 122 17.98 44.56 22.86
CA TRP E 122 19.12 43.92 23.50
C TRP E 122 20.07 44.96 24.11
N THR E 123 19.77 45.38 25.33
CA THR E 123 20.54 46.43 25.99
C THR E 123 21.83 45.94 26.64
N GLY E 124 22.92 46.68 26.40
CA GLY E 124 24.20 46.40 27.04
C GLY E 124 25.18 45.66 26.16
N VAL E 125 24.82 45.53 24.88
CA VAL E 125 25.63 44.75 23.95
C VAL E 125 25.73 45.46 22.60
N ASN E 126 26.65 44.96 21.78
CA ASN E 126 26.81 45.42 20.42
C ASN E 126 25.88 44.68 19.46
N THR E 127 24.79 45.33 19.07
CA THR E 127 23.79 44.73 18.20
C THR E 127 24.13 45.03 16.74
N GLU E 128 25.11 45.91 16.56
CA GLU E 128 25.67 46.18 15.25
C GLU E 128 26.92 45.32 15.10
N SER E 129 27.59 45.45 13.95
CA SER E 129 28.86 44.78 13.69
C SER E 129 28.79 43.26 13.76
N GLY E 130 27.58 42.71 13.66
CA GLY E 130 27.43 41.27 13.60
C GLY E 130 27.32 40.74 12.19
N VAL E 131 28.44 40.68 11.47
CA VAL E 131 28.43 40.38 10.04
C VAL E 131 29.59 39.46 9.65
N SER E 132 29.48 38.82 8.49
CA SER E 132 30.52 37.88 8.05
C SER E 132 30.73 37.89 6.53
N SER E 133 31.97 37.63 6.12
CA SER E 133 32.34 37.54 4.71
C SER E 133 31.72 36.33 4.03
N ALA E 134 31.24 35.39 4.83
CA ALA E 134 30.60 34.19 4.29
C ALA E 134 29.16 34.48 3.90
N CYS E 135 28.63 35.58 4.41
CA CYS E 135 27.28 36.02 4.07
C CYS E 135 27.28 37.44 3.52
N PRO E 136 27.92 37.66 2.36
CA PRO E 136 28.06 39.05 1.90
C PRO E 136 26.77 39.62 1.31
N LEU E 137 26.57 40.92 1.51
CA LEU E 137 25.52 41.66 0.83
C LEU E 137 26.10 42.75 -0.05
N GLY E 138 26.05 42.55 -1.36
CA GLY E 138 26.65 43.50 -2.27
C GLY E 138 28.15 43.56 -2.12
N ASN E 139 28.64 44.71 -1.67
CA ASN E 139 30.07 44.94 -1.54
C ASN E 139 30.64 44.30 -0.27
N GLY E 140 30.19 44.79 0.87
CA GLY E 140 30.74 44.39 2.16
C GLY E 140 30.22 43.07 2.70
N PRO E 141 30.79 42.62 3.83
CA PRO E 141 30.31 41.43 4.53
C PRO E 141 28.95 41.71 5.16
N SER E 142 28.12 40.70 5.34
CA SER E 142 26.83 40.88 5.97
C SER E 142 26.37 39.64 6.72
N PHE E 143 25.07 39.56 6.99
CA PHE E 143 24.51 38.44 7.74
C PHE E 143 23.01 38.34 7.46
N TYR E 144 22.38 37.24 7.90
CA TYR E 144 20.97 36.96 7.61
C TYR E 144 20.05 38.10 8.00
N ARG E 145 18.99 38.29 7.21
CA ARG E 145 18.12 39.44 7.39
C ARG E 145 16.96 39.11 8.33
N ASN E 146 16.93 37.86 8.80
CA ASN E 146 15.95 37.43 9.78
C ASN E 146 16.61 37.10 11.11
N LEU E 147 17.93 37.12 11.14
CA LEU E 147 18.70 36.77 12.32
C LEU E 147 19.63 37.90 12.75
N LEU E 148 19.90 37.99 14.05
CA LEU E 148 20.77 39.03 14.58
C LEU E 148 22.00 38.47 15.30
N TRP E 149 23.19 38.79 14.79
CA TRP E 149 24.43 38.40 15.43
C TRP E 149 24.79 39.38 16.55
N ILE E 150 24.87 38.87 17.77
CA ILE E 150 25.20 39.71 18.92
C ILE E 150 26.57 39.36 19.52
N ILE E 151 27.45 40.36 19.62
CA ILE E 151 28.76 40.16 20.25
C ILE E 151 28.98 41.06 21.48
N LYS E 152 29.96 40.70 22.31
CA LYS E 152 30.27 41.39 23.56
C LYS E 152 30.81 42.81 23.36
N LEU E 153 30.60 43.66 24.35
CA LEU E 153 31.16 45.01 24.38
C LEU E 153 32.54 44.94 24.98
N LYS E 154 33.45 45.70 24.42
CA LYS E 154 34.79 45.73 24.94
C LYS E 154 34.78 46.38 26.32
N SER E 155 34.00 47.46 26.39
CA SER E 155 33.87 48.29 27.58
C SER E 155 33.22 47.59 28.76
N SER E 156 32.14 46.84 28.50
CA SER E 156 31.39 46.15 29.56
C SER E 156 31.34 44.65 29.30
N GLU E 157 30.93 43.86 30.29
CA GLU E 157 30.84 42.42 30.06
C GLU E 157 29.60 42.14 29.23
N TYR E 158 29.40 40.88 28.89
CA TYR E 158 28.22 40.51 28.14
C TYR E 158 27.26 40.03 29.21
N PRO E 159 26.15 40.75 29.40
CA PRO E 159 25.22 40.42 30.47
C PRO E 159 24.11 39.52 30.00
N VAL E 160 23.30 39.05 30.95
CA VAL E 160 22.13 38.29 30.58
C VAL E 160 21.28 39.28 29.83
N ILE E 161 20.81 38.90 28.66
CA ILE E 161 19.94 39.76 27.87
C ILE E 161 18.58 39.09 27.74
N ARG E 162 17.54 39.89 27.63
CA ARG E 162 16.20 39.34 27.60
C ARG E 162 15.32 40.03 26.56
N GLY E 163 14.42 39.25 25.99
CA GLY E 163 13.44 39.75 25.05
C GLY E 163 12.13 39.04 25.25
N THR E 164 11.04 39.69 24.87
CA THR E 164 9.72 39.10 25.00
C THR E 164 8.85 39.47 23.82
N PHE E 165 8.18 38.47 23.24
CA PHE E 165 7.23 38.72 22.19
C PHE E 165 5.94 37.97 22.48
N ASN E 166 4.88 38.72 22.77
CA ASN E 166 3.56 38.14 23.00
C ASN E 166 2.78 38.10 21.70
N ASN E 167 2.43 36.89 21.25
CA ASN E 167 1.67 36.75 20.01
C ASN E 167 0.17 36.91 20.26
N THR E 168 -0.25 38.15 20.42
CA THR E 168 -1.66 38.47 20.58
C THR E 168 -2.36 38.42 19.23
N GLY E 169 -1.56 38.24 18.19
CA GLY E 169 -2.01 38.33 16.82
C GLY E 169 -2.92 37.23 16.30
N ASP E 170 -3.46 37.49 15.12
CA ASP E 170 -4.31 36.58 14.39
C ASP E 170 -3.66 35.23 14.09
N LYS E 171 -2.42 35.27 13.60
CA LYS E 171 -1.82 34.09 13.00
C LYS E 171 -0.59 33.59 13.74
N SER E 172 -0.14 32.41 13.35
CA SER E 172 1.04 31.77 13.94
C SER E 172 2.32 32.47 13.48
N ILE E 173 3.37 32.35 14.29
CA ILE E 173 4.62 33.00 13.94
C ILE E 173 5.72 31.95 13.70
N LEU E 174 6.43 32.11 12.59
CA LEU E 174 7.54 31.23 12.29
C LEU E 174 8.79 32.08 12.41
N TYR E 175 9.65 31.72 13.36
CA TYR E 175 10.85 32.50 13.64
C TYR E 175 12.05 31.60 13.77
N PHE E 176 13.20 32.24 13.81
CA PHE E 176 14.48 31.54 13.74
C PHE E 176 15.47 32.21 14.67
N TRP E 177 16.34 31.39 15.24
CA TRP E 177 17.42 31.86 16.10
C TRP E 177 18.59 30.90 15.95
N GLY E 178 19.69 31.18 16.63
CA GLY E 178 20.86 30.33 16.53
C GLY E 178 21.81 30.40 17.71
N VAL E 179 22.71 29.44 17.75
CA VAL E 179 23.78 29.41 18.73
C VAL E 179 25.10 29.40 17.98
N HIS E 180 25.96 30.35 18.30
CA HIS E 180 27.25 30.45 17.61
C HIS E 180 28.32 29.62 18.31
N HIS E 181 29.06 28.86 17.52
CA HIS E 181 30.14 28.01 18.03
C HIS E 181 31.50 28.43 17.47
N PRO E 182 32.25 29.25 18.21
CA PRO E 182 33.63 29.61 17.84
C PRO E 182 34.51 28.37 17.73
N PRO E 183 35.56 28.43 16.88
CA PRO E 183 36.47 27.31 16.67
C PRO E 183 37.48 27.13 17.81
N VAL E 184 37.85 28.21 18.48
CA VAL E 184 38.80 28.14 19.58
C VAL E 184 38.35 29.02 20.74
N THR E 185 38.81 28.69 21.95
CA THR E 185 38.36 29.35 23.17
C THR E 185 38.69 30.85 23.20
N THR E 186 39.80 31.22 22.57
CA THR E 186 40.20 32.62 22.51
C THR E 186 39.09 33.48 21.93
N GLU E 187 38.50 33.00 20.83
CA GLU E 187 37.43 33.71 20.15
C GLU E 187 36.15 33.71 20.99
N GLN E 188 35.93 32.64 21.74
CA GLN E 188 34.80 32.55 22.66
C GLN E 188 34.86 33.64 23.72
N ASN E 189 36.04 33.81 24.33
CA ASN E 189 36.23 34.84 25.33
C ASN E 189 36.11 36.24 24.74
N ALA E 190 36.69 36.43 23.57
CA ALA E 190 36.71 37.73 22.91
C ALA E 190 35.31 38.19 22.53
N LEU E 191 34.51 37.28 21.98
CA LEU E 191 33.18 37.61 21.47
C LEU E 191 32.08 37.61 22.53
N TYR E 192 32.27 36.83 23.58
CA TYR E 192 31.18 36.54 24.52
C TYR E 192 31.58 36.65 25.99
N GLY E 193 32.64 35.94 26.39
CA GLY E 193 33.06 35.95 27.77
C GLY E 193 33.68 34.65 28.26
N SER E 194 34.46 34.74 29.33
CA SER E 194 35.28 33.64 29.82
C SER E 194 34.58 32.61 30.71
N GLY E 195 33.27 32.75 30.91
CA GLY E 195 32.57 31.82 31.76
C GLY E 195 31.71 30.85 30.98
N ASP E 196 30.79 30.18 31.66
CA ASP E 196 29.85 29.30 30.98
C ASP E 196 28.73 30.16 30.43
N ARG E 197 28.47 30.03 29.14
CA ARG E 197 27.50 30.86 28.45
C ARG E 197 26.34 30.03 27.95
N TYR E 198 25.16 30.63 27.86
CA TYR E 198 23.97 29.88 27.50
C TYR E 198 22.99 30.66 26.62
N VAL E 199 22.26 29.92 25.78
CA VAL E 199 21.13 30.48 25.05
C VAL E 199 19.87 29.72 25.43
N ARG E 200 18.91 30.43 26.01
CA ARG E 200 17.71 29.79 26.52
C ARG E 200 16.43 30.42 25.97
N MET E 201 15.57 29.57 25.41
CA MET E 201 14.31 29.98 24.81
C MET E 201 13.15 29.29 25.52
N GLY E 202 12.03 29.99 25.68
CA GLY E 202 10.89 29.43 26.36
C GLY E 202 9.54 30.01 26.00
N THR E 203 8.58 29.13 25.76
CA THR E 203 7.19 29.51 25.55
C THR E 203 6.30 28.68 26.46
N GLU E 204 4.98 28.86 26.34
CA GLU E 204 4.03 28.05 27.11
C GLU E 204 4.14 26.56 26.77
N SER E 205 4.67 26.26 25.60
CA SER E 205 4.74 24.87 25.15
C SER E 205 6.16 24.40 24.83
N MET E 206 7.15 25.29 24.94
CA MET E 206 8.52 24.93 24.61
C MET E 206 9.51 25.28 25.72
N ASN E 207 10.55 24.46 25.85
CA ASN E 207 11.68 24.76 26.71
C ASN E 207 12.99 24.43 25.99
N PHE E 208 13.80 25.45 25.76
CA PHE E 208 15.02 25.33 24.95
C PHE E 208 16.25 25.89 25.66
N ALA E 209 17.34 25.12 25.66
CA ALA E 209 18.61 25.62 26.21
C ALA E 209 19.85 24.99 25.56
N ARG E 210 20.86 25.82 25.37
CA ARG E 210 22.13 25.39 24.76
C ARG E 210 23.32 26.12 25.38
N SER E 211 24.49 25.54 25.18
CA SER E 211 25.77 26.15 25.54
C SER E 211 26.71 26.01 24.35
N PRO E 212 27.81 26.78 24.31
CA PRO E 212 28.69 26.64 23.15
C PRO E 212 29.36 25.27 23.11
N GLU E 213 29.40 24.68 21.92
CA GLU E 213 30.12 23.43 21.72
C GLU E 213 31.33 23.70 20.83
N ILE E 214 32.38 24.21 21.45
CA ILE E 214 33.59 24.64 20.75
C ILE E 214 34.42 23.46 20.22
N ALA E 215 34.80 23.52 18.95
CA ALA E 215 35.59 22.47 18.34
C ALA E 215 36.44 23.02 17.21
N ALA E 216 37.60 22.42 17.00
CA ALA E 216 38.46 22.81 15.87
C ALA E 216 37.87 22.20 14.61
N ARG E 217 37.47 23.05 13.67
CA ARG E 217 36.83 22.58 12.45
C ARG E 217 37.45 23.14 11.17
N PRO E 218 37.30 22.40 10.06
CA PRO E 218 37.76 22.82 8.72
C PRO E 218 37.03 24.06 8.22
N ALA E 219 37.66 24.79 7.32
CA ALA E 219 37.09 26.03 6.80
C ALA E 219 35.95 25.79 5.81
N VAL E 220 34.85 26.50 6.01
CA VAL E 220 33.72 26.50 5.08
C VAL E 220 33.30 27.94 4.84
N ASN E 221 33.38 28.37 3.58
CA ASN E 221 33.17 29.77 3.22
C ASN E 221 34.10 30.69 4.03
N GLY E 222 35.33 30.23 4.23
CA GLY E 222 36.33 30.97 4.97
C GLY E 222 36.04 31.12 6.45
N GLN E 223 35.15 30.28 6.96
CA GLN E 223 34.74 30.35 8.36
C GLN E 223 34.88 28.99 9.06
N ARG E 224 35.72 28.95 10.08
CA ARG E 224 35.92 27.74 10.86
C ARG E 224 34.99 27.71 12.08
N GLY E 225 34.21 28.78 12.25
CA GLY E 225 33.17 28.79 13.26
C GLY E 225 31.90 28.20 12.68
N ARG E 226 30.92 27.91 13.54
CA ARG E 226 29.64 27.35 13.11
C ARG E 226 28.47 28.00 13.82
N ILE E 227 27.30 27.92 13.21
CA ILE E 227 26.07 28.28 13.91
C ILE E 227 25.04 27.17 13.78
N ASP E 228 24.50 26.74 14.92
CA ASP E 228 23.39 25.81 14.89
C ASP E 228 22.09 26.59 14.73
N TYR E 229 21.42 26.41 13.60
CA TYR E 229 20.21 27.17 13.28
C TYR E 229 18.99 26.43 13.80
N PHE E 230 18.03 27.17 14.35
CA PHE E 230 16.82 26.56 14.92
C PHE E 230 15.54 27.30 14.50
N TRP E 231 14.44 26.57 14.40
CA TRP E 231 13.15 27.16 14.08
C TRP E 231 12.02 26.58 14.93
N SER E 232 10.95 27.34 15.08
CA SER E 232 9.78 26.86 15.80
C SER E 232 8.56 27.72 15.43
N ILE E 233 7.38 27.27 15.85
CA ILE E 233 6.15 28.01 15.60
C ILE E 233 5.59 28.59 16.88
N LEU E 234 5.40 29.91 16.92
CA LEU E 234 4.79 30.54 18.08
C LEU E 234 3.28 30.63 17.88
N LYS E 235 2.54 29.75 18.56
CA LYS E 235 1.10 29.63 18.42
C LYS E 235 0.39 30.91 18.88
N PRO E 236 -0.80 31.19 18.31
CA PRO E 236 -1.56 32.37 18.72
C PRO E 236 -1.98 32.30 20.19
N GLY E 237 -1.64 33.34 20.94
CA GLY E 237 -1.88 33.34 22.37
C GLY E 237 -0.60 33.12 23.15
N GLU E 238 0.31 32.34 22.58
CA GLU E 238 1.58 32.04 23.24
C GLU E 238 2.50 33.26 23.31
N THR E 239 3.59 33.12 24.06
CA THR E 239 4.50 34.22 24.31
C THR E 239 5.94 33.72 24.35
N LEU E 240 6.83 34.44 23.66
CA LEU E 240 8.24 34.03 23.63
C LEU E 240 9.09 34.81 24.61
N ASN E 241 9.78 34.10 25.49
CA ASN E 241 10.79 34.70 26.34
C ASN E 241 12.18 34.28 25.89
N VAL E 242 12.99 35.27 25.51
CA VAL E 242 14.36 35.01 25.10
C VAL E 242 15.31 35.38 26.24
N GLU E 243 16.19 34.46 26.60
CA GLU E 243 17.18 34.75 27.65
C GLU E 243 18.52 34.11 27.31
N SER E 244 19.57 34.92 27.33
CA SER E 244 20.91 34.45 26.97
C SER E 244 22.01 35.31 27.58
N ASN E 245 23.17 34.71 27.83
CA ASN E 245 24.32 35.45 28.31
C ASN E 245 25.49 35.35 27.35
N GLY E 246 25.27 34.73 26.20
CA GLY E 246 26.32 34.59 25.22
C GLY E 246 25.90 33.75 24.03
N ASN E 247 26.56 33.95 22.90
CA ASN E 247 26.46 33.02 21.76
C ASN E 247 25.07 33.00 21.13
N LEU E 248 24.29 34.05 21.37
CA LEU E 248 22.92 34.10 20.86
C LEU E 248 22.86 34.73 19.47
N ILE E 249 22.31 33.98 18.52
CA ILE E 249 21.87 34.55 17.26
C ILE E 249 20.38 34.76 17.37
N ALA E 250 19.97 36.00 17.61
CA ALA E 250 18.60 36.31 17.98
C ALA E 250 17.66 36.36 16.78
N PRO E 251 16.37 36.07 17.02
CA PRO E 251 15.35 36.37 16.02
C PRO E 251 15.32 37.86 15.76
N TRP E 252 15.03 38.28 14.53
CA TRP E 252 14.98 39.69 14.23
C TRP E 252 13.74 40.00 13.38
N TYR E 253 13.73 39.51 12.15
CA TYR E 253 12.50 39.48 11.36
C TYR E 253 11.93 38.06 11.32
N ALA E 254 10.61 37.96 11.32
CA ALA E 254 9.95 36.66 11.28
C ALA E 254 8.72 36.70 10.36
N TYR E 255 7.94 35.64 10.38
CA TYR E 255 6.80 35.51 9.47
C TYR E 255 5.52 35.07 10.17
N ARG E 256 4.44 35.82 9.97
CA ARG E 256 3.11 35.31 10.28
C ARG E 256 2.74 34.32 9.19
N PHE E 257 2.19 33.18 9.60
CA PHE E 257 2.05 32.04 8.71
C PHE E 257 0.60 31.58 8.59
N VAL E 258 0.18 31.23 7.38
CA VAL E 258 -1.17 30.73 7.16
C VAL E 258 -1.10 29.33 6.55
N ASN E 259 -1.79 28.39 7.19
CA ASN E 259 -1.82 27.01 6.74
C ASN E 259 -2.65 26.83 5.48
N LYS E 260 -2.17 26.00 4.56
CA LYS E 260 -2.92 25.76 3.33
C LYS E 260 -3.99 24.71 3.63
N ASP E 261 -5.20 25.01 3.19
CA ASP E 261 -6.36 24.16 3.43
C ASP E 261 -6.22 22.85 2.67
N SER E 262 -5.66 22.94 1.48
CA SER E 262 -5.41 21.79 0.62
C SER E 262 -3.95 21.34 0.59
N LYS E 263 -3.65 20.52 -0.40
CA LYS E 263 -2.31 19.97 -0.61
C LYS E 263 -1.40 21.01 -1.25
N GLY E 264 -0.17 21.13 -0.73
CA GLY E 264 0.82 21.99 -1.33
C GLY E 264 1.92 21.20 -2.00
N ALA E 265 2.82 21.88 -2.70
CA ALA E 265 3.88 21.20 -3.42
C ALA E 265 5.18 22.00 -3.47
N ILE E 266 6.30 21.28 -3.60
CA ILE E 266 7.59 21.90 -3.86
C ILE E 266 8.30 21.14 -4.97
N PHE E 267 8.46 21.78 -6.12
CA PHE E 267 9.05 21.14 -7.29
C PHE E 267 10.52 21.49 -7.48
N ARG E 268 11.30 20.49 -7.88
CA ARG E 268 12.71 20.68 -8.20
C ARG E 268 12.88 20.61 -9.72
N SER E 269 12.97 21.77 -10.37
CA SER E 269 12.94 21.81 -11.83
C SER E 269 13.62 23.03 -12.43
N ASN E 270 14.07 22.87 -13.68
CA ASN E 270 14.65 23.96 -14.45
C ASN E 270 13.62 24.64 -15.36
N LEU E 271 12.38 24.15 -15.33
CA LEU E 271 11.34 24.62 -16.25
C LEU E 271 10.95 26.07 -16.00
N PRO E 272 10.69 26.82 -17.08
CA PRO E 272 10.28 28.22 -16.98
C PRO E 272 8.87 28.40 -16.46
N ILE E 273 8.70 29.32 -15.50
CA ILE E 273 7.37 29.74 -15.11
C ILE E 273 6.91 30.74 -16.17
N GLU E 274 5.64 30.68 -16.55
CA GLU E 274 5.13 31.59 -17.57
C GLU E 274 3.77 32.16 -17.20
N ASN E 275 3.28 33.06 -18.04
CA ASN E 275 1.99 33.70 -17.85
C ASN E 275 0.86 32.86 -18.41
N CYS E 276 0.49 31.82 -17.66
CA CYS E 276 -0.54 30.88 -18.11
C CYS E 276 -1.33 30.30 -16.93
N ASP E 277 -2.46 29.67 -17.24
CA ASP E 277 -3.29 29.05 -16.22
C ASP E 277 -3.33 27.53 -16.40
N ALA E 278 -3.37 26.80 -15.28
CA ALA E 278 -3.43 25.34 -15.34
C ALA E 278 -4.34 24.73 -14.28
N THR E 279 -5.01 23.64 -14.63
CA THR E 279 -5.77 22.83 -13.68
C THR E 279 -4.84 21.73 -13.16
N CYS E 280 -3.87 21.34 -13.99
CA CYS E 280 -2.93 20.31 -13.63
C CYS E 280 -1.48 20.73 -13.88
N GLN E 281 -0.71 20.79 -12.80
CA GLN E 281 0.70 21.12 -12.88
C GLN E 281 1.54 20.02 -12.26
N THR E 282 2.35 19.35 -13.07
CA THR E 282 3.27 18.35 -12.56
C THR E 282 4.65 18.96 -12.44
N THR E 283 5.54 18.29 -11.74
CA THR E 283 6.92 18.77 -11.61
C THR E 283 7.61 18.69 -12.96
N GLU E 284 7.02 17.94 -13.88
CA GLU E 284 7.59 17.76 -15.21
C GLU E 284 6.93 18.68 -16.24
N GLY E 285 5.78 19.27 -15.89
CA GLY E 285 5.08 20.15 -16.81
C GLY E 285 3.57 20.21 -16.62
N VAL E 286 2.91 20.93 -17.54
CA VAL E 286 1.45 21.12 -17.49
C VAL E 286 0.72 20.05 -18.29
N ILE E 287 -0.41 19.57 -17.74
CA ILE E 287 -1.26 18.64 -18.47
C ILE E 287 -2.63 19.25 -18.79
N ARG E 288 -3.04 19.12 -20.04
CA ARG E 288 -4.35 19.55 -20.49
C ARG E 288 -5.03 18.39 -21.20
N THR E 289 -5.93 17.71 -20.51
CA THR E 289 -6.55 16.51 -21.06
C THR E 289 -7.83 16.12 -20.34
N ASN E 290 -8.62 15.26 -20.99
CA ASN E 290 -9.81 14.68 -20.41
C ASN E 290 -9.60 13.21 -20.08
N LYS E 291 -8.43 12.71 -20.41
CA LYS E 291 -8.15 11.29 -20.25
C LYS E 291 -7.99 10.93 -18.78
N THR E 292 -7.93 9.64 -18.49
CA THR E 292 -8.05 9.16 -17.12
C THR E 292 -6.68 8.86 -16.51
N PHE E 293 -5.68 8.63 -17.35
CA PHE E 293 -4.36 8.26 -16.87
C PHE E 293 -3.25 9.17 -17.43
N GLN E 294 -2.06 9.09 -16.84
CA GLN E 294 -0.94 9.92 -17.28
C GLN E 294 0.39 9.15 -17.30
N ASN E 295 1.38 9.71 -17.99
CA ASN E 295 2.73 9.15 -18.06
C ASN E 295 3.85 10.02 -17.50
N VAL E 296 3.54 11.29 -17.21
CA VAL E 296 4.59 12.29 -17.06
C VAL E 296 5.28 12.32 -15.69
N SER E 297 4.50 12.33 -14.60
CA SER E 297 5.09 12.47 -13.27
C SER E 297 4.16 12.02 -12.14
N PRO E 298 4.74 11.44 -11.09
CA PRO E 298 3.97 11.09 -9.88
C PRO E 298 3.72 12.31 -9.01
N LEU E 299 4.43 13.40 -9.31
CA LEU E 299 4.37 14.62 -8.51
C LEU E 299 3.58 15.72 -9.20
N TRP E 300 2.49 16.16 -8.57
CA TRP E 300 1.60 17.18 -9.13
C TRP E 300 0.84 17.92 -8.03
N ILE E 301 0.29 19.08 -8.36
CA ILE E 301 -0.39 19.91 -7.37
C ILE E 301 -1.89 20.13 -7.60
N GLY E 302 -2.30 20.23 -8.86
CA GLY E 302 -3.70 20.44 -9.18
C GLY E 302 -4.53 19.18 -9.00
N GLU E 303 -5.46 18.96 -9.93
CA GLU E 303 -6.25 17.75 -9.93
C GLU E 303 -5.94 17.04 -11.24
N CYS E 304 -5.09 16.02 -11.13
CA CYS E 304 -4.53 15.34 -12.28
C CYS E 304 -5.05 13.91 -12.44
N PRO E 305 -4.96 13.37 -13.67
CA PRO E 305 -5.26 11.95 -13.87
C PRO E 305 -4.25 11.03 -13.20
N LYS E 306 -4.69 9.81 -12.88
CA LYS E 306 -3.86 8.81 -12.21
C LYS E 306 -2.59 8.49 -12.98
N TYR E 307 -1.48 8.37 -12.26
CA TYR E 307 -0.18 8.07 -12.85
C TYR E 307 0.09 6.56 -12.92
N VAL E 308 0.40 6.07 -14.11
CA VAL E 308 0.76 4.67 -14.28
C VAL E 308 1.98 4.54 -15.18
N LYS E 309 2.51 3.32 -15.28
CA LYS E 309 3.74 3.07 -16.02
C LYS E 309 3.45 2.72 -17.48
N SER E 310 2.18 2.49 -17.78
CA SER E 310 1.73 2.05 -19.11
C SER E 310 2.15 3.02 -20.20
N LYS E 311 2.35 2.51 -21.42
CA LYS E 311 2.63 3.38 -22.55
C LYS E 311 1.33 3.72 -23.28
N SER E 312 0.37 2.80 -23.20
CA SER E 312 -0.92 2.97 -23.85
C SER E 312 -2.02 2.20 -23.13
N LEU E 313 -3.16 2.85 -22.97
CA LEU E 313 -4.33 2.21 -22.38
C LEU E 313 -5.54 2.47 -23.25
N ARG E 314 -5.74 1.64 -24.26
CA ARG E 314 -6.80 1.85 -25.24
C ARG E 314 -7.88 0.79 -25.15
N LEU E 315 -9.07 1.22 -24.74
CA LEU E 315 -10.24 0.35 -24.73
C LEU E 315 -10.90 0.28 -26.09
N ALA E 316 -11.30 -0.91 -26.50
CA ALA E 316 -12.12 -1.06 -27.69
C ALA E 316 -13.57 -0.74 -27.35
N THR E 317 -14.21 0.08 -28.18
CA THR E 317 -15.62 0.39 -27.99
C THR E 317 -16.41 -0.13 -29.18
N GLY E 318 -15.82 -0.03 -30.36
CA GLY E 318 -16.38 -0.62 -31.55
C GLY E 318 -16.14 -2.12 -31.57
N LEU E 319 -16.11 -2.69 -32.77
CA LEU E 319 -15.95 -4.13 -32.92
C LEU E 319 -14.79 -4.46 -33.84
N ARG E 320 -14.48 -5.76 -33.92
CA ARG E 320 -13.38 -6.26 -34.73
C ARG E 320 -13.54 -5.85 -36.19
N ASN E 321 -12.58 -5.11 -36.72
CA ASN E 321 -12.69 -4.55 -38.06
C ASN E 321 -12.31 -5.54 -39.16
N VAL E 322 -13.30 -6.01 -39.90
CA VAL E 322 -13.09 -7.06 -40.90
C VAL E 322 -13.64 -6.62 -42.26
N PRO E 323 -12.84 -5.86 -43.03
CA PRO E 323 -13.26 -5.43 -44.38
C PRO E 323 -13.31 -6.58 -45.38
N GLY F 1 -15.13 -16.96 -25.44
CA GLY F 1 -16.53 -16.57 -25.46
C GLY F 1 -16.97 -16.17 -26.85
N LEU F 2 -16.26 -16.66 -27.85
CA LEU F 2 -16.60 -16.41 -29.25
C LEU F 2 -17.99 -16.98 -29.54
N PHE F 3 -18.83 -16.18 -30.17
CA PHE F 3 -20.17 -16.65 -30.53
C PHE F 3 -20.23 -17.07 -32.00
N GLY F 4 -19.08 -17.00 -32.66
CA GLY F 4 -18.94 -17.56 -33.99
C GLY F 4 -19.59 -16.79 -35.13
N ALA F 5 -20.13 -15.61 -34.83
CA ALA F 5 -20.77 -14.81 -35.87
C ALA F 5 -19.79 -13.87 -36.56
N ILE F 6 -19.29 -12.87 -35.84
CA ILE F 6 -18.33 -11.94 -36.41
C ILE F 6 -17.03 -12.66 -36.72
N ALA F 7 -16.55 -12.51 -37.96
CA ALA F 7 -15.40 -13.24 -38.47
C ALA F 7 -15.61 -14.75 -38.34
N GLY F 8 -16.88 -15.16 -38.34
CA GLY F 8 -17.26 -16.55 -38.23
C GLY F 8 -18.03 -17.00 -39.45
N PHE F 9 -19.28 -17.42 -39.26
CA PHE F 9 -20.09 -17.85 -40.40
C PHE F 9 -20.51 -16.64 -41.21
N ILE F 10 -20.47 -15.46 -40.58
CA ILE F 10 -20.55 -14.21 -41.32
C ILE F 10 -19.12 -13.73 -41.50
N GLU F 11 -18.53 -14.08 -42.64
CA GLU F 11 -17.09 -13.97 -42.85
C GLU F 11 -16.55 -12.54 -42.79
N GLY F 12 -17.36 -11.56 -43.17
CA GLY F 12 -16.85 -10.21 -43.27
C GLY F 12 -17.83 -9.10 -42.92
N GLY F 13 -17.29 -7.89 -42.78
CA GLY F 13 -18.08 -6.73 -42.44
C GLY F 13 -18.55 -5.96 -43.65
N TRP F 14 -19.29 -4.90 -43.40
CA TRP F 14 -19.85 -4.07 -44.45
C TRP F 14 -19.37 -2.64 -44.32
N THR F 15 -18.46 -2.22 -45.19
CA THR F 15 -18.03 -0.84 -45.21
C THR F 15 -19.15 0.04 -45.79
N GLY F 16 -20.17 -0.62 -46.32
CA GLY F 16 -21.31 0.06 -46.91
C GLY F 16 -22.38 0.48 -45.92
N MET F 17 -22.31 -0.05 -44.70
CA MET F 17 -23.27 0.29 -43.67
C MET F 17 -22.64 1.25 -42.66
N ILE F 18 -23.08 2.51 -42.72
CA ILE F 18 -22.38 3.60 -42.04
C ILE F 18 -23.20 4.28 -40.95
N ASP F 19 -24.42 3.81 -40.73
CA ASP F 19 -25.28 4.40 -39.72
C ASP F 19 -25.51 3.49 -38.52
N GLY F 20 -24.68 2.47 -38.36
CA GLY F 20 -24.82 1.55 -37.25
C GLY F 20 -23.77 0.45 -37.20
N TRP F 21 -23.73 -0.26 -36.08
CA TRP F 21 -22.79 -1.37 -35.89
C TRP F 21 -23.35 -2.67 -36.42
N TYR F 22 -24.66 -2.84 -36.30
CA TYR F 22 -25.35 -4.08 -36.63
C TYR F 22 -26.41 -3.78 -37.69
N GLY F 23 -26.59 -4.65 -38.67
CA GLY F 23 -27.57 -4.35 -39.69
C GLY F 23 -27.94 -5.35 -40.75
N TYR F 24 -28.51 -4.81 -41.83
CA TYR F 24 -29.18 -5.59 -42.85
C TYR F 24 -28.70 -5.26 -44.25
N HIS F 25 -28.79 -6.24 -45.14
CA HIS F 25 -28.65 -6.01 -46.57
C HIS F 25 -29.75 -6.81 -47.25
N HIS F 26 -30.48 -6.18 -48.17
CA HIS F 26 -31.59 -6.88 -48.82
C HIS F 26 -31.50 -6.78 -50.33
N GLU F 27 -32.23 -7.66 -51.02
CA GLU F 27 -32.31 -7.63 -52.47
C GLU F 27 -33.71 -8.01 -52.92
N ASN F 28 -34.32 -7.12 -53.70
CA ASN F 28 -35.62 -7.41 -54.31
C ASN F 28 -35.68 -6.80 -55.70
N SER F 29 -36.85 -6.90 -56.35
CA SER F 29 -37.04 -6.31 -57.67
C SER F 29 -37.02 -4.79 -57.59
N GLN F 30 -37.13 -4.28 -56.36
CA GLN F 30 -37.20 -2.85 -56.13
C GLN F 30 -35.81 -2.27 -55.89
N GLY F 31 -34.87 -3.15 -55.55
CA GLY F 31 -33.48 -2.75 -55.48
C GLY F 31 -32.73 -3.46 -54.36
N SER F 32 -31.67 -2.81 -53.89
CA SER F 32 -30.86 -3.32 -52.81
C SER F 32 -30.43 -2.15 -51.94
N GLY F 33 -30.01 -2.44 -50.72
CA GLY F 33 -29.50 -1.39 -49.86
C GLY F 33 -29.10 -1.86 -48.48
N TYR F 34 -28.29 -1.06 -47.81
CA TYR F 34 -27.88 -1.33 -46.45
C TYR F 34 -28.78 -0.57 -45.49
N ALA F 35 -29.01 -1.14 -44.32
CA ALA F 35 -29.79 -0.47 -43.29
C ALA F 35 -29.40 -1.00 -41.92
N ALA F 36 -29.00 -0.10 -41.04
CA ALA F 36 -28.61 -0.50 -39.70
C ALA F 36 -29.85 -0.85 -38.89
N ASP F 37 -29.68 -1.74 -37.92
CA ASP F 37 -30.75 -2.03 -36.99
C ASP F 37 -30.59 -1.07 -35.83
N LYS F 38 -31.38 -0.01 -35.85
CA LYS F 38 -31.20 1.10 -34.93
C LYS F 38 -31.42 0.72 -33.47
N GLU F 39 -32.29 -0.25 -33.23
CA GLU F 39 -32.54 -0.73 -31.87
C GLU F 39 -31.31 -1.36 -31.23
N SER F 40 -30.92 -2.53 -31.74
CA SER F 40 -29.83 -3.30 -31.15
C SER F 40 -28.50 -2.55 -31.19
N THR F 41 -28.33 -1.69 -32.19
CA THR F 41 -27.15 -0.86 -32.27
C THR F 41 -27.14 0.12 -31.11
N GLN F 42 -28.29 0.71 -30.85
CA GLN F 42 -28.42 1.71 -29.80
C GLN F 42 -28.24 1.08 -28.41
N LYS F 43 -28.79 -0.12 -28.23
CA LYS F 43 -28.65 -0.81 -26.94
C LYS F 43 -27.19 -1.13 -26.66
N ALA F 44 -26.46 -1.47 -27.70
CA ALA F 44 -25.05 -1.76 -27.57
C ALA F 44 -24.27 -0.49 -27.24
N ILE F 45 -24.66 0.61 -27.89
CA ILE F 45 -24.00 1.89 -27.67
C ILE F 45 -24.17 2.39 -26.24
N ASP F 46 -25.40 2.28 -25.75
CA ASP F 46 -25.70 2.69 -24.37
C ASP F 46 -24.92 1.83 -23.39
N GLY F 47 -24.81 0.54 -23.68
CA GLY F 47 -24.08 -0.38 -22.84
C GLY F 47 -22.58 -0.10 -22.83
N ILE F 48 -22.00 0.09 -24.01
CA ILE F 48 -20.56 0.32 -24.11
C ILE F 48 -20.19 1.69 -23.54
N THR F 49 -21.04 2.68 -23.77
CA THR F 49 -20.86 4.00 -23.19
C THR F 49 -20.85 3.87 -21.66
N ASN F 50 -21.75 3.04 -21.15
CA ASN F 50 -21.83 2.81 -19.71
C ASN F 50 -20.57 2.12 -19.18
N LYS F 51 -20.08 1.14 -19.92
CA LYS F 51 -18.87 0.41 -19.52
C LYS F 51 -17.68 1.34 -19.38
N VAL F 52 -17.51 2.24 -20.34
CA VAL F 52 -16.36 3.13 -20.33
C VAL F 52 -16.50 4.16 -19.22
N ASN F 53 -17.72 4.65 -19.03
CA ASN F 53 -17.98 5.63 -17.99
C ASN F 53 -17.84 5.04 -16.58
N SER F 54 -18.28 3.80 -16.41
CA SER F 54 -18.15 3.11 -15.13
C SER F 54 -16.67 2.94 -14.77
N ILE F 55 -15.86 2.55 -15.75
CA ILE F 55 -14.44 2.37 -15.53
C ILE F 55 -13.75 3.68 -15.20
N ILE F 56 -14.05 4.72 -15.95
CA ILE F 56 -13.51 6.06 -15.70
C ILE F 56 -13.88 6.52 -14.29
N ASP F 57 -15.10 6.20 -13.88
CA ASP F 57 -15.60 6.62 -12.58
C ASP F 57 -14.90 5.92 -11.42
N LYS F 58 -14.51 4.67 -11.62
CA LYS F 58 -13.86 3.90 -10.57
C LYS F 58 -12.36 4.18 -10.53
N MET F 59 -11.85 4.77 -11.60
CA MET F 59 -10.45 5.16 -11.66
C MET F 59 -10.26 6.60 -11.22
N ASN F 60 -11.31 7.20 -10.69
CA ASN F 60 -11.32 8.63 -10.39
C ASN F 60 -10.31 9.01 -9.32
N THR F 61 -10.25 8.24 -8.23
CA THR F 61 -9.31 8.52 -7.15
C THR F 61 -7.89 8.31 -7.62
N GLN F 62 -6.94 8.92 -6.92
CA GLN F 62 -5.52 8.76 -7.24
C GLN F 62 -4.68 8.58 -5.99
N PHE F 63 -3.66 7.72 -6.08
CA PHE F 63 -2.59 7.77 -5.10
C PHE F 63 -1.72 8.95 -5.49
N GLU F 64 -1.46 9.84 -4.55
CA GLU F 64 -0.70 11.04 -4.87
C GLU F 64 0.53 11.13 -3.96
N ALA F 65 1.67 10.83 -4.57
CA ALA F 65 2.97 10.89 -3.90
C ALA F 65 3.37 12.33 -3.58
N VAL F 66 4.35 12.47 -2.69
CA VAL F 66 4.80 13.80 -2.26
C VAL F 66 6.30 13.97 -2.43
N GLY F 67 6.77 15.19 -2.26
CA GLY F 67 8.18 15.50 -2.43
C GLY F 67 8.90 15.82 -1.14
N HIS F 68 8.45 15.23 -0.04
CA HIS F 68 9.13 15.39 1.25
C HIS F 68 10.56 14.86 1.19
N GLU F 69 11.44 15.45 1.99
CA GLU F 69 12.86 15.07 1.96
C GLU F 69 13.29 14.37 3.25
N PHE F 70 14.39 13.64 3.16
CA PHE F 70 14.89 12.84 4.28
C PHE F 70 16.39 12.99 4.45
N SER F 71 16.85 12.99 5.70
CA SER F 71 18.27 13.06 5.97
C SER F 71 18.87 11.68 5.75
N ASN F 72 20.20 11.59 5.80
CA ASN F 72 20.86 10.30 5.65
C ASN F 72 20.80 9.47 6.93
N LEU F 73 20.23 10.05 7.99
CA LEU F 73 19.98 9.30 9.22
C LEU F 73 18.50 8.95 9.27
N GLU F 74 17.82 9.12 8.14
CA GLU F 74 16.42 8.76 7.99
C GLU F 74 16.28 7.84 6.78
N ARG F 75 17.35 7.11 6.51
CA ARG F 75 17.42 6.17 5.40
C ARG F 75 16.26 5.19 5.38
N ARG F 76 15.86 4.70 6.55
CA ARG F 76 14.85 3.66 6.66
C ARG F 76 13.46 4.16 6.25
N ILE F 77 13.02 5.28 6.81
CA ILE F 77 11.70 5.81 6.47
C ILE F 77 11.68 6.36 5.04
N ASP F 78 12.85 6.79 4.56
CA ASP F 78 12.99 7.22 3.19
C ASP F 78 12.73 6.02 2.28
N ASN F 79 13.35 4.90 2.63
CA ASN F 79 13.19 3.65 1.90
C ASN F 79 11.75 3.15 2.06
N LEU F 80 11.16 3.45 3.21
CA LEU F 80 9.80 3.04 3.49
C LEU F 80 8.83 3.78 2.58
N ASN F 81 9.02 5.10 2.48
CA ASN F 81 8.24 5.92 1.56
C ASN F 81 8.33 5.45 0.11
N LYS F 82 9.56 5.18 -0.33
CA LYS F 82 9.82 4.77 -1.70
C LYS F 82 9.10 3.47 -2.03
N ARG F 83 9.22 2.48 -1.14
CA ARG F 83 8.60 1.19 -1.37
C ARG F 83 7.08 1.27 -1.33
N MET F 84 6.54 2.28 -0.65
CA MET F 84 5.11 2.49 -0.61
C MET F 84 4.57 3.11 -1.90
N GLU F 85 5.20 4.21 -2.31
CA GLU F 85 4.77 4.93 -3.50
C GLU F 85 4.93 4.07 -4.75
N ASP F 86 6.04 3.34 -4.84
CA ASP F 86 6.26 2.41 -5.93
C ASP F 86 5.29 1.24 -5.78
N GLY F 87 4.96 0.95 -4.52
CA GLY F 87 4.05 -0.14 -4.21
C GLY F 87 2.69 0.07 -4.85
N PHE F 88 2.07 1.21 -4.59
CA PHE F 88 0.76 1.51 -5.15
C PHE F 88 0.83 1.77 -6.63
N LEU F 89 1.99 2.25 -7.10
CA LEU F 89 2.17 2.49 -8.53
C LEU F 89 2.08 1.18 -9.31
N ASP F 90 2.75 0.15 -8.80
CA ASP F 90 2.67 -1.17 -9.40
C ASP F 90 1.25 -1.74 -9.31
N VAL F 91 0.53 -1.36 -8.26
CA VAL F 91 -0.81 -1.88 -8.03
C VAL F 91 -1.82 -1.34 -9.04
N TRP F 92 -1.78 -0.03 -9.31
CA TRP F 92 -2.72 0.54 -10.25
C TRP F 92 -2.36 0.20 -11.68
N THR F 93 -1.06 0.08 -11.95
CA THR F 93 -0.59 -0.37 -13.26
C THR F 93 -1.15 -1.76 -13.57
N TYR F 94 -1.08 -2.66 -12.60
CA TYR F 94 -1.66 -3.98 -12.74
C TYR F 94 -3.15 -3.84 -13.00
N ASN F 95 -3.82 -3.06 -12.15
CA ASN F 95 -5.25 -2.86 -12.28
C ASN F 95 -5.63 -2.23 -13.60
N ALA F 96 -4.81 -1.28 -14.07
CA ALA F 96 -5.12 -0.59 -15.30
C ALA F 96 -4.85 -1.45 -16.52
N GLU F 97 -3.66 -2.04 -16.59
CA GLU F 97 -3.29 -2.82 -17.77
C GLU F 97 -4.09 -4.11 -17.92
N LEU F 98 -4.36 -4.79 -16.81
CA LEU F 98 -5.05 -6.07 -16.89
C LEU F 98 -6.51 -5.88 -17.24
N LEU F 99 -7.07 -4.77 -16.77
CA LEU F 99 -8.49 -4.47 -17.01
C LEU F 99 -8.73 -4.19 -18.50
N VAL F 100 -7.77 -3.53 -19.14
CA VAL F 100 -7.88 -3.23 -20.56
C VAL F 100 -7.91 -4.51 -21.38
N LEU F 101 -7.01 -5.45 -21.09
CA LEU F 101 -6.98 -6.73 -21.78
C LEU F 101 -8.25 -7.55 -21.60
N LEU F 102 -8.68 -7.71 -20.35
CA LEU F 102 -9.79 -8.59 -20.05
C LEU F 102 -11.14 -8.11 -20.60
N GLU F 103 -11.39 -6.80 -20.51
CA GLU F 103 -12.68 -6.27 -20.94
C GLU F 103 -12.75 -5.94 -22.42
N ASN F 104 -11.60 -5.74 -23.06
CA ASN F 104 -11.59 -5.62 -24.52
C ASN F 104 -12.06 -6.94 -25.11
N GLU F 105 -11.60 -8.05 -24.55
CA GLU F 105 -12.08 -9.37 -24.94
C GLU F 105 -13.60 -9.42 -24.79
N ARG F 106 -14.07 -8.98 -23.63
CA ARG F 106 -15.50 -8.93 -23.34
C ARG F 106 -16.28 -8.04 -24.32
N THR F 107 -15.74 -6.86 -24.60
CA THR F 107 -16.42 -5.91 -25.48
C THR F 107 -16.60 -6.50 -26.87
N LEU F 108 -15.54 -7.12 -27.41
CA LEU F 108 -15.61 -7.72 -28.74
C LEU F 108 -16.51 -8.95 -28.74
N ASP F 109 -16.44 -9.76 -27.70
CA ASP F 109 -17.32 -10.92 -27.59
C ASP F 109 -18.77 -10.47 -27.53
N LEU F 110 -19.01 -9.30 -26.94
CA LEU F 110 -20.38 -8.76 -26.85
C LEU F 110 -20.99 -8.46 -28.22
N HIS F 111 -20.23 -7.77 -29.06
CA HIS F 111 -20.69 -7.45 -30.42
C HIS F 111 -20.99 -8.72 -31.19
N ASP F 112 -20.11 -9.71 -31.03
CA ASP F 112 -20.27 -11.01 -31.67
C ASP F 112 -21.62 -11.60 -31.26
N ALA F 113 -21.97 -11.46 -29.99
CA ALA F 113 -23.24 -11.95 -29.48
C ALA F 113 -24.43 -11.20 -30.07
N ASN F 114 -24.27 -9.88 -30.21
CA ASN F 114 -25.35 -9.05 -30.75
C ASN F 114 -25.67 -9.39 -32.19
N VAL F 115 -24.63 -9.63 -32.99
CA VAL F 115 -24.81 -10.06 -34.37
C VAL F 115 -25.48 -11.42 -34.44
N LYS F 116 -24.97 -12.37 -33.64
CA LYS F 116 -25.57 -13.70 -33.57
C LYS F 116 -27.05 -13.67 -33.19
N ASN F 117 -27.39 -12.88 -32.19
CA ASN F 117 -28.77 -12.80 -31.72
C ASN F 117 -29.71 -12.16 -32.73
N LEU F 118 -29.21 -11.13 -33.41
CA LEU F 118 -30.00 -10.43 -34.41
C LEU F 118 -30.30 -11.38 -35.57
N HIS F 119 -29.29 -12.16 -35.94
CA HIS F 119 -29.42 -13.20 -36.96
C HIS F 119 -30.45 -14.24 -36.54
N GLU F 120 -30.43 -14.61 -35.26
CA GLU F 120 -31.40 -15.56 -34.72
C GLU F 120 -32.82 -15.00 -34.79
N LYS F 121 -32.94 -13.71 -34.50
CA LYS F 121 -34.23 -13.03 -34.51
C LYS F 121 -34.87 -13.10 -35.88
N VAL F 122 -34.03 -13.07 -36.92
CA VAL F 122 -34.51 -13.16 -38.28
C VAL F 122 -34.86 -14.59 -38.68
N ARG F 123 -33.96 -15.54 -38.37
CA ARG F 123 -34.18 -16.94 -38.71
C ARG F 123 -35.46 -17.49 -38.06
N SER F 124 -35.69 -17.12 -36.81
CA SER F 124 -36.85 -17.60 -36.06
C SER F 124 -38.16 -17.19 -36.72
N GLN F 125 -38.14 -16.05 -37.40
CA GLN F 125 -39.34 -15.56 -38.07
C GLN F 125 -39.56 -16.24 -39.41
N LEU F 126 -38.54 -16.20 -40.27
CA LEU F 126 -38.67 -16.68 -41.63
C LEU F 126 -38.93 -18.18 -41.70
N ARG F 127 -38.25 -18.93 -40.83
CA ARG F 127 -38.39 -20.39 -40.77
C ARG F 127 -38.18 -21.03 -42.14
N ASP F 128 -39.16 -21.80 -42.61
CA ASP F 128 -39.03 -22.48 -43.89
C ASP F 128 -39.61 -21.69 -45.06
N ASN F 129 -39.96 -20.43 -44.84
CA ASN F 129 -40.32 -19.56 -45.95
C ASN F 129 -39.08 -19.03 -46.65
N ALA F 130 -37.93 -19.26 -46.03
CA ALA F 130 -36.67 -18.81 -46.58
C ALA F 130 -35.60 -19.90 -46.51
N ASN F 131 -34.59 -19.78 -47.37
CA ASN F 131 -33.48 -20.72 -47.39
C ASN F 131 -32.26 -20.15 -46.67
N ASP F 132 -31.84 -20.84 -45.60
CA ASP F 132 -30.69 -20.40 -44.82
C ASP F 132 -29.40 -20.79 -45.52
N LEU F 133 -28.73 -19.80 -46.13
CA LEU F 133 -27.52 -20.04 -46.90
C LEU F 133 -26.31 -20.32 -46.01
N GLY F 134 -26.48 -20.19 -44.70
CA GLY F 134 -25.42 -20.50 -43.76
C GLY F 134 -24.42 -19.39 -43.54
N ASN F 135 -24.50 -18.34 -44.33
CA ASN F 135 -23.56 -17.22 -44.23
C ASN F 135 -24.22 -15.95 -43.72
N GLY F 136 -25.39 -16.08 -43.09
CA GLY F 136 -26.09 -14.93 -42.56
C GLY F 136 -27.13 -14.36 -43.50
N CYS F 137 -27.24 -14.99 -44.68
CA CYS F 137 -28.22 -14.55 -45.67
C CYS F 137 -29.37 -15.52 -45.78
N PHE F 138 -30.53 -15.00 -46.19
CA PHE F 138 -31.71 -15.83 -46.41
C PHE F 138 -32.28 -15.55 -47.79
N GLU F 139 -32.57 -16.61 -48.55
CA GLU F 139 -33.25 -16.45 -49.82
C GLU F 139 -34.72 -16.80 -49.64
N PHE F 140 -35.59 -15.85 -49.97
CA PHE F 140 -37.02 -16.04 -49.77
C PHE F 140 -37.61 -16.99 -50.80
N TRP F 141 -38.44 -17.93 -50.35
CA TRP F 141 -39.19 -18.79 -51.25
C TRP F 141 -40.41 -18.08 -51.80
N HIS F 142 -40.46 -16.76 -51.63
CA HIS F 142 -41.54 -15.95 -52.20
C HIS F 142 -41.01 -14.58 -52.57
N LYS F 143 -41.89 -13.72 -53.09
CA LYS F 143 -41.49 -12.38 -53.48
C LYS F 143 -41.58 -11.44 -52.30
N CYS F 144 -40.47 -10.77 -52.00
CA CYS F 144 -40.41 -9.94 -50.80
C CYS F 144 -40.06 -8.49 -51.13
N ASN F 145 -41.10 -7.66 -51.25
CA ASN F 145 -40.94 -6.25 -51.57
C ASN F 145 -40.41 -5.45 -50.39
N ASN F 146 -40.36 -4.13 -50.53
CA ASN F 146 -39.88 -3.26 -49.44
C ASN F 146 -40.71 -3.40 -48.17
N GLU F 147 -42.03 -3.52 -48.33
CA GLU F 147 -42.92 -3.70 -47.17
C GLU F 147 -42.64 -5.03 -46.49
N CYS F 148 -42.39 -6.06 -47.29
CA CYS F 148 -41.98 -7.36 -46.77
C CYS F 148 -40.67 -7.27 -46.01
N MET F 149 -39.68 -6.67 -46.64
CA MET F 149 -38.36 -6.50 -46.04
C MET F 149 -38.41 -5.79 -44.69
N GLU F 150 -39.21 -4.73 -44.61
CA GLU F 150 -39.32 -3.94 -43.39
C GLU F 150 -39.89 -4.77 -42.23
N SER F 151 -40.93 -5.56 -42.51
CA SER F 151 -41.55 -6.39 -41.49
C SER F 151 -40.51 -7.34 -40.89
N VAL F 152 -39.58 -7.80 -41.72
CA VAL F 152 -38.48 -8.62 -41.24
C VAL F 152 -37.61 -7.75 -40.33
N LYS F 153 -37.28 -6.55 -40.81
CA LYS F 153 -36.44 -5.62 -40.05
C LYS F 153 -37.15 -5.05 -38.82
N ASN F 154 -38.42 -4.67 -38.94
CA ASN F 154 -39.15 -4.13 -37.78
C ASN F 154 -39.53 -5.24 -36.79
N GLY F 155 -39.32 -6.49 -37.18
CA GLY F 155 -39.65 -7.59 -36.31
C GLY F 155 -41.11 -7.98 -36.40
N THR F 156 -41.76 -7.62 -37.51
CA THR F 156 -43.19 -7.89 -37.67
C THR F 156 -43.50 -8.72 -38.92
N TYR F 157 -42.59 -9.63 -39.29
CA TYR F 157 -42.80 -10.49 -40.45
C TYR F 157 -44.02 -11.40 -40.30
N ASP F 158 -44.82 -11.48 -41.35
CA ASP F 158 -46.06 -12.25 -41.33
C ASP F 158 -45.85 -13.61 -41.99
N TYR F 159 -45.53 -14.62 -41.19
CA TYR F 159 -45.22 -15.96 -41.71
C TYR F 159 -46.36 -16.65 -42.48
N PRO F 160 -47.57 -16.75 -41.89
CA PRO F 160 -48.60 -17.50 -42.63
C PRO F 160 -49.09 -16.78 -43.89
N LYS F 161 -48.87 -15.48 -43.98
CA LYS F 161 -49.25 -14.71 -45.16
C LYS F 161 -48.55 -15.23 -46.41
N TYR F 162 -47.29 -15.65 -46.23
CA TYR F 162 -46.47 -16.04 -47.36
C TYR F 162 -46.22 -17.56 -47.38
N GLN F 163 -46.85 -18.27 -46.47
CA GLN F 163 -46.66 -19.71 -46.35
C GLN F 163 -47.04 -20.46 -47.64
N LYS F 164 -48.21 -20.13 -48.19
CA LYS F 164 -48.70 -20.79 -49.38
C LYS F 164 -47.77 -20.62 -50.58
N GLU F 165 -47.45 -19.36 -50.88
CA GLU F 165 -46.59 -19.03 -52.01
C GLU F 165 -45.23 -19.71 -51.89
N SER F 166 -44.70 -19.74 -50.68
CA SER F 166 -43.37 -20.29 -50.43
C SER F 166 -43.30 -21.79 -50.66
N ARG F 167 -44.24 -22.51 -50.07
CA ARG F 167 -44.25 -23.98 -50.11
C ARG F 167 -44.32 -24.55 -51.53
N LEU F 168 -44.97 -23.84 -52.45
CA LEU F 168 -45.07 -24.29 -53.84
C LEU F 168 -43.70 -24.39 -54.50
N ASN F 169 -42.75 -23.61 -54.01
CA ASN F 169 -41.39 -23.63 -54.53
C ASN F 169 -40.51 -24.65 -53.80
#